data_5AQJ
#
_entry.id   5AQJ
#
_cell.length_a   233.982
_cell.length_b   40.937
_cell.length_c   206.081
_cell.angle_alpha   90.00
_cell.angle_beta   123.32
_cell.angle_gamma   90.00
#
_symmetry.space_group_name_H-M   'C 1 2 1'
#
loop_
_entity.id
_entity.type
_entity.pdbx_description
1 polymer 'HEAT SHOCK COGNATE 71 KDA PROTEIN'
2 polymer 'BAG FAMILY MOLECULAR CHAPERONE REGULATOR 1'
3 non-polymer 'CHLORIDE ION'
4 non-polymer 9H-purine-6,8-diamine
5 non-polymer GLYCEROL
6 non-polymer 'DIMETHYL SULFOXIDE'
7 non-polymer 2-AMINO-2-HYDROXYMETHYL-PROPANE-1,3-DIOL
8 water water
#
loop_
_entity_poly.entity_id
_entity_poly.type
_entity_poly.pdbx_seq_one_letter_code
_entity_poly.pdbx_strand_id
1 'polypeptide(L)'
;GPLGSMSKGPAVGIDLGTTYSCVGVFQHGKVEIIANDQGNRTTPSYVAFTDTERLIGDAAKNQVAMNPTNTVFDAKRLIG
RRFDDAVVQSDMKHWPFMVVNDAGRPKVQVEYKGETKSFYPEEVSSMVLTKMKEIAEAYLGKTVTNAVVTVPAYFNDSQR
QATKDAGTIAGLNVLRIINEPTAAAIAYGLDKKVGAERNVLIFDLGGGTFDVSILTIEDGIFEVKSTAGDTHLGGEDFDN
RMVNHFIAEFKRKHKKDISENKRAVRRLRTACERAKRTLSSSTQASIEIDSLYEGIDFYTSITRARFEELNADLFRGTLD
PVEKALRDAKLDKSQIHDIVLVGGSTRIPKIQKLLQDFFNGKELNKSINPDEAVAYGAAVQAAILS
;
A,C,E
2 'polypeptide(L)'
;GPLGSNSPQEEVELKKLKHLEKSVEKIADQLEELNKELTGIQQGFLPKDLQAEALCKLDRRVKATIEQFMKILEEIDTLI
LPENFKDSRLKRKGLVKKVQAFLAECDTVEQNICQETE
;
B,D,F
#
loop_
_chem_comp.id
_chem_comp.type
_chem_comp.name
_chem_comp.formula
CL non-polymer 'CHLORIDE ION' 'Cl -1'
DMS non-polymer 'DIMETHYL SULFOXIDE' 'C2 H6 O S'
GOL non-polymer GLYCEROL 'C3 H8 O3'
Q88 non-polymer 9H-purine-6,8-diamine 'C5 H6 N6'
TRS non-polymer 2-AMINO-2-HYDROXYMETHYL-PROPANE-1,3-DIOL 'C4 H12 N O3 1'
#
# COMPACT_ATOMS: atom_id res chain seq x y z
N MET A 6 13.82 -27.51 -38.37
CA MET A 6 15.17 -27.06 -38.71
C MET A 6 16.06 -28.21 -39.17
N SER A 7 16.94 -27.94 -40.16
CA SER A 7 17.95 -28.87 -40.68
C SER A 7 19.04 -29.08 -39.61
N LYS A 8 19.86 -30.14 -39.72
CA LYS A 8 20.93 -30.40 -38.76
C LYS A 8 22.12 -29.47 -38.98
N GLY A 9 22.58 -28.83 -37.91
CA GLY A 9 23.67 -27.89 -37.96
C GLY A 9 25.04 -28.45 -37.63
N PRO A 10 26.08 -27.58 -37.72
CA PRO A 10 27.44 -28.04 -37.42
C PRO A 10 27.73 -28.17 -35.92
N ALA A 11 28.97 -28.57 -35.59
CA ALA A 11 29.44 -28.69 -34.22
C ALA A 11 29.95 -27.34 -33.74
N VAL A 12 29.74 -27.02 -32.46
CA VAL A 12 30.13 -25.74 -31.89
C VAL A 12 31.20 -25.88 -30.80
N GLY A 13 31.87 -24.77 -30.51
CA GLY A 13 32.84 -24.67 -29.43
C GLY A 13 32.27 -23.83 -28.32
N ILE A 14 32.27 -24.35 -27.10
CA ILE A 14 31.72 -23.61 -25.99
C ILE A 14 32.72 -23.43 -24.85
N ASP A 15 32.91 -22.19 -24.46
CA ASP A 15 33.78 -21.88 -23.36
C ASP A 15 32.80 -21.70 -22.22
N LEU A 16 32.78 -22.67 -21.33
CA LEU A 16 31.88 -22.59 -20.19
C LEU A 16 32.72 -21.93 -19.12
N GLY A 17 32.51 -20.63 -18.95
CA GLY A 17 33.29 -19.85 -18.00
C GLY A 17 32.64 -19.67 -16.64
N THR A 18 33.43 -19.22 -15.67
CA THR A 18 33.01 -18.96 -14.30
C THR A 18 31.95 -17.85 -14.26
N THR A 19 32.24 -16.72 -14.93
CA THR A 19 31.35 -15.56 -14.93
C THR A 19 30.61 -15.41 -16.25
N TYR A 20 31.26 -15.75 -17.37
CA TYR A 20 30.69 -15.65 -18.71
C TYR A 20 30.94 -16.88 -19.50
N SER A 21 30.12 -17.11 -20.52
CA SER A 21 30.23 -18.22 -21.44
C SER A 21 30.24 -17.67 -22.85
N CYS A 22 30.81 -18.43 -23.77
CA CYS A 22 30.99 -17.98 -25.14
C CYS A 22 30.82 -19.16 -26.08
N VAL A 23 30.15 -18.94 -27.21
CA VAL A 23 29.94 -20.01 -28.19
C VAL A 23 30.39 -19.55 -29.58
N GLY A 24 31.19 -20.40 -30.22
CA GLY A 24 31.72 -20.17 -31.55
C GLY A 24 31.40 -21.29 -32.52
N VAL A 25 31.45 -20.96 -33.80
CA VAL A 25 31.21 -21.93 -34.89
C VAL A 25 32.21 -21.72 -36.02
N PHE A 26 32.86 -22.80 -36.48
CA PHE A 26 33.77 -22.71 -37.62
C PHE A 26 32.91 -22.89 -38.88
N GLN A 27 32.82 -21.82 -39.68
CA GLN A 27 32.05 -21.78 -40.93
C GLN A 27 32.76 -20.92 -41.95
N HIS A 28 32.76 -21.37 -43.21
CA HIS A 28 33.40 -20.64 -44.32
C HIS A 28 34.87 -20.33 -44.11
N GLY A 29 35.61 -21.35 -43.66
CA GLY A 29 37.03 -21.24 -43.35
C GLY A 29 37.44 -20.31 -42.23
N LYS A 30 36.49 -19.89 -41.36
CA LYS A 30 36.78 -19.00 -40.23
C LYS A 30 35.88 -19.26 -39.05
N VAL A 31 36.31 -18.85 -37.84
CA VAL A 31 35.49 -18.98 -36.64
C VAL A 31 34.61 -17.74 -36.47
N GLU A 32 33.34 -17.95 -36.21
CA GLU A 32 32.45 -16.85 -35.97
C GLU A 32 31.96 -16.99 -34.55
N ILE A 33 32.15 -15.95 -33.75
CA ILE A 33 31.69 -15.98 -32.38
C ILE A 33 30.25 -15.51 -32.45
N ILE A 34 29.35 -16.29 -31.88
CA ILE A 34 27.93 -15.99 -31.93
C ILE A 34 27.37 -15.07 -30.85
N ALA A 35 26.70 -14.01 -31.31
CA ALA A 35 26.04 -13.04 -30.42
C ALA A 35 24.75 -13.66 -29.88
N ASN A 36 24.43 -13.36 -28.63
CA ASN A 36 23.20 -13.82 -27.95
C ASN A 36 21.99 -12.94 -28.31
N ASP A 37 20.80 -13.33 -27.86
CA ASP A 37 19.55 -12.59 -28.17
C ASP A 37 19.65 -11.08 -27.89
N GLN A 38 20.53 -10.68 -26.94
CA GLN A 38 20.76 -9.26 -26.59
C GLN A 38 21.96 -8.65 -27.38
N GLY A 39 22.49 -9.42 -28.34
CA GLY A 39 23.60 -8.99 -29.21
C GLY A 39 24.96 -9.07 -28.56
N ASN A 40 25.07 -9.79 -27.43
CA ASN A 40 26.31 -9.95 -26.68
C ASN A 40 27.06 -11.20 -27.09
N ARG A 41 28.35 -11.05 -27.39
CA ARG A 41 29.24 -12.13 -27.81
C ARG A 41 29.64 -13.06 -26.64
N THR A 42 29.37 -12.64 -25.40
CA THR A 42 29.53 -13.47 -24.20
C THR A 42 28.22 -13.43 -23.43
N THR A 43 27.88 -14.53 -22.73
CA THR A 43 26.66 -14.65 -21.95
C THR A 43 26.98 -14.90 -20.48
N PRO A 44 26.41 -14.13 -19.52
CA PRO A 44 26.69 -14.42 -18.10
C PRO A 44 26.32 -15.86 -17.70
N SER A 45 27.19 -16.54 -16.94
CA SER A 45 26.96 -17.92 -16.46
C SER A 45 26.06 -17.83 -15.20
N TYR A 46 24.88 -17.22 -15.39
CA TYR A 46 23.90 -16.91 -14.34
C TYR A 46 22.59 -17.60 -14.61
N VAL A 47 21.98 -18.15 -13.54
CA VAL A 47 20.66 -18.75 -13.61
C VAL A 47 19.85 -18.16 -12.47
N ALA A 48 18.68 -17.58 -12.76
CA ALA A 48 17.82 -16.98 -11.75
C ALA A 48 16.49 -17.74 -11.68
N PHE A 49 15.96 -17.86 -10.48
CA PHE A 49 14.69 -18.53 -10.22
C PHE A 49 13.76 -17.50 -9.59
N THR A 50 12.61 -17.24 -10.22
CA THR A 50 11.65 -16.25 -9.69
C THR A 50 10.35 -16.95 -9.28
N ASP A 51 9.32 -16.16 -8.91
CA ASP A 51 7.99 -16.67 -8.56
C ASP A 51 7.29 -17.25 -9.78
N THR A 52 7.65 -16.80 -10.97
CA THR A 52 7.02 -17.27 -12.20
C THR A 52 7.90 -17.85 -13.32
N GLU A 53 9.22 -17.71 -13.23
CA GLU A 53 10.06 -18.20 -14.32
C GLU A 53 11.53 -18.48 -13.99
N ARG A 54 12.20 -19.14 -14.92
CA ARG A 54 13.62 -19.45 -14.81
C ARG A 54 14.33 -18.60 -15.85
N LEU A 55 15.34 -17.85 -15.43
CA LEU A 55 16.07 -16.95 -16.31
C LEU A 55 17.51 -17.41 -16.43
N ILE A 56 18.07 -17.34 -17.65
CA ILE A 56 19.46 -17.75 -17.91
C ILE A 56 20.18 -16.64 -18.69
N GLY A 57 21.43 -16.38 -18.34
CA GLY A 57 22.23 -15.40 -19.06
C GLY A 57 21.98 -13.97 -18.66
N ASP A 58 21.92 -13.07 -19.66
CA ASP A 58 21.71 -11.63 -19.46
C ASP A 58 20.46 -11.37 -18.66
N ALA A 59 19.37 -12.08 -18.97
CA ALA A 59 18.09 -11.94 -18.28
C ALA A 59 18.24 -12.25 -16.77
N ALA A 60 19.07 -13.24 -16.41
CA ALA A 60 19.34 -13.61 -15.02
C ALA A 60 20.22 -12.57 -14.36
N LYS A 61 21.34 -12.17 -14.99
CA LYS A 61 22.22 -11.15 -14.43
C LYS A 61 21.52 -9.77 -14.27
N ASN A 62 20.62 -9.42 -15.19
CA ASN A 62 19.90 -8.14 -15.16
C ASN A 62 18.94 -7.95 -13.95
N GLN A 63 18.48 -9.05 -13.30
CA GLN A 63 17.58 -8.95 -12.14
C GLN A 63 18.24 -9.34 -10.78
N VAL A 64 19.59 -9.52 -10.76
CA VAL A 64 20.38 -9.94 -9.58
C VAL A 64 20.16 -9.03 -8.34
N ALA A 65 19.96 -7.70 -8.53
CA ALA A 65 19.73 -6.76 -7.42
C ALA A 65 18.33 -6.93 -6.82
N MET A 66 17.38 -7.29 -7.68
CA MET A 66 16.00 -7.56 -7.30
C MET A 66 15.84 -8.87 -6.53
N ASN A 67 16.58 -9.89 -6.96
CA ASN A 67 16.50 -11.24 -6.38
C ASN A 67 17.89 -11.83 -6.11
N PRO A 68 18.61 -11.30 -5.13
CA PRO A 68 19.96 -11.80 -4.84
C PRO A 68 20.08 -13.26 -4.38
N THR A 69 19.17 -13.70 -3.53
CA THR A 69 19.18 -15.07 -3.00
C THR A 69 18.90 -16.19 -4.01
N ASN A 70 18.02 -15.94 -4.98
CA ASN A 70 17.64 -16.93 -5.99
C ASN A 70 18.37 -16.87 -7.34
N THR A 71 19.41 -16.06 -7.40
CA THR A 71 20.22 -15.86 -8.61
C THR A 71 21.55 -16.55 -8.34
N VAL A 72 21.76 -17.67 -9.05
CA VAL A 72 22.94 -18.51 -8.94
C VAL A 72 23.96 -18.14 -10.02
N PHE A 73 25.22 -18.09 -9.62
CA PHE A 73 26.38 -17.82 -10.47
C PHE A 73 27.52 -18.59 -9.85
N ASP A 74 28.68 -18.63 -10.48
CA ASP A 74 29.84 -19.33 -9.93
C ASP A 74 29.67 -20.84 -9.72
N ALA A 75 28.77 -21.47 -10.48
CA ALA A 75 28.56 -22.93 -10.36
C ALA A 75 29.80 -23.72 -10.76
N LYS A 76 30.67 -23.11 -11.58
CA LYS A 76 31.94 -23.68 -12.02
C LYS A 76 32.92 -23.84 -10.82
N ARG A 77 32.79 -22.96 -9.84
CA ARG A 77 33.62 -23.06 -8.64
C ARG A 77 33.22 -24.32 -7.88
N LEU A 78 31.92 -24.62 -7.88
CA LEU A 78 31.36 -25.79 -7.18
C LEU A 78 31.25 -27.10 -7.95
N ILE A 79 31.40 -27.07 -9.27
CA ILE A 79 31.24 -28.29 -10.07
C ILE A 79 32.27 -29.39 -9.79
N GLY A 80 31.80 -30.63 -9.72
CA GLY A 80 32.64 -31.80 -9.44
C GLY A 80 33.26 -31.82 -8.06
N ARG A 81 32.93 -30.87 -7.18
CA ARG A 81 33.54 -30.83 -5.85
C ARG A 81 32.69 -31.46 -4.76
N ARG A 82 33.33 -31.92 -3.69
CA ARG A 82 32.68 -32.45 -2.50
C ARG A 82 32.27 -31.22 -1.67
N PHE A 83 31.19 -31.32 -0.88
CA PHE A 83 30.72 -30.20 -0.04
C PHE A 83 31.81 -29.69 0.92
N ASP A 84 32.59 -30.62 1.46
CA ASP A 84 33.64 -30.30 2.43
C ASP A 84 34.95 -29.79 1.84
N ASP A 85 35.00 -29.66 0.53
CA ASP A 85 36.18 -29.15 -0.14
C ASP A 85 36.42 -27.76 0.43
N ALA A 86 37.68 -27.41 0.66
CA ALA A 86 38.03 -26.12 1.25
C ALA A 86 37.56 -24.97 0.38
N VAL A 87 37.69 -25.16 -0.93
CA VAL A 87 37.26 -24.17 -1.93
C VAL A 87 35.75 -23.89 -1.81
N VAL A 88 34.93 -24.93 -1.62
CA VAL A 88 33.48 -24.81 -1.45
C VAL A 88 33.19 -24.04 -0.15
N GLN A 89 33.85 -24.44 0.95
CA GLN A 89 33.66 -23.81 2.26
C GLN A 89 34.07 -22.33 2.28
N SER A 90 35.20 -22.00 1.67
CA SER A 90 35.65 -20.62 1.57
C SER A 90 34.78 -19.75 0.65
N ASP A 91 34.42 -20.32 -0.50
CA ASP A 91 33.63 -19.63 -1.52
C ASP A 91 32.21 -19.25 -1.14
N MET A 92 31.50 -20.13 -0.45
CA MET A 92 30.12 -19.87 -0.07
C MET A 92 29.94 -18.65 0.82
N LYS A 93 30.91 -18.42 1.70
CA LYS A 93 30.81 -17.29 2.64
C LYS A 93 30.50 -15.97 1.90
N HIS A 94 30.88 -15.90 0.62
CA HIS A 94 30.67 -14.74 -0.23
C HIS A 94 29.47 -14.78 -1.21
N TRP A 95 28.73 -15.88 -1.23
CA TRP A 95 27.58 -16.01 -2.12
C TRP A 95 26.29 -15.69 -1.41
N PRO A 96 25.37 -14.92 -2.06
CA PRO A 96 24.08 -14.61 -1.42
C PRO A 96 23.07 -15.77 -1.45
N PHE A 97 23.23 -16.73 -2.37
CA PHE A 97 22.41 -17.94 -2.47
C PHE A 97 22.94 -19.00 -1.50
N MET A 98 22.09 -19.97 -1.12
CA MET A 98 22.44 -21.05 -0.20
C MET A 98 23.08 -22.23 -0.88
N VAL A 99 24.12 -22.81 -0.25
CA VAL A 99 24.78 -24.03 -0.71
C VAL A 99 24.57 -25.04 0.42
N VAL A 100 23.92 -26.17 0.12
CA VAL A 100 23.59 -27.20 1.11
C VAL A 100 24.34 -28.49 0.86
N ASN A 101 24.45 -29.33 1.89
CA ASN A 101 25.11 -30.62 1.81
C ASN A 101 24.09 -31.72 1.60
N ASP A 102 24.23 -32.47 0.50
CA ASP A 102 23.36 -33.61 0.21
C ASP A 102 24.25 -34.83 0.05
N ALA A 103 24.39 -35.59 1.15
CA ALA A 103 25.22 -36.80 1.25
C ALA A 103 26.67 -36.59 0.75
N GLY A 104 27.29 -35.48 1.17
CA GLY A 104 28.66 -35.14 0.83
C GLY A 104 28.83 -34.30 -0.43
N ARG A 105 27.71 -34.11 -1.17
CA ARG A 105 27.68 -33.35 -2.41
C ARG A 105 27.08 -31.94 -2.21
N PRO A 106 27.68 -30.87 -2.76
CA PRO A 106 27.04 -29.56 -2.64
C PRO A 106 25.88 -29.41 -3.61
N LYS A 107 24.85 -28.68 -3.17
CA LYS A 107 23.68 -28.35 -3.98
C LYS A 107 23.33 -26.90 -3.72
N VAL A 108 22.91 -26.18 -4.76
CA VAL A 108 22.45 -24.80 -4.56
C VAL A 108 20.97 -24.87 -4.17
N GLN A 109 20.58 -24.15 -3.12
CA GLN A 109 19.19 -24.16 -2.66
C GLN A 109 18.56 -22.79 -2.92
N VAL A 110 17.44 -22.78 -3.65
CA VAL A 110 16.73 -21.56 -4.06
C VAL A 110 15.22 -21.68 -3.89
N GLU A 111 14.53 -20.55 -3.97
CA GLU A 111 13.08 -20.47 -3.99
C GLU A 111 12.74 -20.32 -5.48
N TYR A 112 11.90 -21.22 -6.00
CA TYR A 112 11.51 -21.24 -7.39
C TYR A 112 10.04 -21.56 -7.47
N LYS A 113 9.25 -20.58 -7.97
CA LYS A 113 7.79 -20.65 -8.09
C LYS A 113 7.11 -20.93 -6.73
N GLY A 114 7.64 -20.28 -5.69
CA GLY A 114 7.16 -20.37 -4.31
C GLY A 114 7.49 -21.66 -3.58
N GLU A 115 8.35 -22.50 -4.18
CA GLU A 115 8.78 -23.79 -3.62
C GLU A 115 10.30 -23.81 -3.44
N THR A 116 10.77 -24.50 -2.38
CA THR A 116 12.20 -24.65 -2.12
C THR A 116 12.72 -25.75 -3.05
N LYS A 117 13.70 -25.42 -3.89
CA LYS A 117 14.30 -26.37 -4.83
C LYS A 117 15.81 -26.35 -4.69
N SER A 118 16.44 -27.53 -4.83
CA SER A 118 17.89 -27.67 -4.79
C SER A 118 18.40 -28.25 -6.10
N PHE A 119 19.57 -27.77 -6.54
CA PHE A 119 20.18 -28.21 -7.80
C PHE A 119 21.64 -28.55 -7.64
N TYR A 120 22.07 -29.63 -8.31
CA TYR A 120 23.50 -29.98 -8.34
C TYR A 120 24.20 -28.95 -9.27
N PRO A 121 25.48 -28.61 -9.00
CA PRO A 121 26.15 -27.61 -9.86
C PRO A 121 26.11 -27.93 -11.36
N GLU A 122 26.13 -29.23 -11.74
CA GLU A 122 26.05 -29.68 -13.13
C GLU A 122 24.68 -29.41 -13.72
N GLU A 123 23.62 -29.36 -12.87
CA GLU A 123 22.28 -29.02 -13.34
C GLU A 123 22.24 -27.54 -13.68
N VAL A 124 22.88 -26.69 -12.85
CA VAL A 124 22.97 -25.23 -13.09
C VAL A 124 23.79 -24.99 -14.37
N SER A 125 24.93 -25.69 -14.51
CA SER A 125 25.79 -25.57 -15.68
C SER A 125 25.11 -26.09 -16.95
N SER A 126 24.23 -27.10 -16.82
CA SER A 126 23.45 -27.63 -17.96
C SER A 126 22.48 -26.56 -18.47
N MET A 127 21.95 -25.70 -17.57
CA MET A 127 21.01 -24.63 -17.92
C MET A 127 21.76 -23.54 -18.71
N VAL A 128 23.01 -23.24 -18.32
CA VAL A 128 23.89 -22.30 -19.03
C VAL A 128 24.24 -22.90 -20.42
N LEU A 129 24.55 -24.22 -20.45
CA LEU A 129 24.86 -24.92 -21.70
C LEU A 129 23.68 -24.99 -22.65
N THR A 130 22.45 -25.18 -22.11
CA THR A 130 21.19 -25.15 -22.87
C THR A 130 21.07 -23.78 -23.53
N LYS A 131 21.34 -22.69 -22.78
CA LYS A 131 21.26 -21.33 -23.31
C LYS A 131 22.28 -21.12 -24.46
N MET A 132 23.54 -21.61 -24.28
CA MET A 132 24.58 -21.51 -25.31
C MET A 132 24.18 -22.27 -26.58
N LYS A 133 23.57 -23.46 -26.42
CA LYS A 133 23.06 -24.32 -27.49
C LYS A 133 21.98 -23.54 -28.28
N GLU A 134 21.04 -22.88 -27.55
CA GLU A 134 19.95 -22.09 -28.12
C GLU A 134 20.46 -20.86 -28.85
N ILE A 135 21.51 -20.21 -28.30
CA ILE A 135 22.19 -19.04 -28.88
C ILE A 135 22.73 -19.43 -30.28
N ALA A 136 23.41 -20.59 -30.36
CA ALA A 136 23.96 -21.15 -31.59
C ALA A 136 22.84 -21.45 -32.61
N GLU A 137 21.74 -22.15 -32.18
CA GLU A 137 20.58 -22.50 -33.00
C GLU A 137 19.88 -21.28 -33.59
N ALA A 138 19.71 -20.21 -32.78
CA ALA A 138 19.05 -18.96 -33.17
C ALA A 138 19.82 -18.24 -34.28
N TYR A 139 21.17 -18.27 -34.23
CA TYR A 139 22.00 -17.63 -35.25
C TYR A 139 22.08 -18.49 -36.55
N LEU A 140 22.32 -19.80 -36.39
CA LEU A 140 22.48 -20.72 -37.51
C LEU A 140 21.21 -21.06 -38.23
N GLY A 141 20.08 -21.01 -37.52
CA GLY A 141 18.80 -21.41 -38.08
C GLY A 141 18.75 -22.91 -38.33
N LYS A 142 19.57 -23.66 -37.56
CA LYS A 142 19.71 -25.11 -37.63
C LYS A 142 19.86 -25.68 -36.22
N THR A 143 19.54 -26.98 -36.04
CA THR A 143 19.65 -27.69 -34.76
C THR A 143 21.14 -27.90 -34.40
N VAL A 144 21.50 -27.65 -33.14
CA VAL A 144 22.87 -27.81 -32.64
C VAL A 144 22.88 -28.90 -31.57
N THR A 145 23.64 -29.99 -31.78
CA THR A 145 23.74 -31.11 -30.82
C THR A 145 25.21 -31.37 -30.40
N ASN A 146 26.16 -31.28 -31.33
CA ASN A 146 27.57 -31.57 -31.09
C ASN A 146 28.36 -30.38 -30.63
N ALA A 147 29.17 -30.54 -29.61
CA ALA A 147 29.97 -29.43 -29.12
C ALA A 147 31.23 -29.84 -28.37
N VAL A 148 32.18 -28.93 -28.33
CA VAL A 148 33.42 -29.12 -27.61
C VAL A 148 33.30 -28.15 -26.45
N VAL A 149 33.47 -28.66 -25.24
CA VAL A 149 33.37 -27.85 -24.03
C VAL A 149 34.71 -27.78 -23.35
N THR A 150 35.10 -26.58 -22.93
CA THR A 150 36.39 -26.38 -22.28
C THR A 150 36.31 -26.40 -20.75
N VAL A 151 37.43 -26.74 -20.10
CA VAL A 151 37.58 -26.78 -18.65
C VAL A 151 38.96 -26.22 -18.28
N PRO A 152 39.19 -25.78 -17.05
CA PRO A 152 40.54 -25.35 -16.65
C PRO A 152 41.51 -26.56 -16.62
N ALA A 153 42.78 -26.37 -16.95
CA ALA A 153 43.79 -27.46 -16.98
C ALA A 153 43.99 -28.16 -15.62
N TYR A 154 43.68 -27.47 -14.52
CA TYR A 154 43.79 -28.00 -13.16
C TYR A 154 42.56 -28.82 -12.70
N PHE A 155 41.48 -28.88 -13.51
CA PHE A 155 40.27 -29.65 -13.17
C PHE A 155 40.62 -31.14 -12.99
N ASN A 156 40.05 -31.75 -11.95
CA ASN A 156 40.21 -33.17 -11.62
C ASN A 156 39.20 -34.07 -12.32
N ASP A 157 39.34 -35.38 -12.18
CA ASP A 157 38.45 -36.34 -12.85
C ASP A 157 36.98 -36.05 -12.58
N SER A 158 36.64 -35.77 -11.31
CA SER A 158 35.30 -35.47 -10.85
C SER A 158 34.78 -34.16 -11.48
N GLN A 159 35.64 -33.12 -11.55
CA GLN A 159 35.30 -31.83 -12.11
C GLN A 159 35.07 -31.91 -13.62
N ARG A 160 35.86 -32.76 -14.31
CA ARG A 160 35.75 -33.03 -15.75
C ARG A 160 34.49 -33.82 -16.05
N GLN A 161 34.24 -34.91 -15.28
CA GLN A 161 33.02 -35.73 -15.46
C GLN A 161 31.74 -34.94 -15.24
N ALA A 162 31.68 -34.14 -14.16
CA ALA A 162 30.53 -33.29 -13.82
C ALA A 162 30.24 -32.26 -14.92
N THR A 163 31.29 -31.73 -15.59
CA THR A 163 31.11 -30.79 -16.72
C THR A 163 30.49 -31.54 -17.92
N LYS A 164 31.01 -32.75 -18.23
CA LYS A 164 30.50 -33.60 -19.32
C LYS A 164 29.01 -33.94 -19.06
N ASP A 165 28.66 -34.29 -17.79
CA ASP A 165 27.30 -34.58 -17.33
C ASP A 165 26.39 -33.38 -17.57
N ALA A 166 26.89 -32.13 -17.33
CA ALA A 166 26.13 -30.89 -17.59
C ALA A 166 25.80 -30.81 -19.09
N GLY A 167 26.76 -31.17 -19.94
CA GLY A 167 26.57 -31.22 -21.39
C GLY A 167 25.52 -32.22 -21.78
N THR A 168 25.55 -33.42 -21.20
CA THR A 168 24.59 -34.51 -21.45
C THR A 168 23.16 -34.11 -21.01
N ILE A 169 23.02 -33.49 -19.85
CA ILE A 169 21.72 -33.04 -19.38
C ILE A 169 21.14 -31.99 -20.32
N ALA A 170 22.01 -31.10 -20.81
CA ALA A 170 21.64 -30.04 -21.75
C ALA A 170 21.25 -30.54 -23.15
N GLY A 171 21.31 -31.86 -23.38
CA GLY A 171 20.96 -32.46 -24.67
C GLY A 171 22.09 -32.34 -25.69
N LEU A 172 23.30 -32.07 -25.19
CA LEU A 172 24.48 -31.93 -26.05
C LEU A 172 25.27 -33.22 -26.10
N ASN A 173 25.85 -33.50 -27.27
CA ASN A 173 26.75 -34.60 -27.51
C ASN A 173 28.14 -33.97 -27.40
N VAL A 174 28.82 -34.16 -26.25
CA VAL A 174 30.13 -33.58 -25.98
C VAL A 174 31.20 -34.38 -26.71
N LEU A 175 31.67 -33.84 -27.86
CA LEU A 175 32.69 -34.47 -28.71
C LEU A 175 33.99 -34.65 -27.93
N ARG A 176 34.37 -33.64 -27.16
CA ARG A 176 35.56 -33.70 -26.33
C ARG A 176 35.56 -32.63 -25.26
N ILE A 177 36.36 -32.84 -24.22
CA ILE A 177 36.50 -31.87 -23.16
C ILE A 177 37.95 -31.49 -23.33
N ILE A 178 38.23 -30.21 -23.54
CA ILE A 178 39.60 -29.79 -23.74
C ILE A 178 39.99 -28.68 -22.78
N ASN A 179 41.28 -28.56 -22.52
CA ASN A 179 41.74 -27.55 -21.58
C ASN A 179 41.66 -26.14 -22.20
N GLU A 180 41.25 -25.15 -21.41
CA GLU A 180 41.18 -23.75 -21.84
C GLU A 180 42.54 -23.23 -22.39
N PRO A 181 43.72 -23.49 -21.73
CA PRO A 181 44.99 -23.02 -22.33
C PRO A 181 45.29 -23.71 -23.67
N THR A 182 44.90 -25.00 -23.82
CA THR A 182 45.05 -25.79 -25.04
C THR A 182 44.19 -25.18 -26.17
N ALA A 183 42.92 -24.85 -25.86
CA ALA A 183 41.98 -24.23 -26.82
C ALA A 183 42.53 -22.87 -27.29
N ALA A 184 43.08 -22.07 -26.36
CA ALA A 184 43.71 -20.79 -26.65
C ALA A 184 44.89 -20.95 -27.63
N ALA A 185 45.77 -21.97 -27.39
CA ALA A 185 46.91 -22.32 -28.27
C ALA A 185 46.41 -22.73 -29.67
N ILE A 186 45.33 -23.56 -29.72
CA ILE A 186 44.67 -24.01 -30.96
C ILE A 186 44.20 -22.81 -31.80
N ALA A 187 43.53 -21.83 -31.16
CA ALA A 187 43.01 -20.60 -31.79
C ALA A 187 44.09 -19.85 -32.59
N TYR A 188 45.33 -19.79 -32.04
CA TYR A 188 46.49 -19.15 -32.66
C TYR A 188 47.27 -20.06 -33.63
N GLY A 189 46.78 -21.30 -33.83
CA GLY A 189 47.40 -22.31 -34.68
C GLY A 189 48.81 -22.68 -34.28
N LEU A 190 49.11 -22.63 -32.96
CA LEU A 190 50.44 -22.92 -32.42
C LEU A 190 50.87 -24.39 -32.63
N ASP A 191 49.90 -25.30 -32.76
CA ASP A 191 50.08 -26.74 -33.00
C ASP A 191 50.33 -27.05 -34.50
N LYS A 192 50.22 -26.04 -35.36
CA LYS A 192 50.42 -26.15 -36.80
C LYS A 192 51.78 -25.57 -37.25
N LYS A 193 52.51 -24.91 -36.34
CA LYS A 193 53.82 -24.32 -36.63
C LYS A 193 54.85 -25.41 -36.84
N VAL A 194 55.62 -25.31 -37.94
CA VAL A 194 56.64 -26.28 -38.33
C VAL A 194 57.85 -26.24 -37.39
N GLY A 195 58.53 -27.37 -37.26
CA GLY A 195 59.72 -27.51 -36.43
C GLY A 195 59.61 -28.42 -35.22
N ALA A 196 60.56 -28.26 -34.28
CA ALA A 196 60.66 -29.04 -33.05
C ALA A 196 59.56 -28.69 -32.04
N GLU A 197 59.60 -29.32 -30.84
CA GLU A 197 58.62 -29.07 -29.79
C GLU A 197 58.64 -27.61 -29.32
N ARG A 198 57.46 -27.03 -29.11
CA ARG A 198 57.43 -25.65 -28.65
C ARG A 198 56.77 -25.51 -27.31
N ASN A 199 57.36 -24.66 -26.47
CA ASN A 199 56.91 -24.33 -25.12
C ASN A 199 56.04 -23.10 -25.20
N VAL A 200 54.82 -23.23 -24.70
CA VAL A 200 53.80 -22.18 -24.77
C VAL A 200 53.36 -21.74 -23.37
N LEU A 201 53.34 -20.43 -23.14
CA LEU A 201 52.82 -19.87 -21.90
C LEU A 201 51.50 -19.19 -22.21
N ILE A 202 50.45 -19.57 -21.48
CA ILE A 202 49.15 -18.97 -21.66
C ILE A 202 48.90 -18.08 -20.44
N PHE A 203 48.73 -16.80 -20.69
CA PHE A 203 48.48 -15.85 -19.63
C PHE A 203 46.99 -15.56 -19.67
N ASP A 204 46.25 -16.11 -18.72
CA ASP A 204 44.81 -15.89 -18.70
C ASP A 204 44.35 -15.07 -17.50
N LEU A 205 43.96 -13.84 -17.77
CA LEU A 205 43.46 -12.92 -16.75
C LEU A 205 42.07 -12.41 -17.16
N GLY A 206 41.06 -13.14 -16.69
CA GLY A 206 39.66 -12.84 -16.99
C GLY A 206 38.73 -13.84 -16.36
N GLY A 207 37.45 -13.43 -16.23
CA GLY A 207 36.40 -14.24 -15.63
C GLY A 207 36.59 -14.50 -14.15
N GLY A 208 37.15 -13.51 -13.45
CA GLY A 208 37.37 -13.59 -12.00
C GLY A 208 38.48 -14.51 -11.51
N THR A 209 39.26 -15.11 -12.43
CA THR A 209 40.38 -15.99 -12.08
C THR A 209 41.63 -15.57 -12.90
N PHE A 210 42.80 -15.88 -12.38
CA PHE A 210 44.06 -15.66 -13.06
C PHE A 210 44.74 -17.02 -13.21
N ASP A 211 44.89 -17.50 -14.46
CA ASP A 211 45.50 -18.79 -14.74
C ASP A 211 46.71 -18.65 -15.64
N VAL A 212 47.85 -19.19 -15.17
CA VAL A 212 49.07 -19.25 -15.98
C VAL A 212 49.30 -20.72 -16.24
N SER A 213 49.40 -21.10 -17.50
CA SER A 213 49.66 -22.50 -17.88
C SER A 213 50.83 -22.58 -18.82
N ILE A 214 51.67 -23.60 -18.66
CA ILE A 214 52.78 -23.86 -19.56
C ILE A 214 52.53 -25.20 -20.25
N LEU A 215 52.46 -25.16 -21.58
CA LEU A 215 52.23 -26.34 -22.41
C LEU A 215 53.43 -26.61 -23.31
N THR A 216 53.59 -27.87 -23.71
CA THR A 216 54.57 -28.27 -24.71
C THR A 216 53.76 -28.85 -25.86
N ILE A 217 54.03 -28.38 -27.09
CA ILE A 217 53.37 -28.89 -28.27
C ILE A 217 54.41 -29.59 -29.11
N GLU A 218 54.25 -30.91 -29.28
CA GLU A 218 55.15 -31.70 -30.09
C GLU A 218 54.33 -32.52 -31.08
N ASP A 219 54.53 -32.23 -32.39
CA ASP A 219 53.84 -32.86 -33.51
C ASP A 219 52.30 -32.80 -33.30
N GLY A 220 51.80 -31.63 -32.93
CA GLY A 220 50.38 -31.43 -32.69
C GLY A 220 49.85 -31.99 -31.40
N ILE A 221 50.74 -32.44 -30.52
CA ILE A 221 50.33 -33.03 -29.24
C ILE A 221 50.57 -32.05 -28.09
N PHE A 222 49.55 -31.89 -27.25
CA PHE A 222 49.63 -30.98 -26.12
C PHE A 222 49.89 -31.66 -24.79
N GLU A 223 50.88 -31.14 -24.07
CA GLU A 223 51.30 -31.64 -22.77
C GLU A 223 51.20 -30.50 -21.74
N VAL A 224 50.42 -30.65 -20.66
CA VAL A 224 50.36 -29.61 -19.62
C VAL A 224 51.58 -29.83 -18.71
N LYS A 225 52.55 -28.89 -18.76
CA LYS A 225 53.78 -28.98 -17.99
C LYS A 225 53.61 -28.43 -16.57
N SER A 226 52.89 -27.31 -16.43
CA SER A 226 52.64 -26.64 -15.14
C SER A 226 51.46 -25.68 -15.20
N THR A 227 50.82 -25.45 -14.03
CA THR A 227 49.70 -24.50 -13.84
C THR A 227 49.99 -23.72 -12.57
N ALA A 228 49.67 -22.43 -12.58
CA ALA A 228 49.86 -21.49 -11.48
C ALA A 228 48.83 -20.36 -11.63
N GLY A 229 48.75 -19.49 -10.65
CA GLY A 229 47.84 -18.36 -10.69
C GLY A 229 47.23 -17.99 -9.37
N ASP A 230 46.13 -17.24 -9.46
CA ASP A 230 45.33 -16.81 -8.34
C ASP A 230 43.87 -17.06 -8.72
N THR A 231 43.16 -17.83 -7.91
CA THR A 231 41.76 -18.16 -8.18
C THR A 231 40.77 -16.99 -8.16
N HIS A 232 41.01 -16.03 -7.27
CA HIS A 232 40.11 -14.89 -7.11
C HIS A 232 40.62 -13.53 -7.57
N LEU A 233 41.40 -13.50 -8.64
CA LEU A 233 41.97 -12.26 -9.14
C LEU A 233 41.36 -11.96 -10.49
N GLY A 234 40.94 -10.72 -10.68
CA GLY A 234 40.38 -10.31 -11.96
C GLY A 234 40.11 -8.83 -12.03
N GLY A 235 39.38 -8.46 -13.07
CA GLY A 235 39.00 -7.08 -13.36
C GLY A 235 38.31 -6.37 -12.21
N GLU A 236 37.49 -7.11 -11.40
CA GLU A 236 36.76 -6.58 -10.24
C GLU A 236 37.71 -5.98 -9.20
N ASP A 237 38.88 -6.61 -8.98
CA ASP A 237 39.91 -6.12 -8.05
C ASP A 237 40.47 -4.78 -8.52
N PHE A 238 40.69 -4.65 -9.82
CA PHE A 238 41.16 -3.41 -10.41
C PHE A 238 40.08 -2.34 -10.26
N ASP A 239 38.83 -2.75 -10.47
CA ASP A 239 37.68 -1.87 -10.35
C ASP A 239 37.54 -1.36 -8.92
N ASN A 240 37.78 -2.24 -7.96
CA ASN A 240 37.67 -1.89 -6.55
C ASN A 240 38.67 -0.80 -6.21
N ARG A 241 39.87 -0.92 -6.78
CA ARG A 241 40.94 0.06 -6.55
C ARG A 241 40.53 1.42 -7.05
N MET A 242 39.91 1.49 -8.24
CA MET A 242 39.40 2.73 -8.80
C MET A 242 38.23 3.26 -7.97
N VAL A 243 37.33 2.37 -7.46
CA VAL A 243 36.20 2.75 -6.60
C VAL A 243 36.72 3.45 -5.31
N ASN A 244 37.71 2.80 -4.65
CA ASN A 244 38.36 3.31 -3.43
C ASN A 244 39.03 4.65 -3.69
N HIS A 245 39.68 4.77 -4.84
CA HIS A 245 40.35 6.01 -5.19
C HIS A 245 39.32 7.15 -5.30
N PHE A 246 38.22 6.90 -5.98
CA PHE A 246 37.16 7.90 -6.13
C PHE A 246 36.43 8.26 -4.84
N ILE A 247 36.18 7.26 -3.99
CA ILE A 247 35.51 7.49 -2.72
C ILE A 247 36.38 8.41 -1.88
N ALA A 248 37.68 8.14 -1.88
CA ALA A 248 38.68 8.96 -1.16
C ALA A 248 38.73 10.36 -1.77
N GLU A 249 38.63 10.50 -3.10
CA GLU A 249 38.61 11.80 -3.77
C GLU A 249 37.32 12.62 -3.40
N PHE A 250 36.17 11.95 -3.33
CA PHE A 250 34.92 12.62 -2.94
C PHE A 250 35.00 13.09 -1.48
N LYS A 251 35.58 12.25 -0.59
CA LYS A 251 35.84 12.62 0.81
C LYS A 251 36.74 13.86 0.88
N ARG A 252 37.87 13.89 0.14
CA ARG A 252 38.79 15.03 0.17
C ARG A 252 38.16 16.34 -0.32
N LYS A 253 37.43 16.28 -1.46
CA LYS A 253 36.79 17.44 -2.06
C LYS A 253 35.53 17.94 -1.36
N HIS A 254 34.67 17.03 -0.91
CA HIS A 254 33.41 17.44 -0.25
C HIS A 254 33.20 17.10 1.22
N LYS A 255 34.15 16.39 1.81
CA LYS A 255 34.11 15.96 3.21
C LYS A 255 32.83 15.15 3.48
N LYS A 256 32.46 14.31 2.49
CA LYS A 256 31.29 13.44 2.55
C LYS A 256 31.65 12.03 2.16
N ASP A 257 31.13 11.09 2.93
CA ASP A 257 31.34 9.67 2.79
C ASP A 257 30.18 9.03 2.03
N ILE A 258 30.43 8.58 0.79
CA ILE A 258 29.39 7.94 -0.04
C ILE A 258 29.34 6.43 0.14
N SER A 259 30.35 5.83 0.83
CA SER A 259 30.51 4.38 0.91
C SER A 259 29.34 3.61 1.58
N GLU A 260 28.47 4.30 2.35
CA GLU A 260 27.32 3.64 2.97
C GLU A 260 26.05 3.75 2.11
N ASN A 261 26.10 4.59 1.04
CA ASN A 261 24.98 4.70 0.13
C ASN A 261 25.23 3.72 -1.03
N LYS A 262 24.50 2.58 -1.04
CA LYS A 262 24.67 1.50 -2.03
C LYS A 262 24.50 1.96 -3.49
N ARG A 263 23.50 2.82 -3.74
CA ARG A 263 23.21 3.36 -5.08
C ARG A 263 24.32 4.25 -5.60
N ALA A 264 24.89 5.12 -4.74
CA ALA A 264 25.99 6.01 -5.11
C ALA A 264 27.22 5.17 -5.48
N VAL A 265 27.56 4.16 -4.63
CA VAL A 265 28.66 3.20 -4.84
C VAL A 265 28.44 2.44 -6.15
N ARG A 266 27.21 1.94 -6.41
CA ARG A 266 26.89 1.26 -7.65
C ARG A 266 27.12 2.18 -8.88
N ARG A 267 26.60 3.41 -8.86
CA ARG A 267 26.79 4.35 -9.97
C ARG A 267 28.26 4.60 -10.23
N LEU A 268 29.05 4.76 -9.15
CA LEU A 268 30.50 4.96 -9.23
C LEU A 268 31.20 3.74 -9.81
N ARG A 269 30.85 2.53 -9.31
N ARG A 269 30.85 2.54 -9.31
CA ARG A 269 31.41 1.26 -9.75
CA ARG A 269 31.45 1.28 -9.78
C ARG A 269 31.20 1.07 -11.24
C ARG A 269 31.21 1.07 -11.26
N THR A 270 29.96 1.25 -11.71
CA THR A 270 29.58 1.12 -13.13
C THR A 270 30.37 2.09 -14.01
N ALA A 271 30.54 3.33 -13.57
CA ALA A 271 31.30 4.35 -14.28
C ALA A 271 32.79 3.95 -14.31
N CYS A 272 33.29 3.37 -13.19
CA CYS A 272 34.68 2.88 -13.06
C CYS A 272 35.00 1.74 -14.00
N GLU A 273 34.06 0.78 -14.18
CA GLU A 273 34.20 -0.39 -15.09
C GLU A 273 34.38 0.11 -16.55
N ARG A 274 33.57 1.12 -16.94
CA ARG A 274 33.58 1.73 -18.26
C ARG A 274 34.88 2.52 -18.49
N ALA A 275 35.25 3.39 -17.51
CA ALA A 275 36.48 4.20 -17.50
C ALA A 275 37.74 3.32 -17.66
N LYS A 276 37.78 2.15 -16.97
CA LYS A 276 38.87 1.19 -17.06
C LYS A 276 39.04 0.70 -18.50
N ARG A 277 37.91 0.30 -19.16
CA ARG A 277 37.91 -0.15 -20.55
C ARG A 277 38.43 0.93 -21.49
N THR A 278 38.04 2.21 -21.26
CA THR A 278 38.50 3.38 -22.02
C THR A 278 40.01 3.55 -21.91
N LEU A 279 40.58 3.33 -20.69
CA LEU A 279 42.01 3.50 -20.39
C LEU A 279 42.89 2.49 -21.08
N SER A 280 42.30 1.43 -21.64
CA SER A 280 43.04 0.44 -22.41
C SER A 280 43.33 0.98 -23.80
N SER A 281 42.48 1.91 -24.31
CA SER A 281 42.68 2.51 -25.64
C SER A 281 43.06 4.00 -25.61
N SER A 282 42.76 4.71 -24.50
CA SER A 282 43.07 6.13 -24.33
C SER A 282 43.93 6.32 -23.08
N THR A 283 44.61 7.48 -22.95
CA THR A 283 45.48 7.75 -21.79
C THR A 283 44.72 8.43 -20.67
N GLN A 284 43.45 8.73 -20.91
CA GLN A 284 42.54 9.39 -19.97
C GLN A 284 41.09 8.92 -20.17
N ALA A 285 40.30 8.99 -19.10
CA ALA A 285 38.87 8.68 -19.08
C ALA A 285 38.19 9.69 -18.19
N SER A 286 37.09 10.29 -18.66
CA SER A 286 36.30 11.27 -17.93
C SER A 286 35.03 10.63 -17.38
N ILE A 287 34.59 11.08 -16.20
CA ILE A 287 33.40 10.59 -15.52
C ILE A 287 32.53 11.79 -15.10
N GLU A 288 31.26 11.78 -15.51
CA GLU A 288 30.32 12.82 -15.14
C GLU A 288 29.09 12.17 -14.52
N ILE A 289 28.97 12.29 -13.19
CA ILE A 289 27.84 11.72 -12.47
C ILE A 289 27.10 12.86 -11.76
N ASP A 290 25.91 13.18 -12.26
CA ASP A 290 25.08 14.19 -11.66
C ASP A 290 24.48 13.67 -10.39
N SER A 291 24.42 14.54 -9.35
CA SER A 291 23.79 14.30 -8.07
C SER A 291 24.16 12.91 -7.53
N LEU A 292 25.47 12.62 -7.45
CA LEU A 292 25.98 11.32 -6.97
C LEU A 292 25.54 11.07 -5.50
N TYR A 293 25.68 12.10 -4.64
CA TYR A 293 25.38 11.97 -3.22
C TYR A 293 25.05 13.32 -2.68
N GLU A 294 23.90 13.42 -1.97
CA GLU A 294 23.40 14.64 -1.34
C GLU A 294 23.33 15.83 -2.34
N GLY A 295 22.91 15.52 -3.57
CA GLY A 295 22.79 16.49 -4.66
C GLY A 295 24.09 16.97 -5.27
N ILE A 296 25.24 16.42 -4.84
CA ILE A 296 26.57 16.83 -5.35
C ILE A 296 26.92 16.14 -6.67
N ASP A 297 27.22 16.93 -7.71
CA ASP A 297 27.68 16.41 -9.01
C ASP A 297 29.13 16.00 -8.86
N PHE A 298 29.50 14.84 -9.44
CA PHE A 298 30.85 14.32 -9.42
C PHE A 298 31.42 14.24 -10.82
N TYR A 299 32.14 15.29 -11.21
CA TYR A 299 32.77 15.41 -12.52
C TYR A 299 34.25 15.28 -12.29
N THR A 300 34.81 14.20 -12.79
CA THR A 300 36.21 13.89 -12.58
C THR A 300 36.81 13.15 -13.78
N SER A 301 38.08 12.78 -13.66
CA SER A 301 38.81 12.06 -14.68
C SER A 301 39.92 11.26 -14.03
N ILE A 302 40.43 10.28 -14.77
CA ILE A 302 41.53 9.43 -14.34
C ILE A 302 42.43 9.17 -15.52
N THR A 303 43.74 9.32 -15.32
CA THR A 303 44.72 9.04 -16.37
C THR A 303 45.06 7.54 -16.32
N ARG A 304 45.63 7.01 -17.41
CA ARG A 304 46.09 5.62 -17.47
C ARG A 304 47.20 5.42 -16.42
N ALA A 305 48.09 6.42 -16.27
CA ALA A 305 49.19 6.39 -15.30
C ALA A 305 48.64 6.24 -13.86
N ARG A 306 47.59 7.01 -13.49
CA ARG A 306 46.98 6.90 -12.16
C ARG A 306 46.36 5.52 -11.92
N PHE A 307 45.63 4.99 -12.93
CA PHE A 307 45.02 3.66 -12.89
C PHE A 307 46.09 2.57 -12.71
N GLU A 308 47.24 2.72 -13.44
CA GLU A 308 48.41 1.83 -13.35
C GLU A 308 49.03 1.93 -11.98
N GLU A 309 49.14 3.16 -11.42
CA GLU A 309 49.73 3.42 -10.10
C GLU A 309 48.85 2.81 -8.96
N LEU A 310 47.51 2.97 -9.05
CA LEU A 310 46.52 2.44 -8.08
C LEU A 310 46.56 0.91 -8.03
N ASN A 311 46.91 0.27 -9.15
CA ASN A 311 46.92 -1.18 -9.35
C ASN A 311 48.34 -1.75 -9.53
N ALA A 312 49.37 -0.92 -9.31
CA ALA A 312 50.79 -1.26 -9.52
C ALA A 312 51.21 -2.61 -8.97
N ASP A 313 50.84 -2.89 -7.69
CA ASP A 313 51.16 -4.14 -6.99
C ASP A 313 50.41 -5.34 -7.59
N LEU A 314 49.12 -5.13 -7.98
CA LEU A 314 48.30 -6.18 -8.58
C LEU A 314 48.83 -6.58 -9.95
N PHE A 315 49.22 -5.59 -10.77
CA PHE A 315 49.81 -5.83 -12.11
C PHE A 315 51.21 -6.47 -12.04
N ARG A 316 52.09 -5.93 -11.20
CA ARG A 316 53.43 -6.46 -10.96
C ARG A 316 53.35 -7.92 -10.44
N GLY A 317 52.36 -8.17 -9.58
CA GLY A 317 52.10 -9.46 -8.97
C GLY A 317 51.70 -10.57 -9.91
N THR A 318 51.25 -10.23 -11.14
CA THR A 318 50.87 -11.22 -12.15
C THR A 318 52.09 -12.03 -12.63
N LEU A 319 53.31 -11.46 -12.48
CA LEU A 319 54.57 -12.11 -12.88
C LEU A 319 55.01 -13.19 -11.90
N ASP A 320 54.56 -13.12 -10.65
CA ASP A 320 54.96 -14.13 -9.69
C ASP A 320 54.45 -15.52 -10.11
N PRO A 321 53.20 -15.59 -10.54
CA PRO A 321 52.66 -16.86 -11.00
C PRO A 321 53.42 -17.36 -12.23
N VAL A 322 53.85 -16.44 -13.10
CA VAL A 322 54.60 -16.82 -14.29
C VAL A 322 55.95 -17.44 -13.92
N GLU A 323 56.63 -16.85 -12.95
CA GLU A 323 57.91 -17.39 -12.45
C GLU A 323 57.70 -18.75 -11.80
N LYS A 324 56.60 -18.94 -11.04
CA LYS A 324 56.25 -20.20 -10.39
C LYS A 324 55.99 -21.30 -11.45
N ALA A 325 55.23 -20.97 -12.51
CA ALA A 325 54.94 -21.93 -13.59
C ALA A 325 56.22 -22.35 -14.34
N LEU A 326 57.12 -21.37 -14.64
CA LEU A 326 58.41 -21.61 -15.31
C LEU A 326 59.31 -22.50 -14.45
N ARG A 327 59.31 -22.25 -13.12
CA ARG A 327 60.06 -23.02 -12.12
C ARG A 327 59.57 -24.48 -12.08
N ASP A 328 58.25 -24.69 -11.96
CA ASP A 328 57.62 -26.01 -11.89
C ASP A 328 57.66 -26.81 -13.19
N ALA A 329 57.77 -26.14 -14.35
CA ALA A 329 57.88 -26.80 -15.66
C ALA A 329 59.36 -27.08 -16.00
N LYS A 330 60.28 -26.63 -15.11
CA LYS A 330 61.74 -26.74 -15.21
C LYS A 330 62.23 -26.06 -16.50
N LEU A 331 61.77 -24.82 -16.73
CA LEU A 331 62.10 -24.01 -17.90
C LEU A 331 62.60 -22.63 -17.55
N ASP A 332 63.52 -22.09 -18.36
CA ASP A 332 63.97 -20.71 -18.26
C ASP A 332 62.96 -19.93 -19.12
N LYS A 333 62.77 -18.62 -18.86
CA LYS A 333 61.87 -17.77 -19.64
C LYS A 333 62.28 -17.68 -21.13
N SER A 334 63.59 -17.84 -21.42
CA SER A 334 64.15 -17.84 -22.78
C SER A 334 63.70 -19.07 -23.60
N GLN A 335 63.22 -20.14 -22.92
CA GLN A 335 62.77 -21.40 -23.53
C GLN A 335 61.30 -21.36 -23.98
N ILE A 336 60.59 -20.27 -23.72
CA ILE A 336 59.20 -20.17 -24.12
C ILE A 336 59.07 -19.61 -25.54
N HIS A 337 58.63 -20.45 -26.45
CA HIS A 337 58.44 -20.08 -27.85
C HIS A 337 57.30 -19.10 -28.11
N ASP A 338 56.17 -19.31 -27.45
CA ASP A 338 55.00 -18.45 -27.64
C ASP A 338 54.30 -18.04 -26.34
N ILE A 339 53.76 -16.83 -26.34
CA ILE A 339 53.03 -16.27 -25.21
C ILE A 339 51.64 -15.89 -25.72
N VAL A 340 50.59 -16.43 -25.08
CA VAL A 340 49.19 -16.19 -25.46
C VAL A 340 48.41 -15.43 -24.38
N LEU A 341 47.75 -14.31 -24.77
CA LEU A 341 46.92 -13.49 -23.89
C LEU A 341 45.44 -13.90 -23.99
N VAL A 342 44.86 -14.33 -22.85
CA VAL A 342 43.45 -14.75 -22.73
C VAL A 342 42.79 -13.96 -21.57
N GLY A 343 41.50 -13.64 -21.70
CA GLY A 343 40.76 -12.90 -20.68
C GLY A 343 40.79 -11.40 -20.94
N GLY A 344 39.67 -10.73 -20.68
CA GLY A 344 39.46 -9.30 -20.90
C GLY A 344 40.50 -8.36 -20.30
N SER A 345 40.99 -8.67 -19.09
CA SER A 345 42.00 -7.86 -18.41
C SER A 345 43.37 -7.81 -19.10
N THR A 346 43.67 -8.77 -20.02
CA THR A 346 44.94 -8.75 -20.75
C THR A 346 45.01 -7.59 -21.75
N ARG A 347 43.89 -6.89 -21.97
CA ARG A 347 43.79 -5.72 -22.83
C ARG A 347 44.51 -4.51 -22.20
N ILE A 348 44.75 -4.55 -20.87
CA ILE A 348 45.40 -3.48 -20.12
C ILE A 348 46.84 -3.33 -20.62
N PRO A 349 47.18 -2.17 -21.23
CA PRO A 349 48.53 -1.96 -21.78
C PRO A 349 49.69 -2.22 -20.83
N LYS A 350 49.55 -1.85 -19.54
CA LYS A 350 50.60 -2.07 -18.55
C LYS A 350 50.82 -3.56 -18.33
N ILE A 351 49.74 -4.38 -18.34
CA ILE A 351 49.85 -5.84 -18.17
C ILE A 351 50.65 -6.46 -19.33
N GLN A 352 50.34 -6.00 -20.57
CA GLN A 352 51.06 -6.43 -21.79
C GLN A 352 52.52 -6.02 -21.72
N LYS A 353 52.80 -4.76 -21.30
CA LYS A 353 54.15 -4.22 -21.15
C LYS A 353 54.95 -5.00 -20.11
N LEU A 354 54.37 -5.27 -18.91
CA LEU A 354 55.06 -6.03 -17.86
C LEU A 354 55.46 -7.43 -18.34
N LEU A 355 54.54 -8.14 -19.01
CA LEU A 355 54.76 -9.48 -19.51
C LEU A 355 55.78 -9.51 -20.68
N GLN A 356 55.66 -8.55 -21.64
CA GLN A 356 56.59 -8.46 -22.77
C GLN A 356 58.03 -8.14 -22.27
N ASP A 357 58.15 -7.21 -21.29
CA ASP A 357 59.43 -6.82 -20.67
C ASP A 357 60.05 -8.01 -19.94
N PHE A 358 59.22 -8.81 -19.24
CA PHE A 358 59.68 -10.03 -18.55
C PHE A 358 60.27 -11.02 -19.57
N PHE A 359 59.64 -11.13 -20.75
CA PHE A 359 60.10 -12.01 -21.82
C PHE A 359 61.03 -11.32 -22.84
N ASN A 360 61.79 -10.29 -22.38
CA ASN A 360 62.81 -9.54 -23.12
C ASN A 360 62.37 -8.99 -24.50
N GLY A 361 61.22 -8.33 -24.51
CA GLY A 361 60.68 -7.69 -25.71
C GLY A 361 59.98 -8.59 -26.71
N LYS A 362 59.76 -9.88 -26.34
CA LYS A 362 59.08 -10.86 -27.19
C LYS A 362 57.60 -10.46 -27.44
N GLU A 363 57.19 -10.52 -28.72
CA GLU A 363 55.82 -10.19 -29.14
C GLU A 363 54.81 -11.21 -28.61
N LEU A 364 53.65 -10.72 -28.15
CA LEU A 364 52.59 -11.54 -27.58
C LEU A 364 51.51 -11.88 -28.61
N ASN A 365 50.85 -13.04 -28.44
CA ASN A 365 49.74 -13.46 -29.30
C ASN A 365 48.49 -12.86 -28.64
N LYS A 366 47.98 -11.77 -29.23
CA LYS A 366 46.87 -10.98 -28.67
C LYS A 366 45.83 -10.48 -29.73
N SER A 367 46.00 -10.84 -31.03
CA SER A 367 45.13 -10.42 -32.15
C SER A 367 43.68 -10.97 -32.07
N ILE A 368 43.50 -12.13 -31.42
CA ILE A 368 42.18 -12.74 -31.22
C ILE A 368 41.60 -12.10 -29.96
N ASN A 369 40.33 -11.63 -30.01
CA ASN A 369 39.58 -11.06 -28.90
C ASN A 369 39.85 -11.96 -27.67
N PRO A 370 40.53 -11.44 -26.62
CA PRO A 370 40.94 -12.32 -25.50
C PRO A 370 39.78 -13.00 -24.74
N ASP A 371 38.61 -12.39 -24.71
CA ASP A 371 37.44 -13.00 -24.11
C ASP A 371 36.92 -14.19 -24.92
N GLU A 372 37.22 -14.19 -26.22
CA GLU A 372 36.71 -15.15 -27.20
C GLU A 372 37.68 -16.24 -27.65
N ALA A 373 38.99 -16.08 -27.37
CA ALA A 373 40.07 -17.00 -27.78
C ALA A 373 39.83 -18.47 -27.43
N VAL A 374 39.35 -18.76 -26.19
CA VAL A 374 39.09 -20.12 -25.72
C VAL A 374 37.96 -20.75 -26.55
N ALA A 375 36.82 -20.04 -26.70
CA ALA A 375 35.68 -20.50 -27.49
C ALA A 375 36.08 -20.65 -28.96
N TYR A 376 37.03 -19.79 -29.44
CA TYR A 376 37.56 -19.79 -30.81
C TYR A 376 38.29 -21.12 -31.10
N GLY A 377 39.21 -21.51 -30.20
CA GLY A 377 39.98 -22.75 -30.28
C GLY A 377 39.12 -23.99 -30.19
N ALA A 378 38.14 -23.96 -29.26
CA ALA A 378 37.14 -25.01 -29.04
C ALA A 378 36.24 -25.18 -30.30
N ALA A 379 35.93 -24.06 -31.02
CA ALA A 379 35.13 -24.11 -32.25
C ALA A 379 35.92 -24.77 -33.37
N VAL A 380 37.24 -24.46 -33.50
CA VAL A 380 38.18 -25.06 -34.46
C VAL A 380 38.23 -26.57 -34.17
N GLN A 381 38.42 -26.93 -32.89
CA GLN A 381 38.48 -28.32 -32.44
C GLN A 381 37.20 -29.08 -32.78
N ALA A 382 36.02 -28.45 -32.58
CA ALA A 382 34.71 -29.03 -32.89
C ALA A 382 34.57 -29.34 -34.38
N ALA A 383 35.10 -28.47 -35.26
CA ALA A 383 35.05 -28.67 -36.72
C ALA A 383 35.97 -29.82 -37.13
N ILE A 384 37.14 -29.93 -36.45
CA ILE A 384 38.12 -30.98 -36.69
C ILE A 384 37.50 -32.35 -36.37
N LEU A 385 36.74 -32.42 -35.25
CA LEU A 385 36.09 -33.65 -34.77
C LEU A 385 34.78 -34.00 -35.49
N SER A 386 34.28 -33.11 -36.37
CA SER A 386 33.07 -33.33 -37.16
C SER A 386 33.34 -34.25 -38.35
N PRO B 2 29.41 31.00 -24.65
CA PRO B 2 28.92 31.09 -26.05
C PRO B 2 27.43 30.78 -26.16
N LEU B 3 26.60 31.85 -26.26
CA LEU B 3 25.15 31.75 -26.38
C LEU B 3 24.72 32.05 -27.79
N GLY B 4 23.69 31.31 -28.25
CA GLY B 4 23.23 31.37 -29.63
C GLY B 4 24.24 30.71 -30.54
N SER B 5 24.88 29.65 -30.01
CA SER B 5 25.90 28.83 -30.65
C SER B 5 25.47 27.37 -30.65
N ASN B 6 24.14 27.13 -30.70
CA ASN B 6 23.51 25.80 -30.77
C ASN B 6 24.14 24.97 -31.86
N SER B 7 24.66 23.81 -31.49
CA SER B 7 25.32 22.96 -32.48
C SER B 7 24.49 21.74 -32.92
N PRO B 8 24.70 21.23 -34.18
CA PRO B 8 24.01 20.01 -34.60
C PRO B 8 24.42 18.81 -33.74
N GLN B 9 25.69 18.80 -33.28
CA GLN B 9 26.25 17.76 -32.40
C GLN B 9 25.44 17.66 -31.10
N GLU B 10 24.97 18.81 -30.55
CA GLU B 10 24.11 18.81 -29.35
C GLU B 10 22.72 18.15 -29.58
N GLU B 11 22.16 18.29 -30.79
CA GLU B 11 20.89 17.63 -31.14
C GLU B 11 20.94 16.11 -30.92
N VAL B 12 22.12 15.50 -31.17
CA VAL B 12 22.36 14.06 -30.96
C VAL B 12 22.17 13.72 -29.47
N GLU B 13 22.77 14.54 -28.58
CA GLU B 13 22.69 14.34 -27.13
C GLU B 13 21.29 14.59 -26.58
N LEU B 14 20.61 15.63 -27.08
CA LEU B 14 19.24 15.98 -26.67
C LEU B 14 18.27 14.88 -27.04
N LYS B 15 18.49 14.24 -28.22
CA LYS B 15 17.65 13.13 -28.68
C LYS B 15 17.79 11.90 -27.74
N LYS B 16 19.04 11.60 -27.31
CA LYS B 16 19.33 10.52 -26.33
C LYS B 16 18.59 10.82 -25.02
N LEU B 17 18.67 12.09 -24.55
CA LEU B 17 18.02 12.54 -23.31
C LEU B 17 16.48 12.45 -23.38
N LYS B 18 15.89 12.82 -24.54
CA LYS B 18 14.44 12.76 -24.74
C LYS B 18 13.94 11.32 -24.69
N HIS B 19 14.71 10.38 -25.24
CA HIS B 19 14.36 8.97 -25.16
C HIS B 19 14.41 8.47 -23.72
N LEU B 20 15.44 8.88 -22.97
CA LEU B 20 15.56 8.52 -21.56
C LEU B 20 14.43 9.12 -20.73
N GLU B 21 13.97 10.35 -21.08
CA GLU B 21 12.85 10.98 -20.40
C GLU B 21 11.57 10.16 -20.60
N LYS B 22 11.37 9.59 -21.81
CA LYS B 22 10.19 8.76 -22.14
C LYS B 22 10.24 7.45 -21.36
N SER B 23 11.44 6.84 -21.25
CA SER B 23 11.64 5.60 -20.49
C SER B 23 11.32 5.83 -18.99
N VAL B 24 11.71 7.01 -18.44
CA VAL B 24 11.44 7.42 -17.07
C VAL B 24 9.93 7.56 -16.84
N GLU B 25 9.20 8.16 -17.81
CA GLU B 25 7.76 8.32 -17.76
C GLU B 25 7.07 6.95 -17.64
N LYS B 26 7.56 5.92 -18.38
CA LYS B 26 6.98 4.56 -18.33
C LYS B 26 7.18 3.90 -16.95
N ILE B 27 8.38 4.06 -16.35
CA ILE B 27 8.67 3.50 -15.03
C ILE B 27 7.88 4.25 -13.96
N ALA B 28 7.76 5.59 -14.10
CA ALA B 28 7.01 6.46 -13.18
C ALA B 28 5.52 6.08 -13.17
N ASP B 29 4.96 5.66 -14.32
CA ASP B 29 3.57 5.17 -14.45
C ASP B 29 3.41 3.87 -13.65
N GLN B 30 4.42 2.98 -13.67
CA GLN B 30 4.43 1.74 -12.87
C GLN B 30 4.45 2.10 -11.36
N LEU B 31 5.30 3.09 -10.96
CA LEU B 31 5.40 3.57 -9.57
C LEU B 31 4.04 4.13 -9.12
N GLU B 32 3.37 4.89 -10.02
CA GLU B 32 2.08 5.50 -9.77
C GLU B 32 1.04 4.41 -9.44
N GLU B 33 0.98 3.33 -10.28
CA GLU B 33 0.08 2.18 -10.06
C GLU B 33 0.42 1.46 -8.76
N LEU B 34 1.73 1.33 -8.47
CA LEU B 34 2.26 0.70 -7.27
C LEU B 34 1.89 1.48 -5.98
N ASN B 35 1.94 2.84 -6.06
CA ASN B 35 1.59 3.73 -4.95
C ASN B 35 0.13 3.60 -4.54
N LYS B 36 -0.79 3.52 -5.53
CA LYS B 36 -2.24 3.34 -5.33
C LYS B 36 -2.52 1.99 -4.63
N GLU B 37 -1.87 0.92 -5.09
CA GLU B 37 -2.03 -0.42 -4.52
C GLU B 37 -1.56 -0.50 -3.08
N LEU B 38 -0.41 0.14 -2.76
CA LEU B 38 0.16 0.23 -1.41
C LEU B 38 -0.83 0.94 -0.49
N THR B 39 -1.44 2.03 -0.97
CA THR B 39 -2.47 2.85 -0.28
C THR B 39 -3.74 2.04 -0.01
N GLY B 40 -4.15 1.25 -1.01
CA GLY B 40 -5.32 0.37 -0.90
C GLY B 40 -5.18 -0.64 0.22
N ILE B 41 -3.98 -1.33 0.30
CA ILE B 41 -3.66 -2.32 1.35
C ILE B 41 -3.56 -1.64 2.76
N GLN B 42 -2.99 -0.42 2.84
CA GLN B 42 -2.84 0.33 4.09
C GLN B 42 -4.14 0.92 4.65
N GLN B 43 -4.90 1.65 3.82
CA GLN B 43 -6.14 2.33 4.25
C GLN B 43 -7.36 1.42 4.17
N GLY B 44 -7.17 0.24 3.57
CA GLY B 44 -8.20 -0.77 3.45
C GLY B 44 -8.27 -1.65 4.67
N PHE B 45 -9.39 -2.37 4.82
CA PHE B 45 -9.63 -3.30 5.91
C PHE B 45 -9.43 -4.72 5.36
N LEU B 46 -8.55 -5.49 6.01
CA LEU B 46 -8.17 -6.88 5.69
C LEU B 46 -7.48 -7.44 6.93
N PRO B 47 -7.59 -8.76 7.26
CA PRO B 47 -6.92 -9.27 8.48
C PRO B 47 -5.46 -8.81 8.60
N LYS B 48 -5.03 -8.40 9.83
CA LYS B 48 -3.64 -8.02 10.11
C LYS B 48 -2.62 -9.06 9.55
N ASP B 49 -2.96 -10.38 9.65
CA ASP B 49 -2.15 -11.48 9.14
C ASP B 49 -2.07 -11.47 7.60
N LEU B 50 -3.23 -11.31 6.92
CA LEU B 50 -3.33 -11.25 5.46
C LEU B 50 -2.68 -10.00 4.84
N GLN B 51 -2.72 -8.84 5.54
CA GLN B 51 -2.13 -7.55 5.11
C GLN B 51 -0.61 -7.71 4.92
N ALA B 52 0.07 -8.32 5.94
CA ALA B 52 1.53 -8.60 5.95
C ALA B 52 2.02 -9.30 4.67
N GLU B 53 1.29 -10.33 4.21
CA GLU B 53 1.61 -11.05 2.98
C GLU B 53 1.36 -10.20 1.69
N ALA B 54 0.18 -9.52 1.58
CA ALA B 54 -0.19 -8.69 0.42
C ALA B 54 0.84 -7.54 0.22
N LEU B 55 1.16 -6.86 1.33
CA LEU B 55 2.16 -5.83 1.35
C LEU B 55 3.48 -6.42 0.87
N CYS B 56 3.92 -7.57 1.44
CA CYS B 56 5.20 -8.21 1.06
C CYS B 56 5.19 -8.78 -0.35
N LYS B 57 3.99 -8.97 -0.94
CA LYS B 57 3.82 -9.44 -2.31
C LYS B 57 4.09 -8.29 -3.32
N LEU B 58 4.21 -7.04 -2.85
CA LEU B 58 4.55 -5.88 -3.70
C LEU B 58 6.08 -5.67 -3.76
N ASP B 59 6.84 -6.47 -2.96
CA ASP B 59 8.30 -6.45 -2.90
C ASP B 59 8.93 -6.63 -4.30
N ARG B 60 8.51 -7.67 -5.07
CA ARG B 60 9.05 -7.93 -6.40
C ARG B 60 8.92 -6.71 -7.35
N ARG B 61 7.72 -6.10 -7.42
CA ARG B 61 7.40 -4.95 -8.28
C ARG B 61 8.18 -3.66 -7.93
N VAL B 62 8.26 -3.31 -6.62
CA VAL B 62 8.99 -2.11 -6.16
C VAL B 62 10.49 -2.29 -6.44
N LYS B 63 10.99 -3.54 -6.24
CA LYS B 63 12.38 -3.86 -6.53
C LYS B 63 12.63 -3.75 -8.04
N ALA B 64 11.67 -4.17 -8.88
CA ALA B 64 11.79 -4.06 -10.34
C ALA B 64 11.81 -2.59 -10.77
N THR B 65 10.97 -1.76 -10.14
CA THR B 65 10.86 -0.33 -10.39
C THR B 65 12.18 0.36 -10.01
N ILE B 66 12.71 0.06 -8.79
CA ILE B 66 13.98 0.63 -8.29
C ILE B 66 15.09 0.29 -9.28
N GLU B 67 15.18 -1.00 -9.68
CA GLU B 67 16.18 -1.48 -10.63
C GLU B 67 16.08 -0.76 -11.98
N GLN B 68 14.86 -0.51 -12.47
CA GLN B 68 14.67 0.17 -13.75
C GLN B 68 15.17 1.60 -13.69
N PHE B 69 14.91 2.33 -12.57
CA PHE B 69 15.42 3.70 -12.38
C PHE B 69 16.94 3.71 -12.27
N MET B 70 17.52 2.67 -11.62
CA MET B 70 18.98 2.53 -11.47
C MET B 70 19.64 2.33 -12.83
N LYS B 71 19.03 1.51 -13.72
CA LYS B 71 19.56 1.30 -15.07
C LYS B 71 19.52 2.58 -15.90
N ILE B 72 18.48 3.42 -15.70
CA ILE B 72 18.35 4.73 -16.36
C ILE B 72 19.51 5.63 -15.89
N LEU B 73 19.76 5.67 -14.56
CA LEU B 73 20.83 6.49 -14.00
C LEU B 73 22.17 6.10 -14.59
N GLU B 74 22.45 4.78 -14.67
CA GLU B 74 23.68 4.24 -15.24
C GLU B 74 23.81 4.61 -16.71
N GLU B 75 22.70 4.64 -17.47
CA GLU B 75 22.73 5.06 -18.87
C GLU B 75 23.02 6.56 -19.00
N ILE B 76 22.40 7.40 -18.15
CA ILE B 76 22.62 8.85 -18.12
C ILE B 76 24.10 9.13 -17.78
N ASP B 77 24.66 8.35 -16.84
CA ASP B 77 26.05 8.43 -16.36
C ASP B 77 27.11 8.14 -17.44
N THR B 78 26.71 7.56 -18.61
CA THR B 78 27.63 7.27 -19.71
C THR B 78 27.81 8.52 -20.58
N LEU B 79 26.94 9.52 -20.38
CA LEU B 79 27.00 10.76 -21.14
C LEU B 79 28.13 11.68 -20.68
N ILE B 80 28.76 12.29 -21.68
CA ILE B 80 29.80 13.26 -21.46
C ILE B 80 29.24 14.42 -22.26
N LEU B 81 28.99 15.53 -21.58
CA LEU B 81 28.41 16.70 -22.22
C LEU B 81 29.34 17.87 -22.02
N PRO B 82 29.98 18.40 -23.11
CA PRO B 82 30.88 19.55 -22.92
C PRO B 82 30.13 20.74 -22.32
N GLU B 83 30.85 21.62 -21.60
CA GLU B 83 30.28 22.80 -20.94
C GLU B 83 29.42 23.68 -21.88
N ASN B 84 29.77 23.75 -23.19
CA ASN B 84 29.04 24.54 -24.19
C ASN B 84 27.67 23.92 -24.55
N PHE B 85 27.42 22.66 -24.14
CA PHE B 85 26.14 21.98 -24.35
C PHE B 85 25.26 22.27 -23.11
N LYS B 86 24.89 23.55 -22.90
CA LYS B 86 24.13 24.01 -21.74
C LYS B 86 22.73 23.38 -21.62
N ASP B 87 21.97 23.32 -22.72
CA ASP B 87 20.63 22.73 -22.74
C ASP B 87 20.65 21.24 -22.41
N SER B 88 21.65 20.49 -22.94
CA SER B 88 21.83 19.07 -22.64
C SER B 88 22.18 18.88 -21.15
N ARG B 89 23.09 19.71 -20.62
CA ARG B 89 23.49 19.63 -19.21
C ARG B 89 22.32 19.92 -18.28
N LEU B 90 21.49 20.92 -18.63
CA LEU B 90 20.29 21.25 -17.86
C LEU B 90 19.26 20.11 -17.91
N LYS B 91 19.04 19.54 -19.10
CA LYS B 91 18.11 18.43 -19.28
C LYS B 91 18.57 17.19 -18.48
N ARG B 92 19.89 16.85 -18.55
CA ARG B 92 20.45 15.73 -17.80
C ARG B 92 20.25 15.94 -16.29
N LYS B 93 20.58 17.15 -15.77
CA LYS B 93 20.44 17.50 -14.36
C LYS B 93 18.98 17.39 -13.87
N GLY B 94 18.03 17.95 -14.62
CA GLY B 94 16.61 17.85 -14.30
C GLY B 94 16.12 16.41 -14.31
N LEU B 95 16.59 15.59 -15.28
CA LEU B 95 16.19 14.18 -15.39
C LEU B 95 16.72 13.34 -14.22
N VAL B 96 18.00 13.54 -13.84
CA VAL B 96 18.61 12.83 -12.70
C VAL B 96 17.83 13.15 -11.43
N LYS B 97 17.54 14.46 -11.19
CA LYS B 97 16.79 14.92 -10.03
C LYS B 97 15.40 14.29 -9.98
N LYS B 98 14.72 14.23 -11.13
CA LYS B 98 13.39 13.60 -11.24
C LYS B 98 13.48 12.09 -10.85
N VAL B 99 14.45 11.36 -11.39
CA VAL B 99 14.67 9.90 -11.09
C VAL B 99 14.97 9.70 -9.60
N GLN B 100 15.84 10.55 -9.02
CA GLN B 100 16.18 10.44 -7.60
C GLN B 100 15.00 10.69 -6.67
N ALA B 101 14.07 11.60 -7.06
CA ALA B 101 12.86 11.86 -6.28
C ALA B 101 11.95 10.61 -6.39
N PHE B 102 11.90 9.94 -7.56
CA PHE B 102 11.14 8.69 -7.72
C PHE B 102 11.76 7.57 -6.90
N LEU B 103 13.11 7.49 -6.86
CA LEU B 103 13.82 6.47 -6.06
C LEU B 103 13.54 6.64 -4.55
N ALA B 104 13.42 7.90 -4.08
CA ALA B 104 13.08 8.22 -2.68
C ALA B 104 11.65 7.72 -2.34
N GLU B 105 10.70 7.81 -3.30
CA GLU B 105 9.32 7.31 -3.16
C GLU B 105 9.35 5.77 -3.09
N CYS B 106 10.17 5.12 -3.93
CA CYS B 106 10.36 3.66 -3.96
C CYS B 106 10.86 3.18 -2.59
N ASP B 107 11.80 3.94 -1.99
CA ASP B 107 12.37 3.68 -0.65
C ASP B 107 11.31 3.73 0.43
N THR B 108 10.39 4.70 0.35
CA THR B 108 9.25 4.88 1.24
C THR B 108 8.38 3.61 1.15
N VAL B 109 8.14 3.09 -0.08
CA VAL B 109 7.36 1.87 -0.31
C VAL B 109 8.08 0.67 0.34
N GLU B 110 9.40 0.52 0.07
CA GLU B 110 10.23 -0.59 0.60
C GLU B 110 10.26 -0.68 2.14
N GLN B 111 10.38 0.48 2.82
CA GLN B 111 10.39 0.62 4.28
C GLN B 111 9.01 0.33 4.92
N ASN B 112 7.93 0.33 4.12
CA ASN B 112 6.58 0.11 4.63
C ASN B 112 6.06 -1.29 4.26
N ILE B 113 6.95 -2.08 3.68
CA ILE B 113 6.68 -3.45 3.23
C ILE B 113 7.72 -4.43 3.82
N CYS B 114 7.30 -5.68 3.92
CA CYS B 114 8.07 -6.80 4.49
C CYS B 114 8.74 -6.47 5.85
N GLN B 115 8.02 -5.71 6.71
CA GLN B 115 8.55 -5.33 8.02
C GLN B 115 8.24 -6.36 9.10
N GLU B 116 9.02 -6.44 10.07
N MET C 6 -47.81 -37.76 -27.84
CA MET C 6 -46.46 -37.35 -28.26
C MET C 6 -45.64 -38.55 -28.72
N SER C 7 -44.78 -38.32 -29.75
CA SER C 7 -43.82 -39.31 -30.29
C SER C 7 -42.72 -39.54 -29.23
N LYS C 8 -41.93 -40.64 -29.36
CA LYS C 8 -40.86 -40.91 -28.40
C LYS C 8 -39.64 -40.04 -28.69
N GLY C 9 -39.13 -39.41 -27.64
CA GLY C 9 -37.99 -38.51 -27.75
C GLY C 9 -36.63 -39.13 -27.48
N PRO C 10 -35.55 -38.30 -27.60
CA PRO C 10 -34.20 -38.81 -27.31
C PRO C 10 -33.90 -38.93 -25.82
N ALA C 11 -32.68 -39.37 -25.51
CA ALA C 11 -32.17 -39.52 -24.16
C ALA C 11 -31.59 -38.18 -23.71
N VAL C 12 -31.76 -37.84 -22.42
CA VAL C 12 -31.30 -36.57 -21.88
C VAL C 12 -30.21 -36.75 -20.81
N GLY C 13 -29.51 -35.67 -20.52
CA GLY C 13 -28.51 -35.60 -19.46
C GLY C 13 -29.03 -34.72 -18.34
N ILE C 14 -29.04 -35.24 -17.13
CA ILE C 14 -29.54 -34.46 -16.01
C ILE C 14 -28.54 -34.33 -14.87
N ASP C 15 -28.28 -33.09 -14.49
CA ASP C 15 -27.38 -32.81 -13.40
C ASP C 15 -28.29 -32.55 -12.21
N LEU C 16 -28.36 -33.52 -11.30
CA LEU C 16 -29.19 -33.40 -10.12
C LEU C 16 -28.28 -32.76 -9.09
N GLY C 17 -28.42 -31.45 -8.99
CA GLY C 17 -27.59 -30.63 -8.12
C GLY C 17 -28.16 -30.38 -6.76
N THR C 18 -27.30 -29.97 -5.80
CA THR C 18 -27.67 -29.68 -4.41
C THR C 18 -28.66 -28.51 -4.34
N THR C 19 -28.33 -27.39 -5.05
CA THR C 19 -29.17 -26.18 -5.04
C THR C 19 -29.98 -26.01 -6.35
N TYR C 20 -29.45 -26.44 -7.49
CA TYR C 20 -30.13 -26.31 -8.79
C TYR C 20 -29.92 -27.57 -9.63
N SER C 21 -30.86 -27.89 -10.51
CA SER C 21 -30.70 -28.98 -11.44
C SER C 21 -30.71 -28.43 -12.86
N CYS C 22 -30.16 -29.20 -13.80
CA CYS C 22 -29.97 -28.79 -15.17
C CYS C 22 -30.21 -29.96 -16.11
N VAL C 23 -30.89 -29.71 -17.23
CA VAL C 23 -31.15 -30.79 -18.18
C VAL C 23 -30.69 -30.37 -19.58
N GLY C 24 -29.98 -31.27 -20.24
CA GLY C 24 -29.46 -31.06 -21.58
C GLY C 24 -29.85 -32.18 -22.53
N VAL C 25 -29.83 -31.86 -23.82
CA VAL C 25 -30.12 -32.82 -24.88
C VAL C 25 -29.13 -32.64 -26.03
N PHE C 26 -28.57 -33.75 -26.52
CA PHE C 26 -27.68 -33.69 -27.68
C PHE C 26 -28.56 -33.84 -28.92
N GLN C 27 -28.55 -32.81 -29.76
N GLN C 27 -28.53 -32.81 -29.76
CA GLN C 27 -29.33 -32.77 -30.99
CA GLN C 27 -29.34 -32.74 -30.98
C GLN C 27 -28.61 -31.94 -32.03
C GLN C 27 -28.61 -31.93 -32.03
N HIS C 28 -28.65 -32.37 -33.29
CA HIS C 28 -28.02 -31.68 -34.42
C HIS C 28 -26.54 -31.42 -34.19
N GLY C 29 -25.83 -32.45 -33.76
CA GLY C 29 -24.39 -32.39 -33.45
C GLY C 29 -23.95 -31.47 -32.32
N LYS C 30 -24.89 -31.02 -31.46
CA LYS C 30 -24.55 -30.12 -30.35
C LYS C 30 -25.45 -30.34 -29.14
N VAL C 31 -24.97 -29.96 -27.95
CA VAL C 31 -25.77 -30.04 -26.72
C VAL C 31 -26.59 -28.75 -26.56
N GLU C 32 -27.86 -28.91 -26.25
CA GLU C 32 -28.72 -27.78 -25.98
C GLU C 32 -29.16 -27.89 -24.53
N ILE C 33 -28.84 -26.89 -23.72
CA ILE C 33 -29.28 -26.90 -22.33
C ILE C 33 -30.71 -26.40 -22.43
N ILE C 34 -31.63 -27.11 -21.79
CA ILE C 34 -33.04 -26.76 -21.87
C ILE C 34 -33.58 -25.80 -20.81
N ALA C 35 -34.16 -24.70 -21.28
CA ALA C 35 -34.77 -23.70 -20.42
C ALA C 35 -36.08 -24.26 -19.85
N ASN C 36 -36.39 -23.92 -18.60
CA ASN C 36 -37.63 -24.34 -17.95
C ASN C 36 -38.80 -23.42 -18.30
N ASP C 37 -40.01 -23.74 -17.83
CA ASP C 37 -41.20 -22.95 -18.12
C ASP C 37 -41.04 -21.44 -17.82
N GLN C 38 -40.14 -21.07 -16.89
CA GLN C 38 -39.85 -19.65 -16.57
C GLN C 38 -38.65 -19.10 -17.40
N GLY C 39 -38.16 -19.88 -18.36
CA GLY C 39 -37.05 -19.51 -19.24
C GLY C 39 -35.67 -19.65 -18.61
N ASN C 40 -35.58 -20.35 -17.46
CA ASN C 40 -34.33 -20.54 -16.74
C ASN C 40 -33.64 -21.83 -17.14
N ARG C 41 -32.34 -21.73 -17.46
CA ARG C 41 -31.51 -22.87 -17.88
C ARG C 41 -31.12 -23.79 -16.72
N THR C 42 -31.35 -23.34 -15.48
CA THR C 42 -31.20 -24.19 -14.28
C THR C 42 -32.48 -24.06 -13.48
N THR C 43 -32.84 -25.12 -12.75
CA THR C 43 -34.06 -25.18 -11.94
C THR C 43 -33.70 -25.42 -10.48
N PRO C 44 -34.18 -24.61 -9.52
CA PRO C 44 -33.89 -24.89 -8.12
C PRO C 44 -34.33 -26.29 -7.68
N SER C 45 -33.47 -26.93 -6.92
CA SER C 45 -33.69 -28.28 -6.40
C SER C 45 -34.58 -28.18 -5.13
N TYR C 46 -35.75 -27.54 -5.29
CA TYR C 46 -36.70 -27.16 -4.24
C TYR C 46 -38.06 -27.78 -4.46
N VAL C 47 -38.67 -28.25 -3.37
CA VAL C 47 -40.03 -28.78 -3.40
C VAL C 47 -40.76 -28.12 -2.22
N ALA C 48 -41.91 -27.50 -2.44
CA ALA C 48 -42.68 -26.85 -1.39
C ALA C 48 -44.04 -27.51 -1.23
N PHE C 49 -44.53 -27.58 0.02
CA PHE C 49 -45.84 -28.14 0.33
C PHE C 49 -46.68 -27.05 0.96
N THR C 50 -47.87 -26.75 0.38
CA THR C 50 -48.74 -25.71 0.92
C THR C 50 -50.05 -26.31 1.41
N ASP C 51 -51.01 -25.43 1.79
CA ASP C 51 -52.34 -25.83 2.22
C ASP C 51 -53.13 -26.44 1.05
N THR C 52 -52.80 -26.05 -0.19
CA THR C 52 -53.52 -26.56 -1.34
C THR C 52 -52.71 -27.24 -2.44
N GLU C 53 -51.39 -27.11 -2.43
CA GLU C 53 -50.60 -27.70 -3.51
C GLU C 53 -49.14 -28.00 -3.23
N ARG C 54 -48.54 -28.74 -4.16
CA ARG C 54 -47.13 -29.11 -4.12
C ARG C 54 -46.46 -28.31 -5.23
N LEU C 55 -45.37 -27.62 -4.90
CA LEU C 55 -44.66 -26.79 -5.85
C LEU C 55 -43.23 -27.28 -6.07
N ILE C 56 -42.76 -27.24 -7.31
CA ILE C 56 -41.42 -27.69 -7.65
C ILE C 56 -40.63 -26.60 -8.40
N GLY C 57 -39.33 -26.59 -8.19
CA GLY C 57 -38.42 -25.64 -8.81
C GLY C 57 -38.60 -24.16 -8.49
N ASP C 58 -38.63 -23.34 -9.53
CA ASP C 58 -38.77 -21.89 -9.37
C ASP C 58 -40.00 -21.54 -8.55
N ALA C 59 -41.14 -22.20 -8.80
CA ALA C 59 -42.39 -21.95 -8.06
C ALA C 59 -42.19 -22.26 -6.55
N ALA C 60 -41.37 -23.29 -6.23
CA ALA C 60 -41.10 -23.63 -4.83
C ALA C 60 -40.15 -22.62 -4.20
N LYS C 61 -39.03 -22.31 -4.89
CA LYS C 61 -38.07 -21.32 -4.38
C LYS C 61 -38.70 -19.90 -4.24
N ASN C 62 -39.60 -19.51 -5.15
CA ASN C 62 -40.23 -18.19 -5.15
C ASN C 62 -41.08 -17.91 -3.90
N GLN C 63 -41.51 -18.96 -3.14
CA GLN C 63 -42.32 -18.77 -1.93
C GLN C 63 -41.61 -19.23 -0.62
N VAL C 64 -40.30 -19.51 -0.66
CA VAL C 64 -39.52 -19.96 0.51
C VAL C 64 -39.66 -18.94 1.71
N ALA C 65 -39.61 -17.61 1.46
CA ALA C 65 -39.74 -16.60 2.53
C ALA C 65 -41.15 -16.64 3.16
N MET C 66 -42.14 -16.92 2.34
CA MET C 66 -43.53 -17.08 2.75
C MET C 66 -43.82 -18.35 3.56
N ASN C 67 -43.21 -19.45 3.16
CA ASN C 67 -43.42 -20.77 3.78
C ASN C 67 -42.10 -21.50 4.05
N PRO C 68 -41.28 -21.00 4.96
CA PRO C 68 -39.97 -21.60 5.24
C PRO C 68 -39.95 -23.04 5.78
N THR C 69 -40.86 -23.40 6.68
CA THR C 69 -40.91 -24.74 7.25
C THR C 69 -41.32 -25.89 6.29
N ASN C 70 -42.19 -25.60 5.33
CA ASN C 70 -42.66 -26.61 4.38
C ASN C 70 -42.03 -26.62 2.97
N THR C 71 -40.93 -25.88 2.83
CA THR C 71 -40.15 -25.74 1.60
C THR C 71 -38.84 -26.52 1.80
N VAL C 72 -38.74 -27.66 1.12
CA VAL C 72 -37.59 -28.56 1.20
C VAL C 72 -36.58 -28.27 0.09
N PHE C 73 -35.29 -28.27 0.46
CA PHE C 73 -34.15 -28.10 -0.42
C PHE C 73 -33.02 -28.92 0.20
N ASP C 74 -31.86 -29.01 -0.47
CA ASP C 74 -30.69 -29.75 0.03
C ASP C 74 -30.93 -31.26 0.27
N ALA C 75 -31.95 -31.88 -0.39
CA ALA C 75 -32.24 -33.30 -0.24
C ALA C 75 -31.03 -34.16 -0.66
N LYS C 76 -30.17 -33.61 -1.54
CA LYS C 76 -28.93 -34.26 -1.99
C LYS C 76 -27.94 -34.45 -0.82
N ARG C 77 -28.01 -33.55 0.15
CA ARG C 77 -27.18 -33.65 1.35
C ARG C 77 -27.61 -34.87 2.18
N LEU C 78 -28.90 -35.16 2.19
CA LEU C 78 -29.47 -36.29 2.92
C LEU C 78 -29.61 -37.62 2.19
N ILE C 79 -29.61 -37.61 0.86
CA ILE C 79 -29.85 -38.83 0.10
C ILE C 79 -28.84 -39.95 0.35
N GLY C 80 -29.37 -41.17 0.51
CA GLY C 80 -28.58 -42.36 0.79
C GLY C 80 -27.90 -42.38 2.15
N ARG C 81 -28.16 -41.37 3.01
CA ARG C 81 -27.51 -41.33 4.33
C ARG C 81 -28.35 -41.89 5.46
N ARG C 82 -27.69 -42.33 6.53
CA ARG C 82 -28.33 -42.79 7.76
C ARG C 82 -28.66 -41.54 8.56
N PHE C 83 -29.72 -41.56 9.37
CA PHE C 83 -30.11 -40.41 10.20
C PHE C 83 -28.98 -39.91 11.12
N ASP C 84 -28.23 -40.85 11.69
CA ASP C 84 -27.16 -40.56 12.64
C ASP C 84 -25.84 -40.12 12.00
N ASP C 85 -25.81 -40.05 10.68
CA ASP C 85 -24.62 -39.64 9.95
C ASP C 85 -24.29 -38.23 10.47
N ALA C 86 -23.00 -37.95 10.64
CA ALA C 86 -22.56 -36.66 11.18
C ALA C 86 -23.02 -35.50 10.30
N VAL C 87 -22.97 -35.71 9.00
CA VAL C 87 -23.40 -34.73 7.97
C VAL C 87 -24.87 -34.37 8.14
N VAL C 88 -25.74 -35.39 8.36
CA VAL C 88 -27.17 -35.19 8.60
C VAL C 88 -27.39 -34.36 9.88
N GLN C 89 -26.72 -34.75 10.97
CA GLN C 89 -26.84 -34.08 12.26
C GLN C 89 -26.36 -32.63 12.23
N SER C 90 -25.24 -32.35 11.53
CA SER C 90 -24.71 -31.01 11.43
C SER C 90 -25.59 -30.12 10.52
N ASP C 91 -25.99 -30.65 9.36
CA ASP C 91 -26.83 -29.94 8.40
C ASP C 91 -28.24 -29.54 8.85
N MET C 92 -28.92 -30.41 9.59
CA MET C 92 -30.28 -30.13 10.02
C MET C 92 -30.44 -28.91 10.94
N LYS C 93 -29.39 -28.56 11.64
CA LYS C 93 -29.40 -27.42 12.52
C LYS C 93 -29.71 -26.14 11.75
N HIS C 94 -29.23 -26.07 10.52
CA HIS C 94 -29.42 -24.90 9.65
C HIS C 94 -30.64 -24.93 8.72
N TRP C 95 -31.40 -26.02 8.72
CA TRP C 95 -32.59 -26.12 7.86
C TRP C 95 -33.84 -25.70 8.60
N PRO C 96 -34.74 -24.92 7.94
CA PRO C 96 -35.98 -24.51 8.64
C PRO C 96 -37.02 -25.65 8.66
N PHE C 97 -36.90 -26.65 7.75
CA PHE C 97 -37.82 -27.79 7.69
C PHE C 97 -37.28 -28.87 8.67
N MET C 98 -38.17 -29.74 9.16
CA MET C 98 -37.84 -30.81 10.08
C MET C 98 -37.30 -32.04 9.37
N VAL C 99 -36.30 -32.68 10.00
CA VAL C 99 -35.72 -33.94 9.54
C VAL C 99 -35.94 -34.90 10.70
N VAL C 100 -36.67 -36.00 10.45
CA VAL C 100 -37.02 -37.00 11.47
C VAL C 100 -36.35 -38.35 11.20
N ASN C 101 -36.27 -39.18 12.24
CA ASN C 101 -35.67 -40.48 12.14
C ASN C 101 -36.76 -41.54 11.97
N ASP C 102 -36.67 -42.32 10.90
CA ASP C 102 -37.60 -43.42 10.66
C ASP C 102 -36.77 -44.69 10.53
N ALA C 103 -36.66 -45.44 11.64
CA ALA C 103 -35.89 -46.69 11.76
C ALA C 103 -34.43 -46.57 11.22
N GLY C 104 -33.76 -45.47 11.58
CA GLY C 104 -32.37 -45.23 11.22
C GLY C 104 -32.19 -44.43 9.94
N ARG C 105 -33.30 -44.18 9.23
CA ARG C 105 -33.30 -43.43 7.98
C ARG C 105 -33.88 -42.02 8.16
N PRO C 106 -33.24 -41.00 7.58
CA PRO C 106 -33.81 -39.64 7.67
C PRO C 106 -34.99 -39.44 6.72
N LYS C 107 -35.98 -38.65 7.18
CA LYS C 107 -37.14 -38.25 6.40
C LYS C 107 -37.39 -36.77 6.63
N VAL C 108 -37.82 -36.04 5.60
CA VAL C 108 -38.20 -34.65 5.77
C VAL C 108 -39.66 -34.64 6.23
N GLN C 109 -39.97 -33.88 7.27
CA GLN C 109 -41.35 -33.79 7.79
C GLN C 109 -41.90 -32.42 7.52
N VAL C 110 -43.05 -32.36 6.83
CA VAL C 110 -43.70 -31.10 6.44
C VAL C 110 -45.20 -31.14 6.71
N GLU C 111 -45.84 -29.96 6.64
CA GLU C 111 -47.28 -29.81 6.68
C GLU C 111 -47.67 -29.68 5.19
N TYR C 112 -48.62 -30.53 4.76
CA TYR C 112 -49.06 -30.58 3.38
C TYR C 112 -50.55 -30.81 3.38
N LYS C 113 -51.30 -29.80 2.89
CA LYS C 113 -52.77 -29.79 2.86
C LYS C 113 -53.40 -29.99 4.27
N GLY C 114 -52.77 -29.34 5.26
CA GLY C 114 -53.22 -29.39 6.65
C GLY C 114 -52.88 -30.67 7.40
N GLU C 115 -52.10 -31.58 6.78
CA GLU C 115 -51.72 -32.88 7.34
C GLU C 115 -50.19 -32.98 7.45
N THR C 116 -49.70 -33.67 8.48
CA THR C 116 -48.27 -33.89 8.67
C THR C 116 -47.86 -35.05 7.76
N LYS C 117 -46.91 -34.79 6.84
CA LYS C 117 -46.41 -35.79 5.91
C LYS C 117 -44.90 -35.85 5.98
N SER C 118 -44.35 -37.06 5.80
CA SER C 118 -42.90 -37.29 5.78
C SER C 118 -42.48 -37.91 4.47
N PHE C 119 -41.29 -37.51 3.95
CA PHE C 119 -40.75 -38.01 2.69
C PHE C 119 -39.30 -38.41 2.80
N TYR C 120 -38.95 -39.55 2.17
CA TYR C 120 -37.58 -40.00 2.08
C TYR C 120 -36.84 -39.02 1.14
N PRO C 121 -35.53 -38.77 1.33
CA PRO C 121 -34.83 -37.85 0.40
C PRO C 121 -34.94 -38.21 -1.08
N GLU C 122 -34.96 -39.54 -1.42
CA GLU C 122 -35.14 -40.01 -2.81
C GLU C 122 -36.54 -39.68 -3.36
N GLU C 123 -37.56 -39.53 -2.48
CA GLU C 123 -38.89 -39.14 -2.94
C GLU C 123 -38.86 -37.67 -3.33
N VAL C 124 -38.16 -36.83 -2.54
CA VAL C 124 -38.00 -35.40 -2.80
C VAL C 124 -37.20 -35.24 -4.12
N SER C 125 -36.11 -36.00 -4.25
CA SER C 125 -35.27 -35.95 -5.46
C SER C 125 -36.01 -36.46 -6.71
N SER C 126 -36.93 -37.43 -6.53
CA SER C 126 -37.76 -37.93 -7.64
C SER C 126 -38.70 -36.83 -8.15
N MET C 127 -39.17 -35.93 -7.25
CA MET C 127 -40.06 -34.82 -7.61
C MET C 127 -39.30 -33.80 -8.44
N VAL C 128 -38.01 -33.55 -8.08
CA VAL C 128 -37.14 -32.64 -8.85
C VAL C 128 -36.83 -33.30 -10.23
N LEU C 129 -36.57 -34.62 -10.22
CA LEU C 129 -36.31 -35.37 -11.47
C LEU C 129 -37.51 -35.41 -12.39
N THR C 130 -38.72 -35.54 -11.83
CA THR C 130 -39.99 -35.47 -12.59
C THR C 130 -40.07 -34.09 -13.26
N LYS C 131 -39.73 -33.02 -12.53
CA LYS C 131 -39.75 -31.66 -13.10
C LYS C 131 -38.75 -31.52 -14.27
N MET C 132 -37.53 -32.06 -14.12
CA MET C 132 -36.51 -32.03 -15.17
C MET C 132 -36.97 -32.80 -16.42
N LYS C 133 -37.64 -33.94 -16.22
CA LYS C 133 -38.19 -34.79 -17.27
C LYS C 133 -39.27 -33.98 -18.04
N GLU C 134 -40.14 -33.26 -17.29
CA GLU C 134 -41.22 -32.44 -17.86
C GLU C 134 -40.66 -31.26 -18.64
N ILE C 135 -39.58 -30.64 -18.11
CA ILE C 135 -38.87 -29.51 -18.74
C ILE C 135 -38.37 -29.95 -20.12
N ALA C 136 -37.75 -31.14 -20.20
CA ALA C 136 -37.25 -31.74 -21.44
C ALA C 136 -38.39 -32.03 -22.43
N GLU C 137 -39.50 -32.65 -21.96
CA GLU C 137 -40.69 -32.96 -22.76
C GLU C 137 -41.37 -31.71 -23.33
N ALA C 138 -41.46 -30.62 -22.54
CA ALA C 138 -42.09 -29.37 -22.96
C ALA C 138 -41.31 -28.71 -24.12
N TYR C 139 -39.97 -28.80 -24.07
CA TYR C 139 -39.12 -28.21 -25.11
C TYR C 139 -39.11 -29.07 -26.40
N LEU C 140 -38.97 -30.38 -26.22
CA LEU C 140 -38.86 -31.32 -27.34
C LEU C 140 -40.17 -31.62 -28.04
N GLY C 141 -41.28 -31.48 -27.31
CA GLY C 141 -42.61 -31.84 -27.81
C GLY C 141 -42.71 -33.34 -28.03
N LYS C 142 -41.90 -34.11 -27.26
CA LYS C 142 -41.84 -35.58 -27.32
C LYS C 142 -41.67 -36.13 -25.91
N THR C 143 -42.02 -37.41 -25.70
CA THR C 143 -41.91 -38.10 -24.42
C THR C 143 -40.41 -38.36 -24.11
N VAL C 144 -40.00 -38.12 -22.86
CA VAL C 144 -38.63 -38.33 -22.39
C VAL C 144 -38.66 -39.40 -21.30
N THR C 145 -37.94 -40.53 -21.51
CA THR C 145 -37.87 -41.66 -20.55
C THR C 145 -36.41 -41.98 -20.19
N ASN C 146 -35.49 -41.94 -21.16
CA ASN C 146 -34.09 -42.29 -20.97
C ASN C 146 -33.24 -41.12 -20.54
N ALA C 147 -32.44 -41.33 -19.50
CA ALA C 147 -31.58 -40.27 -19.02
C ALA C 147 -30.33 -40.77 -18.31
N VAL C 148 -29.33 -39.91 -18.30
CA VAL C 148 -28.10 -40.19 -17.61
C VAL C 148 -28.14 -39.18 -16.47
N VAL C 149 -27.99 -39.67 -15.25
CA VAL C 149 -28.03 -38.82 -14.08
C VAL C 149 -26.68 -38.78 -13.39
N THR C 150 -26.22 -37.60 -13.03
CA THR C 150 -24.92 -37.44 -12.39
C THR C 150 -24.93 -37.43 -10.85
N VAL C 151 -23.81 -37.86 -10.27
CA VAL C 151 -23.61 -37.89 -8.82
C VAL C 151 -22.18 -37.48 -8.48
N PRO C 152 -21.94 -37.00 -7.27
CA PRO C 152 -20.57 -36.62 -6.89
C PRO C 152 -19.67 -37.86 -6.88
N ALA C 153 -18.40 -37.69 -7.19
CA ALA C 153 -17.49 -38.85 -7.24
C ALA C 153 -17.30 -39.53 -5.89
N TYR C 154 -17.53 -38.79 -4.78
CA TYR C 154 -17.39 -39.34 -3.40
C TYR C 154 -18.63 -40.08 -2.92
N PHE C 155 -19.75 -40.06 -3.70
CA PHE C 155 -20.97 -40.76 -3.27
C PHE C 155 -20.70 -42.25 -3.05
N ASN C 156 -21.26 -42.80 -1.96
CA ASN C 156 -21.14 -44.21 -1.61
C ASN C 156 -22.22 -45.06 -2.28
N ASP C 157 -22.18 -46.37 -2.06
CA ASP C 157 -23.15 -47.31 -2.67
C ASP C 157 -24.58 -46.90 -2.38
N SER C 158 -24.87 -46.60 -1.11
CA SER C 158 -26.19 -46.19 -0.62
C SER C 158 -26.62 -44.86 -1.28
N GLN C 159 -25.70 -43.90 -1.38
CA GLN C 159 -26.00 -42.59 -1.98
C GLN C 159 -26.27 -42.68 -3.49
N ARG C 160 -25.55 -43.60 -4.18
CA ARG C 160 -25.69 -43.88 -5.61
C ARG C 160 -27.01 -44.63 -5.86
N GLN C 161 -27.31 -45.68 -5.06
CA GLN C 161 -28.56 -46.45 -5.17
C GLN C 161 -29.80 -45.58 -4.95
N ALA C 162 -29.80 -44.76 -3.88
CA ALA C 162 -30.88 -43.82 -3.57
C ALA C 162 -31.14 -42.80 -4.71
N THR C 163 -30.08 -42.36 -5.40
CA THR C 163 -30.22 -41.45 -6.56
C THR C 163 -30.92 -42.19 -7.72
N LYS C 164 -30.46 -43.42 -8.02
CA LYS C 164 -31.03 -44.27 -9.08
C LYS C 164 -32.53 -44.53 -8.78
N ASP C 165 -32.86 -44.83 -7.50
CA ASP C 165 -34.23 -45.04 -7.01
C ASP C 165 -35.09 -43.77 -7.25
N ALA C 166 -34.51 -42.57 -7.06
CA ALA C 166 -35.22 -41.30 -7.32
C ALA C 166 -35.58 -41.23 -8.83
N GLY C 167 -34.65 -41.66 -9.69
CA GLY C 167 -34.85 -41.74 -11.14
C GLY C 167 -35.99 -42.69 -11.48
N THR C 168 -35.98 -43.89 -10.87
CA THR C 168 -37.01 -44.92 -11.04
C THR C 168 -38.41 -44.45 -10.60
N ILE C 169 -38.49 -43.80 -9.44
CA ILE C 169 -39.75 -43.27 -8.95
C ILE C 169 -40.31 -42.22 -9.91
N ALA C 170 -39.42 -41.38 -10.44
CA ALA C 170 -39.76 -40.33 -11.39
C ALA C 170 -40.19 -40.85 -12.79
N GLY C 171 -40.17 -42.17 -13.01
CA GLY C 171 -40.53 -42.77 -14.30
C GLY C 171 -39.41 -42.71 -15.33
N LEU C 172 -38.16 -42.53 -14.88
CA LEU C 172 -37.01 -42.49 -15.79
C LEU C 172 -36.31 -43.84 -15.88
N ASN C 173 -35.79 -44.14 -17.07
CA ASN C 173 -34.94 -45.30 -17.34
C ASN C 173 -33.53 -44.70 -17.28
N VAL C 174 -32.85 -44.91 -16.13
CA VAL C 174 -31.52 -44.38 -15.87
C VAL C 174 -30.49 -45.22 -16.65
N LEU C 175 -30.03 -44.70 -17.82
CA LEU C 175 -29.06 -45.37 -18.69
C LEU C 175 -27.75 -45.60 -17.96
N ARG C 176 -27.33 -44.62 -17.18
CA ARG C 176 -26.13 -44.74 -16.38
C ARG C 176 -26.09 -43.66 -15.31
N ILE C 177 -25.34 -43.94 -14.25
CA ILE C 177 -25.14 -42.98 -13.19
C ILE C 177 -23.67 -42.68 -13.40
N ILE C 178 -23.33 -41.43 -13.65
CA ILE C 178 -21.94 -41.09 -13.87
C ILE C 178 -21.49 -40.00 -12.94
N ASN C 179 -20.21 -40.01 -12.63
CA ASN C 179 -19.64 -39.02 -11.73
C ASN C 179 -19.70 -37.65 -12.35
N GLU C 180 -20.08 -36.64 -11.56
CA GLU C 180 -20.10 -35.25 -12.01
C GLU C 180 -18.73 -34.83 -12.65
N PRO C 181 -17.54 -35.07 -12.02
CA PRO C 181 -16.27 -34.71 -12.68
C PRO C 181 -16.04 -35.41 -14.01
N THR C 182 -16.53 -36.69 -14.14
CA THR C 182 -16.45 -37.48 -15.38
C THR C 182 -17.30 -36.82 -16.47
N ALA C 183 -18.52 -36.37 -16.11
CA ALA C 183 -19.40 -35.64 -17.03
C ALA C 183 -18.71 -34.37 -17.52
N ALA C 184 -18.08 -33.59 -16.60
CA ALA C 184 -17.37 -32.36 -16.95
C ALA C 184 -16.21 -32.66 -17.93
N ALA C 185 -15.47 -33.80 -17.73
CA ALA C 185 -14.40 -34.24 -18.61
C ALA C 185 -14.97 -34.61 -19.99
N ILE C 186 -16.12 -35.30 -20.05
CA ILE C 186 -16.81 -35.69 -21.29
C ILE C 186 -17.26 -34.42 -22.08
N ALA C 187 -17.81 -33.40 -21.38
CA ALA C 187 -18.28 -32.15 -22.00
C ALA C 187 -17.17 -31.51 -22.84
N TYR C 188 -15.91 -31.56 -22.33
CA TYR C 188 -14.73 -31.03 -23.00
C TYR C 188 -14.05 -32.00 -23.99
N GLY C 189 -14.62 -33.19 -24.15
CA GLY C 189 -14.08 -34.23 -25.03
C GLY C 189 -12.69 -34.71 -24.65
N LEU C 190 -12.37 -34.67 -23.34
CA LEU C 190 -11.04 -35.07 -22.83
C LEU C 190 -10.74 -36.56 -23.03
N ASP C 191 -11.79 -37.40 -23.14
CA ASP C 191 -11.72 -38.86 -23.37
C ASP C 191 -11.56 -39.20 -24.87
N LYS C 192 -11.59 -38.17 -25.72
CA LYS C 192 -11.43 -38.31 -27.17
C LYS C 192 -10.04 -37.85 -27.64
N LYS C 193 -9.23 -37.25 -26.73
CA LYS C 193 -7.88 -36.80 -27.07
C LYS C 193 -6.96 -38.01 -27.24
N VAL C 194 -6.23 -38.02 -28.35
CA VAL C 194 -5.34 -39.13 -28.71
C VAL C 194 -4.07 -39.11 -27.83
N GLY C 195 -3.43 -40.26 -27.71
CA GLY C 195 -2.19 -40.35 -26.94
C GLY C 195 -2.23 -41.24 -25.73
N ALA C 196 -1.27 -41.02 -24.81
CA ALA C 196 -1.13 -41.77 -23.56
C ALA C 196 -2.20 -41.39 -22.53
N GLU C 197 -2.16 -42.02 -21.34
CA GLU C 197 -3.15 -41.72 -20.32
C GLU C 197 -3.05 -40.26 -19.82
N ARG C 198 -4.19 -39.60 -19.63
CA ARG C 198 -4.12 -38.23 -19.16
C ARG C 198 -4.73 -38.06 -17.79
N ASN C 199 -4.06 -37.20 -16.99
CA ASN C 199 -4.47 -36.83 -15.64
C ASN C 199 -5.24 -35.55 -15.72
N VAL C 200 -6.47 -35.57 -15.19
CA VAL C 200 -7.41 -34.46 -15.27
C VAL C 200 -7.79 -33.97 -13.87
N LEU C 201 -7.72 -32.66 -13.66
CA LEU C 201 -8.18 -32.05 -12.41
C LEU C 201 -9.47 -31.29 -12.71
N ILE C 202 -10.53 -31.61 -11.98
CA ILE C 202 -11.80 -30.94 -12.14
C ILE C 202 -11.96 -30.03 -10.93
N PHE C 203 -12.09 -28.73 -11.18
CA PHE C 203 -12.25 -27.76 -10.12
C PHE C 203 -13.73 -27.38 -10.17
N ASP C 204 -14.48 -27.80 -9.16
CA ASP C 204 -15.90 -27.51 -9.13
C ASP C 204 -16.27 -26.65 -7.92
N LEU C 205 -16.58 -25.38 -8.20
CA LEU C 205 -16.98 -24.42 -7.19
C LEU C 205 -18.33 -23.83 -7.56
N GLY C 206 -19.37 -24.46 -7.06
CA GLY C 206 -20.75 -24.07 -7.34
C GLY C 206 -21.77 -24.97 -6.68
N GLY C 207 -22.98 -24.45 -6.51
CA GLY C 207 -24.07 -25.17 -5.87
C GLY C 207 -23.84 -25.43 -4.39
N GLY C 208 -23.21 -24.48 -3.72
CA GLY C 208 -22.93 -24.51 -2.29
C GLY C 208 -21.89 -25.50 -1.79
N THR C 209 -21.17 -26.16 -2.71
CA THR C 209 -20.10 -27.11 -2.36
C THR C 209 -18.86 -26.81 -3.23
N PHE C 210 -17.71 -27.20 -2.73
CA PHE C 210 -16.45 -27.07 -3.45
C PHE C 210 -15.88 -28.49 -3.59
N ASP C 211 -15.78 -29.01 -4.83
CA ASP C 211 -15.25 -30.34 -5.10
C ASP C 211 -14.07 -30.31 -6.02
N VAL C 212 -12.97 -30.93 -5.59
CA VAL C 212 -11.77 -31.09 -6.41
C VAL C 212 -11.64 -32.58 -6.67
N SER C 213 -11.61 -32.98 -7.95
CA SER C 213 -11.43 -34.40 -8.29
C SER C 213 -10.28 -34.57 -9.26
N ILE C 214 -9.51 -35.65 -9.12
CA ILE C 214 -8.45 -35.99 -10.04
C ILE C 214 -8.80 -37.32 -10.70
N LEU C 215 -8.92 -37.29 -12.03
CA LEU C 215 -9.22 -38.49 -12.84
C LEU C 215 -8.07 -38.85 -13.75
N THR C 216 -8.02 -40.12 -14.17
CA THR C 216 -7.10 -40.60 -15.19
C THR C 216 -7.95 -41.12 -16.35
N ILE C 217 -7.64 -40.73 -17.58
CA ILE C 217 -8.37 -41.20 -18.75
C ILE C 217 -7.40 -41.95 -19.64
N GLU C 218 -7.67 -43.21 -19.91
CA GLU C 218 -6.85 -44.03 -20.78
C GLU C 218 -7.75 -44.82 -21.73
N ASP C 219 -7.64 -44.53 -23.05
CA ASP C 219 -8.42 -45.19 -24.10
C ASP C 219 -9.95 -45.19 -23.79
N GLY C 220 -10.50 -44.04 -23.43
CA GLY C 220 -11.91 -43.94 -23.12
C GLY C 220 -12.33 -44.52 -21.79
N ILE C 221 -11.37 -44.82 -20.92
CA ILE C 221 -11.67 -45.38 -19.61
C ILE C 221 -11.30 -44.39 -18.52
N PHE C 222 -12.23 -44.15 -17.62
CA PHE C 222 -12.04 -43.20 -16.53
C PHE C 222 -11.80 -43.87 -15.17
N GLU C 223 -10.90 -43.30 -14.40
CA GLU C 223 -10.62 -43.78 -13.05
C GLU C 223 -10.53 -42.58 -12.12
N VAL C 224 -11.25 -42.63 -11.01
CA VAL C 224 -11.20 -41.57 -9.99
C VAL C 224 -9.96 -41.87 -9.12
N LYS C 225 -8.96 -41.00 -9.17
CA LYS C 225 -7.72 -41.16 -8.43
C LYS C 225 -7.80 -40.57 -7.03
N SER C 226 -8.48 -39.41 -6.87
CA SER C 226 -8.64 -38.72 -5.59
C SER C 226 -9.73 -37.65 -5.63
N THR C 227 -10.28 -37.34 -4.45
CA THR C 227 -11.34 -36.33 -4.25
C THR C 227 -10.98 -35.54 -2.98
N ALA C 228 -11.30 -34.24 -3.00
CA ALA C 228 -11.07 -33.31 -1.90
C ALA C 228 -12.03 -32.13 -2.05
N GLY C 229 -12.05 -31.23 -1.06
CA GLY C 229 -12.89 -30.05 -1.11
C GLY C 229 -13.41 -29.59 0.22
N ASP C 230 -14.43 -28.73 0.13
CA ASP C 230 -15.14 -28.16 1.27
C ASP C 230 -16.63 -28.33 0.94
N THR C 231 -17.35 -29.04 1.81
CA THR C 231 -18.77 -29.29 1.62
C THR C 231 -19.71 -28.08 1.68
N HIS C 232 -19.33 -27.08 2.46
CA HIS C 232 -20.14 -25.88 2.64
C HIS C 232 -19.54 -24.57 2.14
N LEU C 233 -18.86 -24.60 1.00
CA LEU C 233 -18.23 -23.41 0.45
C LEU C 233 -18.86 -23.09 -0.88
N GLY C 234 -19.22 -21.83 -1.05
CA GLY C 234 -19.81 -21.37 -2.30
C GLY C 234 -19.97 -19.88 -2.38
N GLY C 235 -20.69 -19.44 -3.41
CA GLY C 235 -20.98 -18.06 -3.69
C GLY C 235 -21.60 -17.29 -2.54
N GLU C 236 -22.41 -17.94 -1.69
CA GLU C 236 -23.05 -17.31 -0.51
C GLU C 236 -22.02 -16.77 0.48
N ASP C 237 -20.89 -17.49 0.68
CA ASP C 237 -19.78 -17.06 1.55
C ASP C 237 -19.17 -15.76 1.02
N PHE C 238 -19.01 -15.66 -0.29
CA PHE C 238 -18.48 -14.47 -0.93
C PHE C 238 -19.46 -13.32 -0.75
N ASP C 239 -20.74 -13.63 -0.88
CA ASP C 239 -21.82 -12.66 -0.72
C ASP C 239 -21.86 -12.10 0.70
N ASN C 240 -21.65 -12.97 1.67
CA ASN C 240 -21.67 -12.58 3.07
C ASN C 240 -20.59 -11.55 3.34
N ARG C 241 -19.43 -11.77 2.73
CA ARG C 241 -18.29 -10.86 2.85
C ARG C 241 -18.63 -9.48 2.31
N MET C 242 -19.27 -9.39 1.12
N MET C 242 -19.28 -9.39 1.14
CA MET C 242 -19.67 -8.09 0.57
CA MET C 242 -19.72 -8.12 0.53
C MET C 242 -20.74 -7.45 1.45
C MET C 242 -20.75 -7.46 1.42
N VAL C 243 -21.72 -8.25 1.97
CA VAL C 243 -22.79 -7.78 2.86
C VAL C 243 -22.18 -7.13 4.12
N ASN C 244 -21.23 -7.82 4.79
CA ASN C 244 -20.52 -7.30 5.96
C ASN C 244 -19.75 -6.01 5.65
N HIS C 245 -19.13 -5.97 4.47
CA HIS C 245 -18.39 -4.80 4.06
C HIS C 245 -19.33 -3.59 3.95
N PHE C 246 -20.48 -3.81 3.31
CA PHE C 246 -21.48 -2.76 3.17
C PHE C 246 -22.15 -2.31 4.47
N ILE C 247 -22.42 -3.27 5.36
CA ILE C 247 -23.04 -2.96 6.65
C ILE C 247 -22.11 -2.05 7.45
N ALA C 248 -20.82 -2.36 7.40
CA ALA C 248 -19.74 -1.57 8.05
C ALA C 248 -19.63 -0.20 7.39
N GLU C 249 -19.75 -0.14 6.04
CA GLU C 249 -19.72 1.14 5.29
C GLU C 249 -20.94 2.04 5.66
N PHE C 250 -22.13 1.46 5.80
CA PHE C 250 -23.34 2.21 6.18
C PHE C 250 -23.19 2.76 7.61
N LYS C 251 -22.61 1.95 8.54
CA LYS C 251 -22.29 2.37 9.90
C LYS C 251 -21.32 3.57 9.87
N ARG C 252 -20.23 3.50 9.08
CA ARG C 252 -19.25 4.58 9.02
C ARG C 252 -19.82 5.89 8.49
N LYS C 253 -20.58 5.81 7.39
CA LYS C 253 -21.18 6.97 6.72
C LYS C 253 -22.41 7.56 7.45
N HIS C 254 -23.30 6.72 7.97
CA HIS C 254 -24.52 7.20 8.62
C HIS C 254 -24.71 6.95 10.12
N LYS C 255 -23.76 6.26 10.74
CA LYS C 255 -23.77 5.91 12.15
C LYS C 255 -25.08 5.20 12.52
N LYS C 256 -25.54 4.33 11.58
CA LYS C 256 -26.74 3.52 11.73
C LYS C 256 -26.48 2.08 11.40
N ASP C 257 -27.06 1.20 12.20
CA ASP C 257 -26.91 -0.24 12.08
C ASP C 257 -28.17 -0.82 11.41
N ILE C 258 -28.03 -1.29 10.16
CA ILE C 258 -29.14 -1.87 9.39
C ILE C 258 -29.32 -3.40 9.61
N SER C 259 -28.34 -4.04 10.28
CA SER C 259 -28.28 -5.50 10.39
C SER C 259 -29.48 -6.15 11.13
N GLU C 260 -30.27 -5.41 11.93
CA GLU C 260 -31.43 -6.01 12.60
C GLU C 260 -32.73 -5.85 11.80
N ASN C 261 -32.70 -5.07 10.72
CA ASN C 261 -33.85 -4.93 9.85
C ASN C 261 -33.71 -5.96 8.70
N LYS C 262 -34.51 -7.04 8.74
CA LYS C 262 -34.39 -8.16 7.78
C LYS C 262 -34.55 -7.77 6.32
N ARG C 263 -35.50 -6.84 6.05
CA ARG C 263 -35.79 -6.36 4.70
C ARG C 263 -34.63 -5.56 4.14
N ALA C 264 -34.00 -4.73 4.98
CA ALA C 264 -32.86 -3.89 4.55
C ALA C 264 -31.71 -4.82 4.21
N VAL C 265 -31.44 -5.82 5.09
CA VAL C 265 -30.36 -6.79 4.87
C VAL C 265 -30.64 -7.60 3.59
N ARG C 266 -31.89 -7.99 3.36
CA ARG C 266 -32.24 -8.72 2.13
C ARG C 266 -31.99 -7.85 0.87
N ARG C 267 -32.45 -6.56 0.86
CA ARG C 267 -32.26 -5.69 -0.29
C ARG C 267 -30.76 -5.53 -0.59
N LEU C 268 -29.95 -5.38 0.47
CA LEU C 268 -28.50 -5.27 0.34
C LEU C 268 -27.86 -6.58 -0.20
N ARG C 269 -28.24 -7.75 0.37
CA ARG C 269 -27.76 -9.05 -0.06
C ARG C 269 -28.06 -9.34 -1.55
N THR C 270 -29.28 -9.04 -1.98
CA THR C 270 -29.70 -9.20 -3.38
C THR C 270 -28.86 -8.33 -4.30
N ALA C 271 -28.61 -7.06 -3.90
CA ALA C 271 -27.81 -6.13 -4.70
C ALA C 271 -26.37 -6.62 -4.75
N CYS C 272 -25.85 -7.20 -3.65
CA CYS C 272 -24.48 -7.73 -3.58
C CYS C 272 -24.27 -8.93 -4.51
N GLU C 273 -25.26 -9.85 -4.57
CA GLU C 273 -25.23 -11.05 -5.43
C GLU C 273 -25.07 -10.62 -6.90
N ARG C 274 -25.80 -9.55 -7.28
CA ARG C 274 -25.81 -8.99 -8.63
C ARG C 274 -24.46 -8.29 -8.93
N ALA C 275 -23.96 -7.48 -7.98
CA ALA C 275 -22.69 -6.77 -8.07
C ALA C 275 -21.52 -7.75 -8.23
N LYS C 276 -21.54 -8.85 -7.48
CA LYS C 276 -20.53 -9.91 -7.59
C LYS C 276 -20.46 -10.44 -9.03
N ARG C 277 -21.62 -10.75 -9.62
CA ARG C 277 -21.72 -11.22 -11.01
C ARG C 277 -21.14 -10.22 -12.00
N THR C 278 -21.43 -8.92 -11.79
CA THR C 278 -20.90 -7.82 -12.60
C THR C 278 -19.37 -7.78 -12.53
N LEU C 279 -18.83 -7.97 -11.30
CA LEU C 279 -17.39 -7.99 -11.03
C LEU C 279 -16.65 -9.14 -11.73
N SER C 280 -17.37 -10.11 -12.32
CA SER C 280 -16.71 -11.17 -13.07
C SER C 280 -16.41 -10.69 -14.50
N SER C 281 -17.13 -9.65 -14.99
CA SER C 281 -16.92 -9.08 -16.34
C SER C 281 -16.45 -7.60 -16.35
N SER C 282 -16.63 -6.84 -15.24
CA SER C 282 -16.22 -5.42 -15.14
C SER C 282 -15.33 -5.28 -13.93
N THR C 283 -14.58 -4.20 -13.84
CA THR C 283 -13.67 -3.98 -12.71
C THR C 283 -14.35 -3.22 -11.56
N GLN C 284 -15.61 -2.85 -11.74
CA GLN C 284 -16.37 -2.10 -10.75
C GLN C 284 -17.85 -2.38 -10.95
N ALA C 285 -18.62 -2.33 -9.87
CA ALA C 285 -20.08 -2.47 -9.87
C ALA C 285 -20.67 -1.36 -9.01
N SER C 286 -21.73 -0.70 -9.51
CA SER C 286 -22.45 0.36 -8.79
C SER C 286 -23.76 -0.20 -8.19
N ILE C 287 -24.17 0.34 -7.04
CA ILE C 287 -25.38 -0.06 -6.31
C ILE C 287 -26.14 1.19 -5.90
N GLU C 288 -27.43 1.26 -6.26
CA GLU C 288 -28.29 2.37 -5.87
C GLU C 288 -29.54 1.78 -5.21
N ILE C 289 -29.62 1.94 -3.88
CA ILE C 289 -30.77 1.48 -3.11
C ILE C 289 -31.43 2.67 -2.43
N ASP C 290 -32.61 3.05 -2.91
CA ASP C 290 -33.37 4.13 -2.31
C ASP C 290 -33.98 3.69 -1.01
N SER C 291 -33.97 4.60 -0.01
CA SER C 291 -34.59 4.42 1.31
C SER C 291 -34.29 3.04 1.88
N LEU C 292 -33.01 2.69 1.97
CA LEU C 292 -32.61 1.38 2.49
C LEU C 292 -33.00 1.19 3.97
N TYR C 293 -32.71 2.19 4.78
CA TYR C 293 -32.93 2.11 6.22
C TYR C 293 -33.15 3.51 6.74
N GLU C 294 -34.25 3.70 7.51
CA GLU C 294 -34.66 4.96 8.11
C GLU C 294 -34.66 6.12 7.07
N GLY C 295 -35.15 5.81 5.86
CA GLY C 295 -35.29 6.73 4.74
C GLY C 295 -33.98 7.11 4.06
N ILE C 296 -32.85 6.50 4.46
CA ILE C 296 -31.54 6.83 3.89
C ILE C 296 -31.26 6.07 2.57
N ASP C 297 -30.93 6.83 1.50
CA ASP C 297 -30.57 6.23 0.22
C ASP C 297 -29.12 5.73 0.32
N PHE C 298 -28.85 4.52 -0.21
CA PHE C 298 -27.52 3.94 -0.19
C PHE C 298 -26.99 3.77 -1.62
N TYR C 299 -26.20 4.76 -2.04
CA TYR C 299 -25.60 4.82 -3.37
C TYR C 299 -24.13 4.61 -3.17
N THR C 300 -23.64 3.51 -3.71
CA THR C 300 -22.25 3.11 -3.53
C THR C 300 -21.74 2.31 -4.72
N SER C 301 -20.49 1.87 -4.63
CA SER C 301 -19.83 1.08 -5.63
C SER C 301 -18.77 0.21 -4.96
N ILE C 302 -18.35 -0.84 -5.65
CA ILE C 302 -17.29 -1.74 -5.18
C ILE C 302 -16.42 -2.13 -6.38
N THR C 303 -15.10 -2.09 -6.21
CA THR C 303 -14.19 -2.49 -7.28
C THR C 303 -13.99 -4.02 -7.20
N ARG C 304 -13.50 -4.63 -8.30
CA ARG C 304 -13.16 -6.06 -8.34
C ARG C 304 -12.02 -6.30 -7.33
N ALA C 305 -11.05 -5.36 -7.24
CA ALA C 305 -9.91 -5.48 -6.31
C ALA C 305 -10.40 -5.56 -4.86
N ARG C 306 -11.35 -4.69 -4.44
CA ARG C 306 -11.90 -4.71 -3.09
C ARG C 306 -12.65 -6.03 -2.78
N PHE C 307 -13.43 -6.55 -3.75
CA PHE C 307 -14.16 -7.80 -3.64
C PHE C 307 -13.18 -8.94 -3.41
N GLU C 308 -12.10 -8.99 -4.24
CA GLU C 308 -11.06 -10.01 -4.13
C GLU C 308 -10.38 -9.94 -2.75
N GLU C 309 -10.20 -8.72 -2.20
CA GLU C 309 -9.60 -8.50 -0.87
C GLU C 309 -10.49 -8.94 0.28
N LEU C 310 -11.81 -8.62 0.24
CA LEU C 310 -12.76 -9.01 1.30
C LEU C 310 -12.89 -10.55 1.43
N ASN C 311 -12.50 -11.26 0.35
CA ASN C 311 -12.62 -12.70 0.14
C ASN C 311 -11.27 -13.42 -0.06
N ALA C 312 -10.14 -12.71 0.18
CA ALA C 312 -8.77 -13.17 -0.03
C ALA C 312 -8.46 -14.56 0.55
N ASP C 313 -8.88 -14.81 1.80
CA ASP C 313 -8.66 -16.09 2.50
C ASP C 313 -9.51 -17.23 1.91
N LEU C 314 -10.77 -16.94 1.55
CA LEU C 314 -11.68 -17.93 0.96
C LEU C 314 -11.18 -18.33 -0.44
N PHE C 315 -10.72 -17.34 -1.24
CA PHE C 315 -10.19 -17.59 -2.57
C PHE C 315 -8.90 -18.40 -2.52
N ARG C 316 -7.91 -17.94 -1.73
CA ARG C 316 -6.61 -18.59 -1.51
C ARG C 316 -6.79 -20.03 -1.00
N GLY C 317 -7.77 -20.21 -0.10
CA GLY C 317 -8.08 -21.50 0.52
C GLY C 317 -8.55 -22.58 -0.43
N THR C 318 -8.96 -22.23 -1.66
CA THR C 318 -9.42 -23.19 -2.68
C THR C 318 -8.28 -24.05 -3.21
N LEU C 319 -7.02 -23.57 -3.04
CA LEU C 319 -5.84 -24.30 -3.46
C LEU C 319 -5.44 -25.41 -2.48
N ASP C 320 -5.87 -25.32 -1.23
CA ASP C 320 -5.49 -26.35 -0.27
C ASP C 320 -6.07 -27.69 -0.70
N PRO C 321 -7.34 -27.72 -1.09
CA PRO C 321 -7.95 -28.96 -1.55
C PRO C 321 -7.25 -29.49 -2.79
N VAL C 322 -6.79 -28.59 -3.66
CA VAL C 322 -6.08 -29.00 -4.88
C VAL C 322 -4.79 -29.73 -4.51
N GLU C 323 -4.06 -29.19 -3.54
CA GLU C 323 -2.81 -29.80 -3.03
C GLU C 323 -3.10 -31.13 -2.38
N LYS C 324 -4.20 -31.21 -1.59
CA LYS C 324 -4.63 -32.44 -0.92
C LYS C 324 -4.98 -33.53 -1.95
N ALA C 325 -5.73 -33.18 -3.01
CA ALA C 325 -6.09 -34.12 -4.08
C ALA C 325 -4.85 -34.63 -4.84
N LEU C 326 -3.88 -33.73 -5.16
CA LEU C 326 -2.60 -34.11 -5.83
C LEU C 326 -1.79 -35.04 -4.94
N ARG C 327 -1.74 -34.74 -3.65
CA ARG C 327 -1.04 -35.55 -2.64
C ARG C 327 -1.65 -36.97 -2.62
N ASP C 328 -3.00 -37.09 -2.53
CA ASP C 328 -3.73 -38.37 -2.50
C ASP C 328 -3.62 -39.20 -3.81
N ALA C 329 -3.51 -38.54 -4.96
CA ALA C 329 -3.38 -39.20 -6.26
C ALA C 329 -1.92 -39.52 -6.56
N LYS C 330 -1.02 -39.14 -5.62
CA LYS C 330 0.44 -39.31 -5.71
C LYS C 330 0.95 -38.70 -7.02
N LEU C 331 0.52 -37.45 -7.29
CA LEU C 331 0.88 -36.71 -8.50
C LEU C 331 1.46 -35.34 -8.17
N ASP C 332 2.42 -34.90 -9.01
CA ASP C 332 2.95 -33.54 -8.95
C ASP C 332 1.97 -32.71 -9.81
N LYS C 333 1.87 -31.40 -9.55
CA LYS C 333 0.99 -30.51 -10.32
C LYS C 333 1.38 -30.45 -11.83
N SER C 334 2.66 -30.70 -12.15
CA SER C 334 3.20 -30.76 -13.52
C SER C 334 2.67 -31.98 -14.30
N GLN C 335 2.13 -33.00 -13.58
CA GLN C 335 1.59 -34.25 -14.17
C GLN C 335 0.12 -34.13 -14.61
N ILE C 336 -0.50 -32.98 -14.36
CA ILE C 336 -1.90 -32.81 -14.75
C ILE C 336 -2.01 -32.31 -16.18
N HIS C 337 -2.52 -33.16 -17.06
CA HIS C 337 -2.71 -32.83 -18.47
C HIS C 337 -3.79 -31.76 -18.71
N ASP C 338 -4.91 -31.86 -17.99
CA ASP C 338 -6.02 -30.94 -18.16
C ASP C 338 -6.65 -30.41 -16.87
N ILE C 339 -7.11 -29.15 -16.91
CA ILE C 339 -7.79 -28.52 -15.78
C ILE C 339 -9.16 -28.06 -16.26
N VAL C 340 -10.23 -28.51 -15.59
CA VAL C 340 -11.62 -28.18 -15.95
C VAL C 340 -12.31 -27.35 -14.86
N LEU C 341 -12.89 -26.19 -15.24
CA LEU C 341 -13.66 -25.31 -14.35
C LEU C 341 -15.16 -25.61 -14.44
N VAL C 342 -15.79 -25.97 -13.31
CA VAL C 342 -17.23 -26.30 -13.22
C VAL C 342 -17.79 -25.46 -12.05
N GLY C 343 -19.06 -25.10 -12.09
CA GLY C 343 -19.71 -24.28 -11.06
C GLY C 343 -19.61 -22.78 -11.32
N GLY C 344 -20.69 -22.04 -11.01
CA GLY C 344 -20.81 -20.60 -11.25
C GLY C 344 -19.72 -19.72 -10.69
N SER C 345 -19.23 -20.05 -9.49
CA SER C 345 -18.15 -19.29 -8.84
C SER C 345 -16.80 -19.34 -9.57
N THR C 346 -16.58 -20.33 -10.49
CA THR C 346 -15.31 -20.40 -11.25
C THR C 346 -15.21 -19.26 -12.25
N ARG C 347 -16.29 -18.49 -12.44
CA ARG C 347 -16.34 -17.31 -13.32
C ARG C 347 -15.53 -16.15 -12.69
N ILE C 348 -15.28 -16.19 -11.37
CA ILE C 348 -14.53 -15.17 -10.65
C ILE C 348 -13.09 -15.13 -11.17
N PRO C 349 -12.68 -14.00 -11.80
CA PRO C 349 -11.32 -13.90 -12.38
C PRO C 349 -10.17 -14.22 -11.45
N LYS C 350 -10.25 -13.81 -10.17
CA LYS C 350 -9.21 -14.09 -9.20
C LYS C 350 -9.09 -15.61 -8.94
N ILE C 351 -10.22 -16.34 -8.96
CA ILE C 351 -10.21 -17.80 -8.76
C ILE C 351 -9.47 -18.48 -9.95
N GLN C 352 -9.75 -18.02 -11.18
CA GLN C 352 -9.09 -18.49 -12.41
C GLN C 352 -7.60 -18.19 -12.36
N LYS C 353 -7.23 -16.97 -11.94
CA LYS C 353 -5.85 -16.50 -11.81
C LYS C 353 -5.09 -17.34 -10.78
N LEU C 354 -5.67 -17.55 -9.57
CA LEU C 354 -5.02 -18.35 -8.52
C LEU C 354 -4.73 -19.77 -9.00
N LEU C 355 -5.74 -20.43 -9.65
CA LEU C 355 -5.58 -21.79 -10.16
C LEU C 355 -4.58 -21.90 -11.34
N GLN C 356 -4.65 -20.94 -12.30
CA GLN C 356 -3.73 -20.92 -13.44
C GLN C 356 -2.28 -20.70 -12.96
N ASP C 357 -2.07 -19.76 -11.99
CA ASP C 357 -0.76 -19.47 -11.39
C ASP C 357 -0.21 -20.69 -10.65
N PHE C 358 -1.09 -21.42 -9.93
CA PHE C 358 -0.71 -22.65 -9.23
C PHE C 358 -0.20 -23.67 -10.26
N PHE C 359 -0.84 -23.76 -11.44
CA PHE C 359 -0.44 -24.68 -12.50
C PHE C 359 0.52 -24.06 -13.53
N ASN C 360 1.32 -23.07 -13.09
CA ASN C 360 2.40 -22.40 -13.84
C ASN C 360 1.99 -21.84 -15.22
N GLY C 361 0.87 -21.12 -15.23
CA GLY C 361 0.35 -20.46 -16.43
C GLY C 361 -0.40 -21.34 -17.41
N LYS C 362 -0.69 -22.60 -17.03
CA LYS C 362 -1.44 -23.54 -17.86
C LYS C 362 -2.89 -23.05 -18.11
N GLU C 363 -3.33 -23.10 -19.38
CA GLU C 363 -4.68 -22.68 -19.80
C GLU C 363 -5.74 -23.62 -19.25
N LEU C 364 -6.87 -23.05 -18.79
CA LEU C 364 -7.96 -23.81 -18.21
C LEU C 364 -9.06 -24.08 -19.23
N ASN C 365 -9.80 -25.20 -19.03
CA ASN C 365 -10.96 -25.55 -19.84
C ASN C 365 -12.15 -24.86 -19.15
N LYS C 366 -12.63 -23.74 -19.73
CA LYS C 366 -13.66 -22.89 -19.15
C LYS C 366 -14.71 -22.33 -20.14
N SER C 367 -14.61 -22.67 -21.45
CA SER C 367 -15.50 -22.17 -22.53
C SER C 367 -16.95 -22.61 -22.41
N ILE C 368 -17.22 -23.78 -21.77
CA ILE C 368 -18.58 -24.26 -21.55
C ILE C 368 -19.10 -23.59 -20.27
N ASN C 369 -20.35 -23.13 -20.31
CA ASN C 369 -20.92 -22.45 -19.16
C ASN C 369 -20.67 -23.35 -17.96
N PRO C 370 -20.08 -22.79 -16.92
CA PRO C 370 -19.73 -23.59 -15.73
C PRO C 370 -20.91 -24.26 -15.04
N ASP C 371 -22.05 -23.56 -14.97
CA ASP C 371 -23.24 -24.10 -14.35
C ASP C 371 -23.85 -25.25 -15.13
N GLU C 372 -23.53 -25.32 -16.41
CA GLU C 372 -24.14 -26.25 -17.34
C GLU C 372 -23.26 -27.37 -17.82
N ALA C 373 -21.93 -27.29 -17.59
CA ALA C 373 -20.96 -28.25 -18.05
C ALA C 373 -21.24 -29.70 -17.60
N VAL C 374 -21.79 -29.90 -16.39
CA VAL C 374 -22.06 -31.26 -15.90
C VAL C 374 -23.24 -31.88 -16.68
N ALA C 375 -24.33 -31.11 -16.87
CA ALA C 375 -25.50 -31.54 -17.65
C ALA C 375 -25.08 -31.72 -19.12
N TYR C 376 -24.15 -30.88 -19.58
CA TYR C 376 -23.63 -30.91 -20.95
C TYR C 376 -23.00 -32.28 -21.22
N GLY C 377 -22.08 -32.68 -20.34
CA GLY C 377 -21.39 -33.96 -20.45
C GLY C 377 -22.33 -35.14 -20.30
N ALA C 378 -23.31 -35.02 -19.41
CA ALA C 378 -24.30 -36.08 -19.20
C ALA C 378 -25.16 -36.26 -20.47
N ALA C 379 -25.50 -35.15 -21.15
CA ALA C 379 -26.30 -35.15 -22.39
C ALA C 379 -25.53 -35.84 -23.54
N VAL C 380 -24.21 -35.59 -23.61
CA VAL C 380 -23.30 -36.23 -24.57
C VAL C 380 -23.30 -37.75 -24.26
N GLN C 381 -23.10 -38.12 -22.99
CA GLN C 381 -23.06 -39.52 -22.56
C GLN C 381 -24.40 -40.23 -22.88
N ALA C 382 -25.53 -39.55 -22.65
CA ALA C 382 -26.87 -40.05 -22.94
C ALA C 382 -27.07 -40.36 -24.43
N ALA C 383 -26.51 -39.52 -25.33
CA ALA C 383 -26.58 -39.70 -26.78
C ALA C 383 -25.73 -40.88 -27.21
N ILE C 384 -24.55 -41.04 -26.55
CA ILE C 384 -23.62 -42.14 -26.80
C ILE C 384 -24.29 -43.47 -26.50
N LEU C 385 -25.05 -43.53 -25.37
CA LEU C 385 -25.75 -44.72 -24.88
C LEU C 385 -27.07 -45.02 -25.60
N SER C 386 -27.54 -44.11 -26.46
CA SER C 386 -28.78 -44.28 -27.22
C SER C 386 -28.56 -45.18 -28.44
N GLY D 4 -34.21 21.37 -19.96
CA GLY D 4 -34.51 21.03 -21.35
C GLY D 4 -33.43 20.14 -21.91
N SER D 5 -33.02 19.14 -21.11
CA SER D 5 -32.01 18.15 -21.45
C SER D 5 -32.61 16.74 -21.49
N ASN D 6 -33.95 16.64 -21.59
CA ASN D 6 -34.68 15.35 -21.65
C ASN D 6 -34.11 14.50 -22.79
N SER D 7 -33.60 13.33 -22.43
CA SER D 7 -32.97 12.46 -23.41
C SER D 7 -33.82 11.24 -23.77
N PRO D 8 -33.66 10.69 -25.00
CA PRO D 8 -34.40 9.46 -25.34
C PRO D 8 -34.07 8.24 -24.46
N GLN D 9 -32.80 8.10 -23.98
CA GLN D 9 -32.38 7.01 -23.08
C GLN D 9 -33.18 7.06 -21.77
N GLU D 10 -33.46 8.27 -21.23
CA GLU D 10 -34.27 8.36 -20.01
C GLU D 10 -35.70 7.82 -20.22
N GLU D 11 -36.26 7.94 -21.43
CA GLU D 11 -37.57 7.34 -21.75
C GLU D 11 -37.57 5.83 -21.48
N VAL D 12 -36.44 5.15 -21.74
CA VAL D 12 -36.28 3.71 -21.50
C VAL D 12 -36.45 3.43 -19.99
N GLU D 13 -35.80 4.25 -19.14
CA GLU D 13 -35.88 4.08 -17.68
C GLU D 13 -37.26 4.41 -17.13
N LEU D 14 -37.90 5.47 -17.66
CA LEU D 14 -39.25 5.89 -17.24
C LEU D 14 -40.28 4.81 -17.59
N LYS D 15 -40.09 4.13 -18.74
CA LYS D 15 -40.98 3.05 -19.18
C LYS D 15 -40.88 1.83 -18.22
N LYS D 16 -39.66 1.48 -17.78
CA LYS D 16 -39.40 0.41 -16.78
C LYS D 16 -40.11 0.79 -15.48
N LEU D 17 -39.96 2.05 -15.03
CA LEU D 17 -40.59 2.56 -13.81
C LEU D 17 -42.12 2.55 -13.87
N LYS D 18 -42.71 2.91 -15.03
CA LYS D 18 -44.16 2.91 -15.24
C LYS D 18 -44.72 1.49 -15.15
N HIS D 19 -44.00 0.50 -15.68
CA HIS D 19 -44.39 -0.90 -15.60
C HIS D 19 -44.39 -1.37 -14.14
N LEU D 20 -43.35 -0.99 -13.39
CA LEU D 20 -43.21 -1.32 -11.97
C LEU D 20 -44.32 -0.63 -11.16
N GLU D 21 -44.72 0.60 -11.53
CA GLU D 21 -45.81 1.31 -10.87
C GLU D 21 -47.13 0.55 -11.06
N LYS D 22 -47.36 -0.03 -12.27
CA LYS D 22 -48.58 -0.78 -12.57
C LYS D 22 -48.60 -2.08 -11.77
N SER D 23 -47.43 -2.76 -11.65
CA SER D 23 -47.30 -3.99 -10.85
C SER D 23 -47.61 -3.71 -9.38
N VAL D 24 -47.14 -2.56 -8.86
CA VAL D 24 -47.41 -2.11 -7.48
C VAL D 24 -48.92 -1.89 -7.25
N GLU D 25 -49.60 -1.27 -8.24
CA GLU D 25 -51.05 -1.04 -8.20
C GLU D 25 -51.81 -2.39 -8.11
N LYS D 26 -51.35 -3.44 -8.83
CA LYS D 26 -51.99 -4.77 -8.79
C LYS D 26 -51.83 -5.43 -7.41
N ILE D 27 -50.65 -5.30 -6.77
CA ILE D 27 -50.42 -5.86 -5.43
C ILE D 27 -51.22 -5.06 -4.39
N ALA D 28 -51.27 -3.72 -4.54
CA ALA D 28 -52.02 -2.81 -3.66
C ALA D 28 -53.54 -3.15 -3.70
N ASP D 29 -54.08 -3.55 -4.87
CA ASP D 29 -55.48 -3.98 -5.04
C ASP D 29 -55.71 -5.29 -4.26
N GLN D 30 -54.72 -6.22 -4.24
CA GLN D 30 -54.80 -7.45 -3.44
C GLN D 30 -54.82 -7.11 -1.95
N LEU D 31 -53.94 -6.16 -1.50
CA LEU D 31 -53.89 -5.70 -0.11
C LEU D 31 -55.24 -5.07 0.27
N GLU D 32 -55.86 -4.30 -0.66
CA GLU D 32 -57.14 -3.65 -0.45
C GLU D 32 -58.23 -4.71 -0.24
N GLU D 33 -58.26 -5.77 -1.11
CA GLU D 33 -59.21 -6.90 -1.06
C GLU D 33 -59.00 -7.68 0.23
N LEU D 34 -57.72 -7.85 0.67
CA LEU D 34 -57.40 -8.52 1.91
C LEU D 34 -57.97 -7.71 3.07
N ASN D 35 -57.80 -6.38 3.04
CA ASN D 35 -58.34 -5.49 4.09
C ASN D 35 -59.89 -5.61 4.13
N LYS D 36 -60.53 -5.71 2.96
CA LYS D 36 -62.01 -5.89 2.80
C LYS D 36 -62.49 -7.25 3.36
N GLU D 37 -61.71 -8.34 3.15
CA GLU D 37 -62.01 -9.66 3.72
C GLU D 37 -61.80 -9.70 5.23
N LEU D 38 -60.74 -9.07 5.73
CA LEU D 38 -60.42 -8.97 7.17
C LEU D 38 -61.58 -8.28 7.90
N THR D 39 -62.00 -7.12 7.40
CA THR D 39 -63.10 -6.32 7.95
C THR D 39 -64.40 -7.15 7.95
N GLY D 40 -64.62 -7.86 6.82
CA GLY D 40 -65.79 -8.71 6.60
C GLY D 40 -65.95 -9.76 7.68
N ILE D 41 -64.85 -10.48 8.01
CA ILE D 41 -64.83 -11.50 9.08
C ILE D 41 -65.08 -10.84 10.44
N GLN D 42 -64.39 -9.71 10.71
CA GLN D 42 -64.51 -8.94 11.96
C GLN D 42 -65.94 -8.44 12.18
N GLN D 43 -66.63 -8.01 11.10
CA GLN D 43 -68.00 -7.49 11.20
C GLN D 43 -69.06 -8.49 10.74
N GLY D 44 -68.68 -9.75 10.57
CA GLY D 44 -69.55 -10.80 10.04
C GLY D 44 -70.40 -11.61 11.00
N PHE D 45 -70.93 -12.71 10.46
CA PHE D 45 -71.87 -13.65 11.08
C PHE D 45 -71.22 -14.74 11.90
N LEU D 46 -69.92 -14.96 11.73
CA LEU D 46 -69.21 -16.00 12.47
C LEU D 46 -69.05 -15.67 13.96
N PRO D 47 -69.19 -16.67 14.87
CA PRO D 47 -68.92 -16.40 16.30
C PRO D 47 -67.42 -16.13 16.52
N LYS D 48 -67.08 -15.38 17.60
CA LYS D 48 -65.74 -14.91 17.98
C LYS D 48 -64.59 -15.91 17.72
N ASP D 49 -64.80 -17.19 18.10
CA ASP D 49 -63.82 -18.26 17.92
C ASP D 49 -63.57 -18.60 16.45
N LEU D 50 -64.67 -18.75 15.67
CA LEU D 50 -64.59 -19.05 14.23
C LEU D 50 -63.98 -17.89 13.42
N GLN D 51 -64.05 -16.67 13.97
CA GLN D 51 -63.51 -15.47 13.38
C GLN D 51 -61.99 -15.48 13.35
N ALA D 52 -61.33 -15.70 14.53
CA ALA D 52 -59.86 -15.77 14.68
C ALA D 52 -59.26 -16.82 13.72
N GLU D 53 -59.96 -17.98 13.58
CA GLU D 53 -59.60 -19.07 12.69
C GLU D 53 -59.65 -18.56 11.24
N ALA D 54 -60.77 -17.87 10.84
CA ALA D 54 -60.94 -17.32 9.49
C ALA D 54 -59.90 -16.22 9.16
N LEU D 55 -59.58 -15.37 10.15
CA LEU D 55 -58.57 -14.30 10.02
C LEU D 55 -57.19 -14.89 9.81
N CYS D 56 -56.86 -15.93 10.59
CA CYS D 56 -55.54 -16.54 10.45
C CYS D 56 -55.35 -17.22 9.08
N LYS D 57 -56.46 -17.63 8.43
CA LYS D 57 -56.47 -18.24 7.09
C LYS D 57 -56.04 -17.25 6.00
N LEU D 58 -55.99 -15.93 6.32
CA LEU D 58 -55.51 -14.86 5.44
C LEU D 58 -53.96 -14.72 5.50
N ASP D 59 -53.31 -15.42 6.46
CA ASP D 59 -51.87 -15.35 6.68
C ASP D 59 -51.06 -15.60 5.39
N ARG D 60 -51.38 -16.69 4.64
CA ARG D 60 -50.70 -17.05 3.38
C ARG D 60 -50.77 -15.86 2.40
N ARG D 61 -51.95 -15.26 2.25
CA ARG D 61 -52.18 -14.18 1.31
C ARG D 61 -51.49 -12.88 1.72
N VAL D 62 -51.46 -12.55 3.00
CA VAL D 62 -50.75 -11.36 3.49
C VAL D 62 -49.22 -11.52 3.26
N LYS D 63 -48.69 -12.72 3.54
CA LYS D 63 -47.28 -13.08 3.33
C LYS D 63 -46.92 -13.03 1.83
N ALA D 64 -47.83 -13.47 0.95
CA ALA D 64 -47.64 -13.41 -0.49
C ALA D 64 -47.60 -11.95 -0.97
N THR D 65 -48.45 -11.08 -0.39
CA THR D 65 -48.48 -9.65 -0.69
C THR D 65 -47.15 -8.99 -0.29
N ILE D 66 -46.66 -9.26 0.94
CA ILE D 66 -45.37 -8.75 1.46
C ILE D 66 -44.25 -9.16 0.51
N GLU D 67 -44.21 -10.46 0.16
CA GLU D 67 -43.20 -11.01 -0.75
C GLU D 67 -43.23 -10.34 -2.13
N GLN D 68 -44.43 -10.06 -2.65
CA GLN D 68 -44.55 -9.42 -3.96
C GLN D 68 -44.00 -7.99 -3.94
N PHE D 69 -44.26 -7.23 -2.86
CA PHE D 69 -43.70 -5.87 -2.69
C PHE D 69 -42.18 -5.93 -2.55
N MET D 70 -41.66 -6.97 -1.84
CA MET D 70 -40.21 -7.16 -1.68
C MET D 70 -39.52 -7.44 -3.03
N LYS D 71 -40.16 -8.25 -3.88
CA LYS D 71 -39.62 -8.54 -5.21
C LYS D 71 -39.60 -7.28 -6.08
N ILE D 72 -40.59 -6.40 -5.93
CA ILE D 72 -40.65 -5.11 -6.64
C ILE D 72 -39.47 -4.23 -6.19
N LEU D 73 -39.22 -4.17 -4.85
CA LEU D 73 -38.09 -3.40 -4.31
C LEU D 73 -36.76 -3.86 -4.90
N GLU D 74 -36.56 -5.19 -4.95
CA GLU D 74 -35.36 -5.81 -5.53
C GLU D 74 -35.21 -5.49 -7.02
N GLU D 75 -36.32 -5.43 -7.73
CA GLU D 75 -36.28 -5.05 -9.16
C GLU D 75 -35.93 -3.57 -9.35
N ILE D 76 -36.51 -2.67 -8.52
CA ILE D 76 -36.23 -1.24 -8.54
C ILE D 76 -34.72 -1.01 -8.21
N ASP D 77 -34.18 -1.80 -7.25
CA ASP D 77 -32.79 -1.75 -6.79
C ASP D 77 -31.77 -2.13 -7.85
N THR D 78 -32.21 -2.70 -9.00
CA THR D 78 -31.30 -3.05 -10.12
C THR D 78 -31.04 -1.83 -11.00
N LEU D 79 -31.87 -0.78 -10.89
CA LEU D 79 -31.75 0.43 -11.69
C LEU D 79 -30.57 1.29 -11.29
N ILE D 80 -29.90 1.84 -12.30
CA ILE D 80 -28.79 2.75 -12.11
C ILE D 80 -29.30 3.96 -12.90
N LEU D 81 -29.46 5.08 -12.23
CA LEU D 81 -29.99 6.28 -12.88
C LEU D 81 -29.00 7.41 -12.71
N PRO D 82 -28.33 7.87 -13.81
CA PRO D 82 -27.38 8.99 -13.66
C PRO D 82 -28.06 10.23 -13.06
N GLU D 83 -27.28 11.08 -12.38
CA GLU D 83 -27.78 12.29 -11.72
C GLU D 83 -28.60 13.21 -12.65
N ASN D 84 -28.28 13.25 -13.96
CA ASN D 84 -28.98 14.06 -14.95
C ASN D 84 -30.39 13.51 -15.29
N PHE D 85 -30.70 12.27 -14.86
CA PHE D 85 -32.02 11.64 -15.06
C PHE D 85 -32.87 11.98 -13.82
N LYS D 86 -33.18 13.28 -13.64
CA LYS D 86 -33.93 13.79 -12.48
C LYS D 86 -35.34 13.23 -12.38
N ASP D 87 -36.12 13.20 -13.49
CA ASP D 87 -37.48 12.67 -13.48
C ASP D 87 -37.52 11.19 -13.10
N SER D 88 -36.56 10.38 -13.62
CA SER D 88 -36.43 8.94 -13.29
C SER D 88 -36.08 8.76 -11.81
N ARG D 89 -35.14 9.57 -11.30
CA ARG D 89 -34.74 9.51 -9.88
C ARG D 89 -35.90 9.86 -8.95
N LEU D 90 -36.67 10.89 -9.31
CA LEU D 90 -37.87 11.28 -8.55
C LEU D 90 -38.95 10.17 -8.59
N LYS D 91 -39.18 9.58 -9.76
CA LYS D 91 -40.16 8.51 -9.92
C LYS D 91 -39.77 7.28 -9.10
N ARG D 92 -38.47 6.88 -9.17
CA ARG D 92 -37.94 5.76 -8.39
C ARG D 92 -38.13 6.00 -6.88
N LYS D 93 -37.75 7.20 -6.39
CA LYS D 93 -37.90 7.58 -4.98
C LYS D 93 -39.36 7.53 -4.51
N GLY D 94 -40.27 8.12 -5.27
CA GLY D 94 -41.70 8.10 -4.97
C GLY D 94 -42.25 6.68 -4.95
N LEU D 95 -41.81 5.83 -5.90
CA LEU D 95 -42.28 4.44 -5.98
C LEU D 95 -41.80 3.60 -4.79
N VAL D 96 -40.52 3.74 -4.41
CA VAL D 96 -39.96 3.03 -3.24
C VAL D 96 -40.74 3.42 -2.00
N LYS D 97 -40.96 4.73 -1.79
CA LYS D 97 -41.71 5.25 -0.64
C LYS D 97 -43.15 4.71 -0.62
N LYS D 98 -43.80 4.65 -1.80
CA LYS D 98 -45.16 4.13 -1.90
C LYS D 98 -45.18 2.61 -1.46
N VAL D 99 -44.23 1.79 -1.96
CA VAL D 99 -44.10 0.36 -1.61
C VAL D 99 -43.83 0.19 -0.11
N GLN D 100 -42.93 1.00 0.45
CA GLN D 100 -42.62 0.95 1.89
C GLN D 100 -43.82 1.29 2.79
N ALA D 101 -44.68 2.22 2.34
CA ALA D 101 -45.90 2.59 3.07
C ALA D 101 -46.88 1.41 3.00
N PHE D 102 -46.94 0.71 1.82
CA PHE D 102 -47.79 -0.48 1.70
C PHE D 102 -47.26 -1.64 2.56
N LEU D 103 -45.93 -1.80 2.65
CA LEU D 103 -45.31 -2.82 3.50
C LEU D 103 -45.67 -2.61 4.98
N ALA D 104 -45.68 -1.34 5.43
CA ALA D 104 -46.05 -0.96 6.80
C ALA D 104 -47.51 -1.35 7.09
N GLU D 105 -48.43 -1.21 6.08
CA GLU D 105 -49.84 -1.61 6.18
C GLU D 105 -49.95 -3.14 6.27
N CYS D 106 -49.18 -3.87 5.47
CA CYS D 106 -49.09 -5.35 5.49
C CYS D 106 -48.71 -5.83 6.89
N ASP D 107 -47.72 -5.14 7.52
CA ASP D 107 -47.21 -5.43 8.86
C ASP D 107 -48.30 -5.27 9.92
N THR D 108 -49.11 -4.20 9.77
CA THR D 108 -50.27 -3.91 10.62
C THR D 108 -51.27 -5.07 10.50
N VAL D 109 -51.52 -5.57 9.27
CA VAL D 109 -52.41 -6.71 9.03
C VAL D 109 -51.86 -7.98 9.72
N GLU D 110 -50.60 -8.31 9.42
CA GLU D 110 -49.89 -9.47 9.97
C GLU D 110 -49.84 -9.46 11.53
N GLN D 111 -49.83 -8.27 12.17
CA GLN D 111 -49.85 -8.18 13.63
C GLN D 111 -51.30 -8.03 14.23
N ASN D 112 -52.35 -8.24 13.43
CA ASN D 112 -53.76 -8.23 13.84
C ASN D 112 -54.51 -9.56 13.49
N ILE D 113 -53.78 -10.54 12.93
CA ILE D 113 -54.28 -11.89 12.60
C ILE D 113 -53.34 -12.89 13.24
N CYS D 114 -53.77 -14.16 13.47
CA CYS D 114 -52.92 -15.22 14.08
C CYS D 114 -52.34 -14.84 15.47
N GLN D 115 -53.01 -13.95 16.24
CA GLN D 115 -52.53 -13.49 17.54
C GLN D 115 -52.85 -14.47 18.67
N SER E 5 -1.09 64.84 12.26
CA SER E 5 -1.17 64.25 13.59
C SER E 5 -2.62 63.90 13.98
N MET E 6 -2.79 62.76 14.65
CA MET E 6 -4.08 62.19 15.09
C MET E 6 -4.70 62.95 16.25
N SER E 7 -6.05 62.98 16.35
CA SER E 7 -6.81 63.58 17.47
C SER E 7 -6.62 62.70 18.72
N LYS E 8 -6.93 63.22 19.94
CA LYS E 8 -6.79 62.44 21.17
C LYS E 8 -7.93 61.43 21.34
N GLY E 9 -7.57 60.19 21.62
CA GLY E 9 -8.53 59.10 21.79
C GLY E 9 -8.97 58.81 23.21
N PRO E 10 -9.88 57.82 23.36
CA PRO E 10 -10.37 57.46 24.70
C PRO E 10 -9.39 56.61 25.49
N ALA E 11 -9.78 56.25 26.73
CA ALA E 11 -9.01 55.40 27.63
C ALA E 11 -9.31 53.94 27.31
N VAL E 12 -8.30 53.08 27.41
CA VAL E 12 -8.44 51.66 27.06
C VAL E 12 -8.22 50.76 28.25
N GLY E 13 -8.65 49.51 28.12
CA GLY E 13 -8.44 48.46 29.11
C GLY E 13 -7.46 47.45 28.56
N ILE E 14 -6.40 47.17 29.30
CA ILE E 14 -5.41 46.22 28.83
C ILE E 14 -5.15 45.08 29.80
N ASP E 15 -5.30 43.86 29.31
CA ASP E 15 -5.03 42.70 30.12
C ASP E 15 -3.63 42.28 29.70
N LEU E 16 -2.66 42.49 30.58
CA LEU E 16 -1.30 42.12 30.28
C LEU E 16 -1.19 40.71 30.82
N GLY E 17 -1.30 39.73 29.92
CA GLY E 17 -1.30 38.33 30.27
C GLY E 17 0.03 37.61 30.11
N THR E 18 0.09 36.40 30.70
CA THR E 18 1.29 35.61 30.65
C THR E 18 1.68 35.20 29.23
N THR E 19 0.72 34.66 28.46
CA THR E 19 0.96 34.16 27.10
C THR E 19 0.37 35.09 26.06
N TYR E 20 -0.83 35.62 26.33
CA TYR E 20 -1.44 36.56 25.38
C TYR E 20 -2.02 37.76 26.12
N SER E 21 -2.04 38.91 25.46
CA SER E 21 -2.56 40.17 25.96
C SER E 21 -3.73 40.58 25.09
N CYS E 22 -4.63 41.40 25.66
CA CYS E 22 -5.88 41.81 25.04
C CYS E 22 -6.15 43.27 25.39
N VAL E 23 -6.65 44.04 24.41
CA VAL E 23 -6.97 45.44 24.58
C VAL E 23 -8.42 45.70 24.13
N GLY E 24 -9.16 46.35 25.01
CA GLY E 24 -10.54 46.74 24.77
C GLY E 24 -10.79 48.23 24.93
N VAL E 25 -11.87 48.70 24.32
CA VAL E 25 -12.30 50.09 24.41
C VAL E 25 -13.81 50.16 24.60
N PHE E 26 -14.29 50.99 25.56
CA PHE E 26 -15.71 51.20 25.76
C PHE E 26 -16.10 52.36 24.84
N GLN E 27 -16.91 52.05 23.82
CA GLN E 27 -17.42 52.99 22.82
C GLN E 27 -18.83 52.64 22.42
N HIS E 28 -19.68 53.66 22.25
CA HIS E 28 -21.08 53.47 21.85
C HIS E 28 -21.87 52.56 22.78
N GLY E 29 -21.73 52.80 24.08
CA GLY E 29 -22.37 52.02 25.12
C GLY E 29 -22.01 50.56 25.22
N LYS E 30 -20.90 50.13 24.60
CA LYS E 30 -20.45 48.73 24.64
C LYS E 30 -18.93 48.62 24.57
N VAL E 31 -18.38 47.49 25.03
CA VAL E 31 -16.94 47.24 24.93
C VAL E 31 -16.62 46.59 23.61
N GLU E 32 -15.62 47.10 22.93
CA GLU E 32 -15.19 46.53 21.68
C GLU E 32 -13.79 46.01 21.91
N ILE E 33 -13.57 44.72 21.65
CA ILE E 33 -12.24 44.15 21.83
C ILE E 33 -11.56 44.44 20.50
N ILE E 34 -10.37 45.01 20.56
CA ILE E 34 -9.65 45.40 19.36
C ILE E 34 -8.71 44.36 18.74
N ALA E 35 -8.98 44.05 17.49
CA ALA E 35 -8.19 43.11 16.69
C ALA E 35 -6.86 43.76 16.36
N ASN E 36 -5.79 42.97 16.33
CA ASN E 36 -4.44 43.42 15.99
C ASN E 36 -4.23 43.45 14.47
N ASP E 37 -3.07 43.96 14.04
CA ASP E 37 -2.78 44.09 12.60
C ASP E 37 -3.00 42.78 11.81
N GLN E 38 -2.90 41.61 12.48
CA GLN E 38 -3.14 40.29 11.87
C GLN E 38 -4.61 39.82 12.05
N GLY E 39 -5.46 40.70 12.59
CA GLY E 39 -6.88 40.44 12.82
C GLY E 39 -7.17 39.58 14.05
N ASN E 40 -6.18 39.44 14.94
CA ASN E 40 -6.30 38.64 16.17
C ASN E 40 -6.73 39.49 17.35
N ARG E 41 -7.77 39.04 18.05
CA ARG E 41 -8.34 39.73 19.21
C ARG E 41 -7.46 39.62 20.48
N THR E 42 -6.47 38.72 20.46
CA THR E 42 -5.44 38.59 21.49
C THR E 42 -4.07 38.60 20.78
N THR E 43 -3.06 39.15 21.45
CA THR E 43 -1.71 39.29 20.93
C THR E 43 -0.72 38.54 21.81
N PRO E 44 0.13 37.66 21.24
CA PRO E 44 1.12 36.96 22.09
C PRO E 44 2.02 37.92 22.85
N SER E 45 2.27 37.63 24.16
CA SER E 45 3.14 38.43 25.02
C SER E 45 4.58 37.98 24.75
N TYR E 46 4.99 38.15 23.49
CA TYR E 46 6.28 37.73 22.96
C TYR E 46 7.05 38.90 22.41
N VAL E 47 8.37 38.91 22.68
CA VAL E 47 9.26 39.92 22.14
C VAL E 47 10.47 39.16 21.60
N ALA E 48 10.84 39.39 20.33
CA ALA E 48 11.99 38.71 19.71
C ALA E 48 13.03 39.69 19.24
N PHE E 49 14.30 39.32 19.39
CA PHE E 49 15.45 40.14 18.99
C PHE E 49 16.21 39.39 17.92
N THR E 50 16.38 40.01 16.71
CA THR E 50 17.07 39.41 15.56
C THR E 50 18.37 40.21 15.23
N ASP E 51 19.09 39.77 14.19
CA ASP E 51 20.30 40.46 13.71
C ASP E 51 19.95 41.86 13.19
N THR E 52 18.71 42.05 12.75
CA THR E 52 18.25 43.31 12.18
C THR E 52 17.06 44.04 12.82
N GLU E 53 16.24 43.35 13.61
CA GLU E 53 15.05 43.99 14.18
C GLU E 53 14.49 43.40 15.47
N ARG E 54 13.59 44.17 16.09
CA ARG E 54 12.90 43.78 17.30
C ARG E 54 11.46 43.52 16.89
N LEU E 55 10.94 42.36 17.26
CA LEU E 55 9.58 41.93 16.90
C LEU E 55 8.74 41.76 18.15
N ILE E 56 7.47 42.12 18.09
CA ILE E 56 6.53 42.05 19.23
C ILE E 56 5.23 41.44 18.71
N GLY E 57 4.62 40.59 19.55
CA GLY E 57 3.34 39.97 19.26
C GLY E 57 3.42 38.78 18.32
N ASP E 58 2.47 38.70 17.38
CA ASP E 58 2.35 37.63 16.40
C ASP E 58 3.64 37.48 15.60
N ALA E 59 4.27 38.59 15.19
CA ALA E 59 5.53 38.60 14.46
C ALA E 59 6.65 37.93 15.27
N ALA E 60 6.66 38.13 16.61
CA ALA E 60 7.66 37.51 17.48
C ALA E 60 7.34 36.03 17.66
N LYS E 61 6.07 35.66 17.97
CA LYS E 61 5.69 34.25 18.12
C LYS E 61 5.89 33.42 16.82
N ASN E 62 5.63 34.03 15.65
CA ASN E 62 5.73 33.36 14.36
C ASN E 62 7.16 32.90 13.96
N GLN E 63 8.20 33.47 14.57
CA GLN E 63 9.60 33.14 14.28
C GLN E 63 10.29 32.42 15.44
N VAL E 64 9.51 32.03 16.47
CA VAL E 64 10.05 31.39 17.66
C VAL E 64 10.87 30.13 17.28
N ALA E 65 10.41 29.31 16.32
CA ALA E 65 11.13 28.10 15.90
C ALA E 65 12.49 28.44 15.29
N MET E 66 12.50 29.49 14.47
CA MET E 66 13.69 30.02 13.82
C MET E 66 14.69 30.66 14.78
N ASN E 67 14.18 31.37 15.78
CA ASN E 67 15.02 32.06 16.74
C ASN E 67 14.56 31.82 18.18
N PRO E 68 14.64 30.58 18.66
CA PRO E 68 14.20 30.27 20.02
C PRO E 68 14.95 30.99 21.15
N THR E 69 16.27 31.11 21.04
CA THR E 69 17.10 31.73 22.06
C THR E 69 16.86 33.21 22.33
N ASN E 70 16.53 33.96 21.29
CA ASN E 70 16.30 35.39 21.44
C ASN E 70 14.84 35.85 21.47
N THR E 71 13.92 34.89 21.60
CA THR E 71 12.48 35.14 21.64
C THR E 71 11.97 34.98 23.09
N VAL E 72 11.76 36.12 23.74
CA VAL E 72 11.33 36.21 25.13
C VAL E 72 9.79 36.16 25.25
N PHE E 73 9.31 35.40 26.23
CA PHE E 73 7.90 35.25 26.58
C PHE E 73 7.87 35.00 28.07
N ASP E 74 6.69 34.95 28.69
CA ASP E 74 6.58 34.67 30.13
C ASP E 74 7.25 35.70 31.05
N ALA E 75 7.43 36.91 30.58
CA ALA E 75 8.04 37.99 31.40
C ALA E 75 7.18 38.29 32.62
N LYS E 76 5.84 38.02 32.54
CA LYS E 76 4.90 38.17 33.65
C LYS E 76 5.24 37.23 34.82
N ARG E 77 5.80 36.06 34.52
CA ARG E 77 6.24 35.13 35.54
C ARG E 77 7.39 35.74 36.33
N LEU E 78 8.24 36.49 35.63
CA LEU E 78 9.39 37.15 36.25
C LEU E 78 9.22 38.58 36.79
N ILE E 79 8.17 39.29 36.38
CA ILE E 79 8.02 40.68 36.81
C ILE E 79 7.87 40.92 38.32
N GLY E 80 8.58 41.93 38.80
CA GLY E 80 8.61 42.28 40.22
C GLY E 80 9.26 41.26 41.12
N ARG E 81 9.85 40.20 40.57
CA ARG E 81 10.46 39.15 41.40
C ARG E 81 11.96 39.31 41.58
N ARG E 82 12.48 38.78 42.67
CA ARG E 82 13.91 38.74 42.97
C ARG E 82 14.45 37.56 42.19
N PHE E 83 15.73 37.60 41.76
CA PHE E 83 16.34 36.50 41.01
C PHE E 83 16.27 35.15 41.77
N ASP E 84 16.46 35.21 43.08
CA ASP E 84 16.49 34.04 43.96
C ASP E 84 15.11 33.46 44.30
N ASP E 85 14.05 34.08 43.83
CA ASP E 85 12.70 33.62 44.06
C ASP E 85 12.60 32.20 43.51
N ALA E 86 11.91 31.33 44.23
CA ALA E 86 11.77 29.92 43.85
C ALA E 86 11.09 29.78 42.51
N VAL E 87 10.11 30.63 42.26
CA VAL E 87 9.36 30.66 41.00
C VAL E 87 10.30 30.96 39.82
N VAL E 88 11.22 31.95 39.99
CA VAL E 88 12.22 32.29 38.98
C VAL E 88 13.15 31.09 38.73
N GLN E 89 13.67 30.50 39.82
CA GLN E 89 14.60 29.37 39.73
C GLN E 89 13.98 28.14 39.06
N SER E 90 12.70 27.84 39.38
CA SER E 90 11.99 26.70 38.79
C SER E 90 11.63 26.96 37.30
N ASP E 91 11.07 28.14 37.02
CA ASP E 91 10.65 28.50 35.68
C ASP E 91 11.72 28.60 34.59
N MET E 92 12.89 29.14 34.93
CA MET E 92 13.95 29.32 33.95
C MET E 92 14.50 28.04 33.33
N LYS E 93 14.36 26.93 34.04
CA LYS E 93 14.82 25.65 33.56
C LYS E 93 14.11 25.35 32.25
N HIS E 94 12.87 25.80 32.15
CA HIS E 94 12.03 25.58 30.98
C HIS E 94 12.06 26.64 29.87
N TRP E 95 12.82 27.72 30.06
CA TRP E 95 12.91 28.76 29.04
C TRP E 95 14.14 28.58 28.15
N PRO E 96 14.03 28.75 26.79
CA PRO E 96 15.22 28.64 25.94
C PRO E 96 16.09 29.91 25.95
N PHE E 97 15.57 31.03 26.52
CA PHE E 97 16.30 32.29 26.65
C PHE E 97 17.02 32.32 28.00
N MET E 98 18.09 33.10 28.11
CA MET E 98 18.86 33.21 29.35
C MET E 98 18.25 34.20 30.32
N VAL E 99 18.28 33.85 31.62
CA VAL E 99 17.84 34.73 32.72
C VAL E 99 19.08 34.90 33.59
N VAL E 100 19.54 36.15 33.75
CA VAL E 100 20.75 36.45 34.52
C VAL E 100 20.43 37.25 35.79
N ASN E 101 21.35 37.21 36.76
CA ASN E 101 21.22 37.95 38.01
C ASN E 101 21.96 39.28 37.91
N ASP E 102 21.25 40.39 38.13
CA ASP E 102 21.85 41.72 38.16
C ASP E 102 21.54 42.34 39.52
N ALA E 103 22.49 42.20 40.45
CA ALA E 103 22.40 42.67 41.83
C ALA E 103 21.09 42.24 42.56
N GLY E 104 20.72 40.98 42.39
CA GLY E 104 19.55 40.39 43.03
C GLY E 104 18.28 40.42 42.21
N ARG E 105 18.33 41.11 41.07
CA ARG E 105 17.20 41.26 40.16
C ARG E 105 17.38 40.42 38.89
N PRO E 106 16.33 39.73 38.41
CA PRO E 106 16.47 38.96 37.16
C PRO E 106 16.39 39.85 35.93
N LYS E 107 17.16 39.48 34.90
CA LYS E 107 17.17 40.15 33.60
C LYS E 107 17.19 39.09 32.52
N VAL E 108 16.48 39.33 31.41
CA VAL E 108 16.54 38.39 30.29
C VAL E 108 17.75 38.81 29.45
N GLN E 109 18.60 37.84 29.06
CA GLN E 109 19.77 38.14 28.26
C GLN E 109 19.59 37.56 26.86
N VAL E 110 19.74 38.40 25.84
CA VAL E 110 19.56 38.02 24.42
C VAL E 110 20.67 38.59 23.52
N GLU E 111 20.73 38.09 22.29
CA GLU E 111 21.58 38.61 21.23
C GLU E 111 20.64 39.50 20.41
N TYR E 112 21.03 40.76 20.20
CA TYR E 112 20.24 41.73 19.46
C TYR E 112 21.18 42.57 18.61
N LYS E 113 21.01 42.47 17.27
CA LYS E 113 21.84 43.16 16.27
C LYS E 113 23.35 42.86 16.45
N GLY E 114 23.65 41.60 16.73
CA GLY E 114 25.01 41.10 16.92
C GLY E 114 25.66 41.42 18.24
N GLU E 115 24.90 42.03 19.18
CA GLU E 115 25.39 42.44 20.51
C GLU E 115 24.60 41.75 21.62
N THR E 116 25.26 41.45 22.75
CA THR E 116 24.61 40.87 23.93
C THR E 116 23.90 41.99 24.68
N LYS E 117 22.57 41.86 24.89
CA LYS E 117 21.76 42.86 25.58
C LYS E 117 20.93 42.18 26.67
N SER E 118 20.73 42.88 27.78
CA SER E 118 19.91 42.39 28.90
C SER E 118 18.77 43.35 29.18
N PHE E 119 17.59 42.81 29.52
CA PHE E 119 16.39 43.60 29.80
C PHE E 119 15.72 43.17 31.09
N TYR E 120 15.25 44.15 31.88
CA TYR E 120 14.45 43.91 33.07
C TYR E 120 13.08 43.41 32.59
N PRO E 121 12.38 42.55 33.37
CA PRO E 121 11.07 42.06 32.90
C PRO E 121 10.06 43.16 32.56
N GLU E 122 10.12 44.32 33.28
CA GLU E 122 9.25 45.47 33.04
C GLU E 122 9.56 46.15 31.72
N GLU E 123 10.82 46.00 31.23
CA GLU E 123 11.18 46.56 29.93
C GLU E 123 10.54 45.68 28.85
N VAL E 124 10.57 44.35 29.04
CA VAL E 124 9.95 43.41 28.09
C VAL E 124 8.41 43.63 28.09
N SER E 125 7.82 43.78 29.27
CA SER E 125 6.38 44.02 29.41
C SER E 125 5.96 45.38 28.85
N SER E 126 6.87 46.38 28.92
CA SER E 126 6.61 47.71 28.33
C SER E 126 6.55 47.60 26.80
N MET E 127 7.31 46.66 26.20
CA MET E 127 7.33 46.45 24.74
C MET E 127 6.00 45.84 24.31
N VAL E 128 5.46 44.89 25.11
CA VAL E 128 4.13 44.29 24.88
C VAL E 128 3.04 45.39 25.05
N LEU E 129 3.18 46.24 26.08
CA LEU E 129 2.24 47.32 26.34
C LEU E 129 2.26 48.37 25.24
N THR E 130 3.45 48.70 24.69
CA THR E 130 3.63 49.59 23.54
C THR E 130 2.85 49.01 22.35
N LYS E 131 2.98 47.69 22.10
CA LYS E 131 2.26 47.04 21.00
C LYS E 131 0.73 47.14 21.21
N MET E 132 0.23 46.91 22.45
CA MET E 132 -1.20 47.00 22.75
C MET E 132 -1.72 48.44 22.51
N LYS E 133 -0.91 49.45 22.89
CA LYS E 133 -1.20 50.87 22.71
C LYS E 133 -1.33 51.17 21.19
N GLU E 134 -0.39 50.62 20.39
CA GLU E 134 -0.36 50.78 18.93
C GLU E 134 -1.55 50.11 18.25
N ILE E 135 -1.93 48.91 18.74
CA ILE E 135 -3.09 48.16 18.24
C ILE E 135 -4.36 49.02 18.41
N ALA E 136 -4.53 49.61 19.62
CA ALA E 136 -5.65 50.50 19.94
C ALA E 136 -5.66 51.73 19.00
N GLU E 137 -4.51 52.40 18.82
CA GLU E 137 -4.34 53.58 17.94
C GLU E 137 -4.66 53.29 16.48
N ALA E 138 -4.23 52.11 15.98
CA ALA E 138 -4.44 51.69 14.58
C ALA E 138 -5.93 51.47 14.29
N TYR E 139 -6.69 50.96 15.26
CA TYR E 139 -8.13 50.73 15.10
C TYR E 139 -8.93 52.05 15.25
N LEU E 140 -8.62 52.83 16.29
CA LEU E 140 -9.33 54.07 16.58
C LEU E 140 -9.01 55.23 15.67
N GLY E 141 -7.82 55.22 15.09
CA GLY E 141 -7.35 56.32 14.24
C GLY E 141 -7.11 57.57 15.09
N LYS E 142 -6.84 57.37 16.39
CA LYS E 142 -6.60 58.43 17.39
C LYS E 142 -5.48 57.98 18.33
N THR E 143 -4.81 58.96 18.98
CA THR E 143 -3.74 58.70 19.94
C THR E 143 -4.31 58.09 21.23
N VAL E 144 -3.65 57.05 21.76
CA VAL E 144 -4.08 56.37 22.99
C VAL E 144 -2.97 56.56 24.04
N THR E 145 -3.29 57.19 25.18
CA THR E 145 -2.34 57.41 26.28
C THR E 145 -2.83 56.78 27.61
N ASN E 146 -4.13 56.91 27.90
CA ASN E 146 -4.75 56.46 29.15
C ASN E 146 -5.20 55.04 29.12
N ALA E 147 -4.87 54.29 30.16
CA ALA E 147 -5.27 52.90 30.21
C ALA E 147 -5.34 52.33 31.62
N VAL E 148 -6.10 51.25 31.75
CA VAL E 148 -6.22 50.53 33.00
C VAL E 148 -5.54 49.21 32.70
N VAL E 149 -4.56 48.86 33.51
CA VAL E 149 -3.82 47.61 33.33
C VAL E 149 -4.13 46.64 34.47
N THR E 150 -4.42 45.41 34.12
CA THR E 150 -4.79 44.40 35.11
C THR E 150 -3.60 43.57 35.60
N VAL E 151 -3.70 43.08 36.86
CA VAL E 151 -2.67 42.24 37.49
C VAL E 151 -3.36 41.07 38.23
N PRO E 152 -2.69 39.95 38.46
CA PRO E 152 -3.31 38.85 39.22
C PRO E 152 -3.56 39.28 40.68
N ALA E 153 -4.62 38.77 41.32
CA ALA E 153 -4.96 39.14 42.69
C ALA E 153 -3.87 38.78 43.70
N TYR E 154 -3.03 37.76 43.39
CA TYR E 154 -1.93 37.30 44.25
C TYR E 154 -0.62 38.13 44.05
N PHE E 155 -0.58 39.07 43.09
CA PHE E 155 0.61 39.89 42.88
C PHE E 155 0.93 40.72 44.13
N ASN E 156 2.21 40.77 44.50
CA ASN E 156 2.70 41.53 45.65
C ASN E 156 3.01 42.99 45.30
N ASP E 157 3.45 43.78 46.27
CA ASP E 157 3.73 45.20 46.03
C ASP E 157 4.77 45.42 44.92
N SER E 158 5.83 44.62 44.95
CA SER E 158 6.93 44.67 43.97
C SER E 158 6.41 44.30 42.57
N GLN E 159 5.56 43.26 42.47
CA GLN E 159 5.01 42.79 41.20
C GLN E 159 4.02 43.81 40.61
N ARG E 160 3.25 44.50 41.47
CA ARG E 160 2.30 45.56 41.09
C ARG E 160 3.05 46.80 40.64
N GLN E 161 4.06 47.24 41.41
CA GLN E 161 4.86 48.41 41.04
C GLN E 161 5.58 48.23 39.70
N ALA E 162 6.23 47.05 39.50
CA ALA E 162 6.93 46.70 38.26
C ALA E 162 6.00 46.70 37.04
N THR E 163 4.73 46.30 37.21
CA THR E 163 3.73 46.35 36.13
C THR E 163 3.39 47.81 35.77
N LYS E 164 3.19 48.68 36.79
CA LYS E 164 2.91 50.10 36.61
C LYS E 164 4.11 50.77 35.87
N ASP E 165 5.35 50.41 36.27
CA ASP E 165 6.60 50.87 35.67
C ASP E 165 6.66 50.48 34.18
N ALA E 166 6.19 49.25 33.82
CA ALA E 166 6.13 48.81 32.42
C ALA E 166 5.17 49.74 31.63
N GLY E 167 4.05 50.12 32.25
CA GLY E 167 3.07 51.07 31.69
C GLY E 167 3.72 52.43 31.43
N THR E 168 4.47 52.94 32.43
CA THR E 168 5.16 54.22 32.35
C THR E 168 6.23 54.24 31.24
N ILE E 169 7.01 53.16 31.14
CA ILE E 169 8.03 53.05 30.12
C ILE E 169 7.40 53.05 28.73
N ALA E 170 6.26 52.40 28.61
CA ALA E 170 5.50 52.31 27.36
C ALA E 170 4.82 53.63 26.91
N GLY E 171 4.94 54.68 27.72
CA GLY E 171 4.33 55.99 27.43
C GLY E 171 2.85 56.02 27.77
N LEU E 172 2.40 55.07 28.61
CA LEU E 172 0.99 55.03 29.03
C LEU E 172 0.79 55.77 30.35
N ASN E 173 -0.35 56.40 30.49
CA ASN E 173 -0.78 57.03 31.72
C ASN E 173 -1.69 55.98 32.34
N VAL E 174 -1.18 55.22 33.33
CA VAL E 174 -1.91 54.14 33.99
C VAL E 174 -2.91 54.75 34.97
N LEU E 175 -4.19 54.81 34.55
CA LEU E 175 -5.30 55.36 35.36
C LEU E 175 -5.45 54.59 36.65
N ARG E 176 -5.37 53.27 36.57
CA ARG E 176 -5.48 52.40 37.73
C ARG E 176 -4.98 51.00 37.42
N ILE E 177 -4.60 50.27 38.46
CA ILE E 177 -4.18 48.90 38.32
C ILE E 177 -5.27 48.14 39.06
N ILE E 178 -5.95 47.24 38.38
CA ILE E 178 -7.01 46.47 39.01
C ILE E 178 -6.79 44.98 38.85
N ASN E 179 -7.23 44.22 39.84
CA ASN E 179 -7.07 42.76 39.83
C ASN E 179 -7.83 42.13 38.70
N GLU E 180 -7.24 41.05 38.13
CA GLU E 180 -7.87 40.29 37.05
C GLU E 180 -9.23 39.71 37.46
N PRO E 181 -9.37 39.05 38.63
CA PRO E 181 -10.72 38.55 39.02
C PRO E 181 -11.75 39.70 39.22
N THR E 182 -11.30 40.87 39.72
CA THR E 182 -12.14 42.07 39.87
C THR E 182 -12.63 42.58 38.48
N ALA E 183 -11.73 42.58 37.46
CA ALA E 183 -12.03 43.01 36.09
C ALA E 183 -13.10 42.10 35.49
N ALA E 184 -12.98 40.76 35.70
CA ALA E 184 -13.93 39.78 35.21
C ALA E 184 -15.32 40.00 35.84
N ALA E 185 -15.37 40.26 37.17
CA ALA E 185 -16.61 40.59 37.90
C ALA E 185 -17.25 41.91 37.37
N ILE E 186 -16.41 42.94 37.10
CA ILE E 186 -16.85 44.24 36.56
C ILE E 186 -17.43 44.06 35.14
N ALA E 187 -16.81 43.18 34.30
CA ALA E 187 -17.29 42.92 32.94
C ALA E 187 -18.75 42.43 32.94
N TYR E 188 -19.12 41.58 33.91
CA TYR E 188 -20.46 41.02 34.08
C TYR E 188 -21.42 41.90 34.91
N GLY E 189 -20.96 43.10 35.34
CA GLY E 189 -21.71 44.06 36.14
C GLY E 189 -22.20 43.50 37.48
N LEU E 190 -21.39 42.59 38.07
CA LEU E 190 -21.73 41.93 39.34
C LEU E 190 -21.80 42.90 40.54
N ASP E 191 -21.09 44.02 40.47
CA ASP E 191 -21.06 45.09 41.48
C ASP E 191 -22.28 46.05 41.37
N LYS E 192 -23.11 45.86 40.32
CA LYS E 192 -24.30 46.67 40.03
C LYS E 192 -25.60 45.93 40.39
N LYS E 193 -25.50 44.65 40.76
CA LYS E 193 -26.67 43.85 41.15
C LYS E 193 -27.21 44.32 42.51
N VAL E 194 -28.52 44.49 42.60
CA VAL E 194 -29.17 44.99 43.83
C VAL E 194 -29.21 43.90 44.92
N GLY E 195 -29.21 44.32 46.19
CA GLY E 195 -29.22 43.39 47.30
C GLY E 195 -28.01 43.44 48.22
N ALA E 196 -27.90 42.44 49.11
CA ALA E 196 -26.83 42.32 50.10
C ALA E 196 -25.44 42.01 49.49
N GLU E 197 -24.39 41.77 50.34
CA GLU E 197 -23.06 41.41 49.86
C GLU E 197 -23.09 40.14 49.02
N ARG E 198 -22.36 40.12 47.89
CA ARG E 198 -22.35 38.90 47.09
C ARG E 198 -20.98 38.30 47.00
N ASN E 199 -20.93 36.97 47.08
CA ASN E 199 -19.74 36.15 47.02
C ASN E 199 -19.58 35.65 45.61
N VAL E 200 -18.43 35.95 45.03
CA VAL E 200 -18.14 35.67 43.62
C VAL E 200 -16.94 34.73 43.49
N LEU E 201 -17.11 33.68 42.70
CA LEU E 201 -16.00 32.78 42.37
C LEU E 201 -15.62 33.01 40.91
N ILE E 202 -14.35 33.29 40.68
CA ILE E 202 -13.83 33.50 39.33
C ILE E 202 -13.03 32.25 38.97
N PHE E 203 -13.46 31.54 37.94
CA PHE E 203 -12.78 30.34 37.49
C PHE E 203 -11.97 30.72 36.26
N ASP E 204 -10.66 30.90 36.43
CA ASP E 204 -9.82 31.30 35.31
C ASP E 204 -8.86 30.21 34.85
N LEU E 205 -9.18 29.60 33.72
CA LEU E 205 -8.37 28.55 33.13
C LEU E 205 -7.98 28.97 31.72
N GLY E 206 -6.84 29.63 31.64
CA GLY E 206 -6.31 30.17 30.40
C GLY E 206 -5.00 30.89 30.58
N GLY E 207 -4.24 30.98 29.50
CA GLY E 207 -2.94 31.62 29.49
C GLY E 207 -1.88 30.85 30.27
N GLY E 208 -1.97 29.52 30.24
CA GLY E 208 -1.03 28.60 30.88
C GLY E 208 -1.05 28.55 32.39
N THR E 209 -2.03 29.21 33.03
CA THR E 209 -2.21 29.20 34.49
C THR E 209 -3.66 28.92 34.82
N PHE E 210 -3.89 28.39 36.02
CA PHE E 210 -5.22 28.14 36.52
C PHE E 210 -5.36 28.94 37.81
N ASP E 211 -6.27 29.95 37.80
CA ASP E 211 -6.50 30.81 38.97
C ASP E 211 -7.92 30.77 39.41
N VAL E 212 -8.13 30.42 40.69
CA VAL E 212 -9.44 30.46 41.32
C VAL E 212 -9.39 31.59 42.32
N SER E 213 -10.29 32.54 42.23
CA SER E 213 -10.37 33.64 43.19
C SER E 213 -11.76 33.75 43.75
N ILE E 214 -11.88 34.06 45.05
CA ILE E 214 -13.15 34.33 45.68
C ILE E 214 -13.17 35.77 46.16
N LEU E 215 -14.16 36.55 45.69
CA LEU E 215 -14.32 37.94 46.08
C LEU E 215 -15.65 38.13 46.76
N THR E 216 -15.73 39.18 47.57
CA THR E 216 -16.98 39.61 48.19
C THR E 216 -17.19 41.01 47.65
N ILE E 217 -18.41 41.28 47.14
CA ILE E 217 -18.77 42.63 46.69
C ILE E 217 -19.82 43.15 47.65
N GLU E 218 -19.46 44.20 48.41
CA GLU E 218 -20.35 44.81 49.38
C GLU E 218 -20.34 46.30 49.16
N ASP E 219 -21.51 46.84 48.78
CA ASP E 219 -21.73 48.27 48.51
C ASP E 219 -20.74 48.76 47.47
N GLY E 220 -20.56 47.98 46.41
CA GLY E 220 -19.66 48.34 45.34
C GLY E 220 -18.18 48.20 45.67
N ILE E 221 -17.88 47.57 46.79
CA ILE E 221 -16.49 47.39 47.21
C ILE E 221 -16.08 45.94 47.02
N PHE E 222 -14.93 45.74 46.39
CA PHE E 222 -14.43 44.40 46.14
C PHE E 222 -13.38 44.02 47.17
N GLU E 223 -13.54 42.85 47.79
CA GLU E 223 -12.57 42.38 48.75
C GLU E 223 -12.09 41.01 48.25
N VAL E 224 -10.77 40.79 48.14
CA VAL E 224 -10.27 39.47 47.74
C VAL E 224 -10.25 38.61 49.01
N LYS E 225 -11.11 37.58 49.06
CA LYS E 225 -11.21 36.69 50.22
C LYS E 225 -10.18 35.57 50.19
N SER E 226 -9.94 34.98 49.00
CA SER E 226 -8.98 33.88 48.83
C SER E 226 -8.58 33.69 47.36
N THR E 227 -7.39 33.10 47.16
CA THR E 227 -6.84 32.75 45.86
C THR E 227 -6.25 31.33 45.97
N ALA E 228 -6.43 30.54 44.91
CA ALA E 228 -5.96 29.16 44.79
C ALA E 228 -5.76 28.87 43.30
N GLY E 229 -5.21 27.70 43.01
CA GLY E 229 -4.98 27.28 41.64
C GLY E 229 -3.72 26.48 41.43
N ASP E 230 -3.35 26.39 40.16
CA ASP E 230 -2.15 25.72 39.67
C ASP E 230 -1.50 26.68 38.69
N THR E 231 -0.24 27.03 38.93
CA THR E 231 0.50 27.96 38.08
C THR E 231 0.77 27.55 36.62
N HIS E 232 1.03 26.26 36.40
CA HIS E 232 1.36 25.76 35.07
C HIS E 232 0.33 24.88 34.36
N LEU E 233 -0.95 25.03 34.72
CA LEU E 233 -2.01 24.21 34.14
C LEU E 233 -2.74 25.01 33.08
N GLY E 234 -2.96 24.38 31.94
CA GLY E 234 -3.69 25.01 30.86
C GLY E 234 -4.01 24.10 29.70
N GLY E 235 -4.42 24.72 28.60
CA GLY E 235 -4.78 24.07 27.34
C GLY E 235 -3.73 23.13 26.80
N GLU E 236 -2.43 23.48 26.98
CA GLU E 236 -1.29 22.69 26.52
C GLU E 236 -1.26 21.30 27.13
N ASP E 237 -1.65 21.17 28.42
CA ASP E 237 -1.73 19.88 29.13
C ASP E 237 -2.79 18.98 28.49
N PHE E 238 -3.91 19.58 28.11
CA PHE E 238 -4.98 18.88 27.43
C PHE E 238 -4.51 18.45 26.04
N ASP E 239 -3.74 19.33 25.40
CA ASP E 239 -3.19 19.07 24.07
C ASP E 239 -2.23 17.89 24.08
N ASN E 240 -1.41 17.83 25.12
CA ASN E 240 -0.42 16.77 25.25
C ASN E 240 -1.09 15.41 25.33
N ARG E 241 -2.20 15.35 26.05
CA ARG E 241 -2.94 14.11 26.20
C ARG E 241 -3.48 13.60 24.86
N MET E 242 -3.94 14.51 24.01
CA MET E 242 -4.41 14.17 22.65
C MET E 242 -3.21 13.71 21.79
N VAL E 243 -2.07 14.42 21.92
CA VAL E 243 -0.84 14.07 21.17
C VAL E 243 -0.40 12.64 21.53
N ASN E 244 -0.29 12.33 22.86
CA ASN E 244 0.09 11.00 23.35
C ASN E 244 -0.89 9.92 22.89
N HIS E 245 -2.18 10.24 22.86
CA HIS E 245 -3.18 9.31 22.40
C HIS E 245 -2.96 8.97 20.93
N PHE E 246 -2.71 9.99 20.12
CA PHE E 246 -2.47 9.80 18.70
C PHE E 246 -1.17 9.07 18.36
N ILE E 247 -0.12 9.36 19.11
CA ILE E 247 1.17 8.70 18.88
C ILE E 247 1.00 7.21 19.16
N ALA E 248 0.32 6.90 20.25
CA ALA E 248 0.02 5.50 20.64
C ALA E 248 -0.84 4.82 19.59
N GLU E 249 -1.82 5.55 19.02
CA GLU E 249 -2.70 5.09 17.93
C GLU E 249 -1.87 4.74 16.67
N PHE E 250 -0.93 5.63 16.29
CA PHE E 250 -0.08 5.42 15.12
C PHE E 250 0.80 4.18 15.34
N LYS E 251 1.35 4.01 16.56
CA LYS E 251 2.14 2.83 16.95
C LYS E 251 1.30 1.56 16.80
N ARG E 252 0.06 1.52 17.33
CA ARG E 252 -0.79 0.33 17.23
C ARG E 252 -1.13 -0.06 15.79
N LYS E 253 -1.53 0.93 14.97
CA LYS E 253 -1.94 0.74 13.59
C LYS E 253 -0.80 0.48 12.62
N HIS E 254 0.32 1.20 12.74
CA HIS E 254 1.45 1.05 11.80
C HIS E 254 2.78 0.52 12.36
N LYS E 255 2.83 0.28 13.65
CA LYS E 255 4.04 -0.23 14.34
C LYS E 255 5.24 0.69 14.07
N LYS E 256 4.96 2.01 14.04
CA LYS E 256 5.95 3.05 13.82
C LYS E 256 5.85 4.13 14.86
N ASP E 257 7.02 4.53 15.40
CA ASP E 257 7.12 5.56 16.43
C ASP E 257 7.43 6.87 15.73
N ILE E 258 6.51 7.85 15.82
CA ILE E 258 6.68 9.15 15.15
C ILE E 258 7.33 10.18 16.08
N SER E 259 7.42 9.86 17.40
CA SER E 259 7.80 10.78 18.48
C SER E 259 9.23 11.36 18.40
N GLU E 260 10.13 10.79 17.60
CA GLU E 260 11.48 11.35 17.46
C GLU E 260 11.60 12.34 16.29
N ASN E 261 10.58 12.36 15.41
CA ASN E 261 10.51 13.26 14.26
C ASN E 261 9.75 14.53 14.70
N LYS E 262 10.50 15.61 14.98
CA LYS E 262 9.94 16.88 15.46
C LYS E 262 8.85 17.43 14.56
N ARG E 263 9.04 17.36 13.23
CA ARG E 263 8.06 17.85 12.25
C ARG E 263 6.75 17.05 12.27
N ALA E 264 6.83 15.70 12.40
CA ALA E 264 5.63 14.84 12.48
C ALA E 264 4.84 15.19 13.74
N VAL E 265 5.54 15.32 14.90
CA VAL E 265 4.96 15.66 16.20
C VAL E 265 4.31 17.07 16.08
N ARG E 266 5.02 18.03 15.46
CA ARG E 266 4.47 19.38 15.28
C ARG E 266 3.18 19.34 14.46
N ARG E 267 3.17 18.64 13.29
CA ARG E 267 1.97 18.55 12.44
C ARG E 267 0.79 17.95 13.23
N LEU E 268 1.07 16.91 14.01
CA LEU E 268 0.09 16.25 14.86
C LEU E 268 -0.42 17.18 15.98
N ARG E 269 0.51 17.86 16.71
CA ARG E 269 0.18 18.80 17.79
C ARG E 269 -0.71 19.96 17.28
N THR E 270 -0.38 20.52 16.12
CA THR E 270 -1.16 21.62 15.51
C THR E 270 -2.56 21.13 15.18
N ALA E 271 -2.70 19.92 14.62
CA ALA E 271 -3.99 19.32 14.28
C ALA E 271 -4.79 19.07 15.56
N CYS E 272 -4.13 18.63 16.65
CA CYS E 272 -4.75 18.37 17.94
C CYS E 272 -5.31 19.64 18.58
N GLU E 273 -4.55 20.76 18.54
CA GLU E 273 -4.98 22.06 19.11
C GLU E 273 -6.29 22.50 18.45
N ARG E 274 -6.37 22.33 17.10
CA ARG E 274 -7.54 22.68 16.29
C ARG E 274 -8.73 21.77 16.61
N ALA E 275 -8.49 20.44 16.61
CA ALA E 275 -9.47 19.38 16.92
C ALA E 275 -10.09 19.60 18.30
N LYS E 276 -9.27 19.98 19.32
CA LYS E 276 -9.72 20.27 20.68
C LYS E 276 -10.74 21.40 20.67
N ARG E 277 -10.42 22.52 19.95
CA ARG E 277 -11.31 23.67 19.83
C ARG E 277 -12.63 23.27 19.18
N THR E 278 -12.58 22.40 18.15
CA THR E 278 -13.74 21.86 17.44
C THR E 278 -14.63 21.06 18.40
N LEU E 279 -13.99 20.31 19.31
CA LEU E 279 -14.67 19.49 20.29
C LEU E 279 -15.41 20.31 21.36
N SER E 280 -15.16 21.64 21.42
CA SER E 280 -15.93 22.48 22.35
C SER E 280 -17.29 22.84 21.76
N SER E 281 -17.44 22.72 20.41
CA SER E 281 -18.71 23.04 19.72
C SER E 281 -19.36 21.82 19.06
N SER E 282 -18.55 20.80 18.73
CA SER E 282 -18.98 19.55 18.10
C SER E 282 -18.65 18.32 18.93
N THR E 283 -19.34 17.19 18.66
CA THR E 283 -19.12 15.95 19.40
C THR E 283 -18.01 15.09 18.76
N GLN E 284 -17.54 15.45 17.55
CA GLN E 284 -16.47 14.73 16.86
C GLN E 284 -15.60 15.67 16.00
N ALA E 285 -14.28 15.42 15.96
CA ALA E 285 -13.31 16.16 15.15
C ALA E 285 -12.55 15.17 14.30
N SER E 286 -12.45 15.43 12.98
CA SER E 286 -11.72 14.60 12.01
C SER E 286 -10.36 15.25 11.70
N ILE E 287 -9.35 14.41 11.46
CA ILE E 287 -7.98 14.84 11.16
C ILE E 287 -7.48 14.03 9.93
N GLU E 288 -7.04 14.75 8.90
CA GLU E 288 -6.45 14.13 7.71
C GLU E 288 -5.07 14.74 7.49
N ILE E 289 -4.02 13.95 7.78
CA ILE E 289 -2.65 14.40 7.58
C ILE E 289 -1.96 13.45 6.58
N ASP E 290 -1.73 13.95 5.37
CA ASP E 290 -1.05 13.18 4.34
C ASP E 290 0.42 13.06 4.66
N SER E 291 0.97 11.86 4.43
CA SER E 291 2.38 11.54 4.57
C SER E 291 2.93 12.09 5.91
N LEU E 292 2.27 11.75 7.02
CA LEU E 292 2.68 12.22 8.36
C LEU E 292 4.08 11.74 8.74
N TYR E 293 4.37 10.45 8.46
CA TYR E 293 5.63 9.83 8.85
C TYR E 293 5.87 8.66 7.93
N GLU E 294 7.05 8.62 7.31
CA GLU E 294 7.50 7.58 6.39
C GLU E 294 6.49 7.30 5.28
N GLY E 295 5.91 8.37 4.76
CA GLY E 295 4.93 8.35 3.68
C GLY E 295 3.56 7.84 4.05
N ILE E 296 3.32 7.55 5.34
CA ILE E 296 2.03 7.05 5.84
C ILE E 296 1.03 8.20 6.08
N ASP E 297 -0.14 8.11 5.45
CA ASP E 297 -1.23 9.07 5.66
C ASP E 297 -1.89 8.73 7.00
N PHE E 298 -2.22 9.77 7.79
CA PHE E 298 -2.87 9.61 9.09
C PHE E 298 -4.25 10.24 9.08
N TYR E 299 -5.25 9.40 8.80
CA TYR E 299 -6.65 9.81 8.71
C TYR E 299 -7.34 9.24 9.91
N THR E 300 -7.79 10.12 10.79
CA THR E 300 -8.41 9.67 12.02
C THR E 300 -9.42 10.69 12.52
N SER E 301 -10.04 10.37 13.64
CA SER E 301 -11.03 11.21 14.30
C SER E 301 -10.96 10.96 15.79
N ILE E 302 -11.52 11.89 16.57
CA ILE E 302 -11.61 11.81 18.02
C ILE E 302 -12.96 12.36 18.44
N THR E 303 -13.68 11.64 19.31
CA THR E 303 -14.95 12.10 19.83
C THR E 303 -14.69 13.00 21.06
N ARG E 304 -15.68 13.81 21.44
CA ARG E 304 -15.62 14.66 22.64
C ARG E 304 -15.46 13.75 23.86
N ALA E 305 -16.17 12.60 23.88
CA ALA E 305 -16.10 11.62 24.99
C ALA E 305 -14.70 11.09 25.18
N ARG E 306 -14.00 10.71 24.09
CA ARG E 306 -12.62 10.22 24.16
C ARG E 306 -11.67 11.31 24.68
N PHE E 307 -11.86 12.57 24.23
CA PHE E 307 -11.06 13.71 24.68
C PHE E 307 -11.24 13.94 26.19
N GLU E 308 -12.49 13.82 26.66
CA GLU E 308 -12.86 13.96 28.06
C GLU E 308 -12.19 12.88 28.92
N GLU E 309 -12.27 11.61 28.49
CA GLU E 309 -11.65 10.48 29.18
C GLU E 309 -10.12 10.63 29.26
N LEU E 310 -9.47 11.07 28.16
CA LEU E 310 -8.02 11.28 28.09
C LEU E 310 -7.52 12.31 29.13
N ASN E 311 -8.39 13.26 29.48
CA ASN E 311 -8.14 14.37 30.42
C ASN E 311 -8.90 14.31 31.72
N ALA E 312 -9.56 13.16 32.03
CA ALA E 312 -10.45 13.00 33.18
C ALA E 312 -9.90 13.53 34.52
N ASP E 313 -8.65 13.19 34.84
CA ASP E 313 -7.96 13.56 36.08
C ASP E 313 -7.62 15.05 36.12
N LEU E 314 -7.28 15.65 34.97
CA LEU E 314 -6.94 17.07 34.87
C LEU E 314 -8.17 17.91 34.99
N PHE E 315 -9.29 17.45 34.37
CA PHE E 315 -10.57 18.16 34.42
C PHE E 315 -11.14 18.11 35.84
N ARG E 316 -11.20 16.91 36.44
CA ARG E 316 -11.69 16.66 37.82
C ARG E 316 -10.83 17.45 38.84
N GLY E 317 -9.51 17.50 38.62
CA GLY E 317 -8.56 18.21 39.46
C GLY E 317 -8.77 19.71 39.58
N THR E 318 -9.50 20.32 38.63
CA THR E 318 -9.79 21.78 38.65
C THR E 318 -10.69 22.14 39.87
N LEU E 319 -11.46 21.18 40.39
CA LEU E 319 -12.35 21.38 41.54
C LEU E 319 -11.59 21.43 42.88
N ASP E 320 -10.39 20.88 42.92
CA ASP E 320 -9.62 20.91 44.15
C ASP E 320 -9.27 22.34 44.55
N PRO E 321 -8.85 23.14 43.58
CA PRO E 321 -8.53 24.54 43.88
C PRO E 321 -9.79 25.28 44.35
N VAL E 322 -10.94 24.96 43.78
CA VAL E 322 -12.20 25.60 44.17
C VAL E 322 -12.54 25.30 45.63
N GLU E 323 -12.39 24.04 46.03
CA GLU E 323 -12.63 23.64 47.42
C GLU E 323 -11.63 24.34 48.36
N LYS E 324 -10.34 24.43 47.95
CA LYS E 324 -9.30 25.10 48.73
C LYS E 324 -9.65 26.61 48.90
N ALA E 325 -10.08 27.27 47.80
CA ALA E 325 -10.49 28.68 47.83
C ALA E 325 -11.69 28.88 48.76
N LEU E 326 -12.73 28.01 48.65
CA LEU E 326 -13.93 28.07 49.50
C LEU E 326 -13.57 27.90 50.98
N ARG E 327 -12.60 27.00 51.27
CA ARG E 327 -12.09 26.70 52.62
C ARG E 327 -11.38 27.93 53.21
N ASP E 328 -10.46 28.56 52.43
CA ASP E 328 -9.68 29.74 52.81
C ASP E 328 -10.52 31.00 53.02
N ALA E 329 -11.59 31.18 52.22
CA ALA E 329 -12.52 32.32 52.32
C ALA E 329 -13.55 32.10 53.45
N LYS E 330 -13.57 30.89 54.04
CA LYS E 330 -14.47 30.40 55.09
C LYS E 330 -15.93 30.43 54.59
N LEU E 331 -16.14 29.90 53.35
CA LEU E 331 -17.45 29.83 52.71
C LEU E 331 -17.84 28.44 52.25
N ASP E 332 -19.15 28.13 52.32
CA ASP E 332 -19.69 26.89 51.79
C ASP E 332 -19.99 27.22 50.32
N LYS E 333 -20.02 26.20 49.44
CA LYS E 333 -20.30 26.39 48.00
C LYS E 333 -21.70 27.00 47.76
N SER E 334 -22.65 26.75 48.69
CA SER E 334 -24.02 27.28 48.66
C SER E 334 -24.05 28.82 48.86
N GLN E 335 -22.98 29.39 49.43
CA GLN E 335 -22.85 30.82 49.71
C GLN E 335 -22.31 31.63 48.50
N ILE E 336 -21.95 30.97 47.39
CA ILE E 336 -21.48 31.65 46.18
C ILE E 336 -22.68 32.11 45.36
N HIS E 337 -22.78 33.43 45.20
CA HIS E 337 -23.80 34.09 44.38
C HIS E 337 -23.57 34.03 42.87
N ASP E 338 -22.31 34.20 42.45
CA ASP E 338 -21.95 34.25 41.02
C ASP E 338 -20.70 33.49 40.72
N ILE E 339 -20.70 32.81 39.57
CA ILE E 339 -19.55 32.04 39.09
C ILE E 339 -19.21 32.60 37.73
N VAL E 340 -17.95 33.05 37.56
CA VAL E 340 -17.46 33.66 36.31
C VAL E 340 -16.38 32.79 35.63
N LEU E 341 -16.57 32.50 34.33
CA LEU E 341 -15.64 31.71 33.50
C LEU E 341 -14.71 32.62 32.74
N VAL E 342 -13.41 32.50 33.04
CA VAL E 342 -12.34 33.27 32.39
C VAL E 342 -11.29 32.27 31.81
N GLY E 343 -10.72 32.60 30.65
CA GLY E 343 -9.71 31.79 29.98
C GLY E 343 -10.35 30.89 28.93
N GLY E 344 -9.65 30.72 27.81
CA GLY E 344 -10.08 29.92 26.66
C GLY E 344 -10.46 28.48 26.95
N SER E 345 -9.77 27.84 27.92
CA SER E 345 -10.08 26.46 28.32
C SER E 345 -11.45 26.29 29.02
N THR E 346 -12.06 27.38 29.53
CA THR E 346 -13.38 27.27 30.16
C THR E 346 -14.48 26.98 29.13
N ARG E 347 -14.15 27.07 27.82
CA ARG E 347 -15.05 26.74 26.72
C ARG E 347 -15.32 25.22 26.67
N ILE E 348 -14.46 24.40 27.30
CA ILE E 348 -14.56 22.94 27.31
C ILE E 348 -15.83 22.53 28.05
N PRO E 349 -16.80 21.91 27.33
CA PRO E 349 -18.08 21.54 27.96
C PRO E 349 -17.99 20.72 29.22
N LYS E 350 -17.04 19.77 29.29
CA LYS E 350 -16.86 18.95 30.50
C LYS E 350 -16.44 19.80 31.70
N ILE E 351 -15.58 20.82 31.48
CA ILE E 351 -15.14 21.73 32.55
C ILE E 351 -16.34 22.52 33.10
N GLN E 352 -17.22 23.02 32.19
CA GLN E 352 -18.44 23.74 32.56
C GLN E 352 -19.39 22.83 33.33
N LYS E 353 -19.56 21.56 32.86
CA LYS E 353 -20.41 20.55 33.48
C LYS E 353 -19.92 20.23 34.89
N LEU E 354 -18.61 19.97 35.07
CA LEU E 354 -18.02 19.64 36.38
C LEU E 354 -18.26 20.77 37.39
N LEU E 355 -18.02 22.02 36.97
CA LEU E 355 -18.18 23.20 37.82
C LEU E 355 -19.65 23.49 38.15
N GLN E 356 -20.55 23.39 37.14
CA GLN E 356 -21.98 23.61 37.34
C GLN E 356 -22.56 22.53 38.29
N ASP E 357 -22.17 21.25 38.11
CA ASP E 357 -22.58 20.12 38.96
C ASP E 357 -22.09 20.31 40.39
N PHE E 358 -20.84 20.81 40.56
CA PHE E 358 -20.28 21.11 41.88
C PHE E 358 -21.14 22.18 42.59
N PHE E 359 -21.61 23.18 41.83
CA PHE E 359 -22.45 24.25 42.36
C PHE E 359 -23.97 23.97 42.22
N ASN E 360 -24.36 22.69 42.24
CA ASN E 360 -25.74 22.19 42.24
C ASN E 360 -26.64 22.74 41.11
N GLY E 361 -26.13 22.74 39.88
CA GLY E 361 -26.88 23.16 38.70
C GLY E 361 -26.94 24.65 38.44
N LYS E 362 -26.21 25.44 39.24
CA LYS E 362 -26.16 26.90 39.10
C LYS E 362 -25.56 27.34 37.75
N GLU E 363 -26.25 28.28 37.07
CA GLU E 363 -25.81 28.81 35.77
C GLU E 363 -24.55 29.64 35.92
N LEU E 364 -23.63 29.51 34.95
CA LEU E 364 -22.35 30.22 34.95
C LEU E 364 -22.40 31.47 34.10
N ASN E 365 -21.54 32.46 34.44
CA ASN E 365 -21.38 33.69 33.67
C ASN E 365 -20.30 33.38 32.64
N LYS E 366 -20.72 33.13 31.38
CA LYS E 366 -19.85 32.68 30.30
C LYS E 366 -20.17 33.35 28.95
N SER E 367 -21.18 34.27 28.92
CA SER E 367 -21.62 34.96 27.70
C SER E 367 -20.51 35.78 27.07
N ILE E 368 -19.62 36.39 27.90
CA ILE E 368 -18.49 37.16 27.37
C ILE E 368 -17.38 36.17 26.98
N ASN E 369 -16.65 36.44 25.91
CA ASN E 369 -15.58 35.54 25.53
C ASN E 369 -14.65 35.44 26.74
N PRO E 370 -14.31 34.23 27.16
CA PRO E 370 -13.46 34.03 28.33
C PRO E 370 -12.08 34.67 28.21
N ASP E 371 -11.49 34.59 27.04
CA ASP E 371 -10.17 35.15 26.80
C ASP E 371 -10.17 36.70 26.81
N GLU E 372 -11.35 37.28 26.66
CA GLU E 372 -11.52 38.73 26.56
C GLU E 372 -12.16 39.39 27.77
N ALA E 373 -12.75 38.59 28.68
CA ALA E 373 -13.47 39.11 29.86
C ALA E 373 -12.66 40.09 30.73
N VAL E 374 -11.35 39.83 30.93
CA VAL E 374 -10.48 40.67 31.79
C VAL E 374 -10.24 42.04 31.13
N ALA E 375 -9.94 42.03 29.82
CA ALA E 375 -9.75 43.27 29.06
C ALA E 375 -11.08 44.00 28.97
N TYR E 376 -12.20 43.24 28.90
CA TYR E 376 -13.56 43.80 28.84
C TYR E 376 -13.83 44.64 30.10
N GLY E 377 -13.57 44.05 31.27
CA GLY E 377 -13.74 44.70 32.56
C GLY E 377 -12.78 45.86 32.76
N ALA E 378 -11.51 45.72 32.30
CA ALA E 378 -10.55 46.82 32.39
C ALA E 378 -11.03 48.01 31.50
N ALA E 379 -11.62 47.74 30.31
CA ALA E 379 -12.12 48.77 29.37
C ALA E 379 -13.29 49.55 29.97
N VAL E 380 -14.19 48.84 30.68
CA VAL E 380 -15.32 49.44 31.41
C VAL E 380 -14.74 50.37 32.49
N GLN E 381 -13.77 49.86 33.28
CA GLN E 381 -13.14 50.62 34.35
C GLN E 381 -12.46 51.89 33.82
N ALA E 382 -11.77 51.78 32.67
CA ALA E 382 -11.08 52.87 32.00
C ALA E 382 -12.06 53.98 31.59
N ALA E 383 -13.28 53.61 31.13
CA ALA E 383 -14.32 54.56 30.73
C ALA E 383 -14.88 55.26 31.95
N ILE E 384 -15.01 54.52 33.07
CA ILE E 384 -15.51 55.05 34.35
C ILE E 384 -14.56 56.13 34.85
N LEU E 385 -13.24 55.88 34.74
CA LEU E 385 -12.17 56.79 35.21
C LEU E 385 -11.86 57.95 34.25
N SER E 386 -12.49 57.97 33.05
CA SER E 386 -12.28 59.03 32.06
C SER E 386 -13.11 60.26 32.40
N SER F 5 -18.74 12.23 -11.84
CA SER F 5 -19.34 12.58 -10.55
C SER F 5 -18.82 13.91 -10.01
N ASN F 6 -18.03 14.64 -10.82
CA ASN F 6 -17.45 15.96 -10.51
C ASN F 6 -18.48 16.92 -9.94
N SER F 7 -18.24 17.39 -8.72
CA SER F 7 -19.15 18.27 -8.01
C SER F 7 -18.67 19.75 -7.95
N PRO F 8 -19.59 20.73 -7.87
CA PRO F 8 -19.13 22.12 -7.72
C PRO F 8 -18.38 22.30 -6.38
N GLN F 9 -18.78 21.54 -5.32
CA GLN F 9 -18.18 21.49 -3.98
C GLN F 9 -16.67 21.22 -4.06
N GLU F 10 -16.28 20.25 -4.91
CA GLU F 10 -14.89 19.91 -5.12
C GLU F 10 -14.06 21.05 -5.74
N GLU F 11 -14.66 21.87 -6.62
CA GLU F 11 -14.00 23.04 -7.22
C GLU F 11 -13.50 24.01 -6.14
N VAL F 12 -14.25 24.15 -5.03
CA VAL F 12 -13.88 24.98 -3.88
C VAL F 12 -12.56 24.46 -3.28
N GLU F 13 -12.44 23.15 -3.09
CA GLU F 13 -11.25 22.51 -2.52
C GLU F 13 -10.04 22.60 -3.46
N LEU F 14 -10.26 22.40 -4.77
CA LEU F 14 -9.21 22.47 -5.79
C LEU F 14 -8.65 23.89 -5.87
N LYS F 15 -9.51 24.92 -5.70
CA LYS F 15 -9.10 26.32 -5.70
C LYS F 15 -8.20 26.64 -4.50
N LYS F 16 -8.55 26.13 -3.29
CA LYS F 16 -7.73 26.25 -2.06
C LYS F 16 -6.35 25.59 -2.31
N LEU F 17 -6.34 24.37 -2.90
CA LEU F 17 -5.12 23.64 -3.23
C LEU F 17 -4.23 24.36 -4.25
N LYS F 18 -4.84 24.97 -5.28
CA LYS F 18 -4.13 25.75 -6.31
C LYS F 18 -3.46 26.98 -5.69
N HIS F 19 -4.12 27.62 -4.73
CA HIS F 19 -3.55 28.76 -4.01
C HIS F 19 -2.34 28.34 -3.18
N LEU F 20 -2.45 27.19 -2.52
CA LEU F 20 -1.36 26.62 -1.73
C LEU F 20 -0.19 26.19 -2.62
N GLU F 21 -0.48 25.67 -3.84
CA GLU F 21 0.55 25.31 -4.82
C GLU F 21 1.34 26.56 -5.24
N LYS F 22 0.65 27.72 -5.40
CA LYS F 22 1.31 28.98 -5.78
C LYS F 22 2.20 29.48 -4.65
N SER F 23 1.73 29.38 -3.39
CA SER F 23 2.51 29.78 -2.21
C SER F 23 3.79 28.92 -2.09
N VAL F 24 3.69 27.61 -2.40
CA VAL F 24 4.80 26.65 -2.41
C VAL F 24 5.82 27.06 -3.48
N GLU F 25 5.35 27.47 -4.67
CA GLU F 25 6.22 27.94 -5.77
C GLU F 25 7.04 29.17 -5.34
N LYS F 26 6.45 30.10 -4.56
CA LYS F 26 7.15 31.29 -4.06
C LYS F 26 8.27 30.92 -3.07
N ILE F 27 8.01 29.97 -2.17
CA ILE F 27 9.01 29.52 -1.20
C ILE F 27 10.11 28.72 -1.91
N ALA F 28 9.72 27.88 -2.91
CA ALA F 28 10.64 27.07 -3.71
C ALA F 28 11.62 27.96 -4.50
N ASP F 29 11.15 29.15 -4.97
CA ASP F 29 11.99 30.15 -5.66
C ASP F 29 13.03 30.70 -4.68
N GLN F 30 12.65 30.91 -3.39
CA GLN F 30 13.58 31.38 -2.35
C GLN F 30 14.66 30.32 -2.10
N LEU F 31 14.25 29.04 -2.00
CA LEU F 31 15.16 27.91 -1.82
C LEU F 31 16.16 27.83 -3.02
N GLU F 32 15.64 28.05 -4.25
CA GLU F 32 16.43 28.03 -5.46
C GLU F 32 17.53 29.10 -5.38
N GLU F 33 17.17 30.34 -4.95
CA GLU F 33 18.11 31.46 -4.78
C GLU F 33 19.16 31.15 -3.71
N LEU F 34 18.75 30.47 -2.62
CA LEU F 34 19.62 30.05 -1.53
C LEU F 34 20.62 29.00 -2.04
N ASN F 35 20.15 28.08 -2.91
CA ASN F 35 21.00 27.06 -3.52
C ASN F 35 22.06 27.67 -4.45
N LYS F 36 21.67 28.70 -5.22
CA LYS F 36 22.59 29.41 -6.12
C LYS F 36 23.70 30.11 -5.30
N GLU F 37 23.34 30.79 -4.18
CA GLU F 37 24.29 31.48 -3.29
C GLU F 37 25.25 30.51 -2.60
N LEU F 38 24.74 29.35 -2.12
CA LEU F 38 25.53 28.30 -1.47
C LEU F 38 26.60 27.78 -2.43
N THR F 39 26.17 27.47 -3.67
CA THR F 39 26.98 26.96 -4.77
C THR F 39 28.04 27.99 -5.17
N GLY F 40 27.64 29.25 -5.26
CA GLY F 40 28.52 30.37 -5.58
C GLY F 40 29.69 30.48 -4.62
N ILE F 41 29.43 30.40 -3.30
CA ILE F 41 30.45 30.47 -2.25
C ILE F 41 31.39 29.27 -2.32
N GLN F 42 30.80 28.06 -2.41
CA GLN F 42 31.55 26.79 -2.47
C GLN F 42 32.51 26.71 -3.67
N GLN F 43 32.07 27.26 -4.83
CA GLN F 43 32.85 27.24 -6.06
C GLN F 43 33.52 28.61 -6.36
N GLY F 44 33.53 29.51 -5.37
CA GLY F 44 34.06 30.86 -5.52
C GLY F 44 35.53 31.11 -5.26
N PHE F 45 35.88 32.41 -5.19
CA PHE F 45 37.24 32.96 -5.02
C PHE F 45 37.68 33.12 -3.57
N LEU F 46 36.76 32.99 -2.62
CA LEU F 46 37.12 33.12 -1.20
C LEU F 46 37.96 31.93 -0.69
N PRO F 47 38.98 32.17 0.18
CA PRO F 47 39.71 31.04 0.78
C PRO F 47 38.80 30.28 1.76
N LYS F 48 39.09 28.98 1.99
CA LYS F 48 38.34 28.02 2.81
C LYS F 48 37.73 28.60 4.10
N ASP F 49 38.51 29.40 4.86
CA ASP F 49 38.06 30.01 6.12
C ASP F 49 36.98 31.07 5.90
N LEU F 50 37.18 31.96 4.89
CA LEU F 50 36.22 33.01 4.55
C LEU F 50 34.93 32.44 3.94
N GLN F 51 35.04 31.25 3.31
CA GLN F 51 33.93 30.51 2.70
C GLN F 51 32.95 30.05 3.78
N ALA F 52 33.46 29.44 4.89
CA ALA F 52 32.64 28.95 6.02
C ALA F 52 31.83 30.06 6.71
N GLU F 53 32.42 31.26 6.78
CA GLU F 53 31.83 32.47 7.36
C GLU F 53 30.69 32.96 6.43
N ALA F 54 30.94 32.99 5.10
CA ALA F 54 29.97 33.43 4.09
C ALA F 54 28.75 32.49 4.06
N LEU F 55 28.98 31.15 4.18
CA LEU F 55 27.95 30.11 4.20
C LEU F 55 27.07 30.19 5.46
N CYS F 56 27.68 30.43 6.64
CA CYS F 56 26.88 30.53 7.88
C CYS F 56 26.00 31.79 7.90
N LYS F 57 26.31 32.78 7.04
CA LYS F 57 25.46 33.98 6.93
C LYS F 57 24.07 33.67 6.29
N LEU F 58 23.93 32.52 5.60
CA LEU F 58 22.70 32.07 4.93
C LEU F 58 21.73 31.34 5.88
N ASP F 59 22.17 31.05 7.10
CA ASP F 59 21.43 30.29 8.11
C ASP F 59 20.02 30.82 8.42
N ARG F 60 19.86 32.14 8.59
CA ARG F 60 18.55 32.76 8.90
C ARG F 60 17.53 32.48 7.79
N ARG F 61 17.96 32.66 6.53
CA ARG F 61 17.15 32.45 5.33
C ARG F 61 16.74 31.00 5.13
N VAL F 62 17.62 30.04 5.38
CA VAL F 62 17.23 28.63 5.28
C VAL F 62 16.16 28.27 6.33
N LYS F 63 16.34 28.76 7.56
CA LYS F 63 15.40 28.53 8.66
C LYS F 63 14.02 29.16 8.36
N ALA F 64 14.01 30.36 7.73
CA ALA F 64 12.78 31.04 7.34
C ALA F 64 12.06 30.22 6.23
N THR F 65 12.82 29.65 5.29
CA THR F 65 12.32 28.80 4.20
C THR F 65 11.68 27.53 4.78
N ILE F 66 12.38 26.84 5.71
CA ILE F 66 11.91 25.62 6.37
C ILE F 66 10.58 25.93 7.07
N GLU F 67 10.55 27.02 7.86
CA GLU F 67 9.36 27.47 8.58
C GLU F 67 8.18 27.77 7.65
N GLN F 68 8.45 28.39 6.48
CA GLN F 68 7.39 28.70 5.53
C GLN F 68 6.75 27.41 4.96
N PHE F 69 7.57 26.39 4.66
CA PHE F 69 7.07 25.10 4.18
C PHE F 69 6.26 24.38 5.28
N MET F 70 6.71 24.49 6.55
CA MET F 70 6.01 23.91 7.70
C MET F 70 4.63 24.53 7.89
N LYS F 71 4.52 25.87 7.72
CA LYS F 71 3.23 26.56 7.83
C LYS F 71 2.28 26.13 6.69
N ILE F 72 2.82 25.84 5.49
CA ILE F 72 2.02 25.34 4.36
C ILE F 72 1.48 23.95 4.72
N LEU F 73 2.34 23.07 5.26
CA LEU F 73 1.92 21.73 5.67
C LEU F 73 0.77 21.79 6.68
N GLU F 74 0.89 22.68 7.69
CA GLU F 74 -0.14 22.90 8.71
C GLU F 74 -1.44 23.41 8.10
N GLU F 75 -1.34 24.24 7.05
CA GLU F 75 -2.55 24.72 6.37
C GLU F 75 -3.22 23.61 5.57
N ILE F 76 -2.42 22.79 4.83
CA ILE F 76 -2.92 21.63 4.06
C ILE F 76 -3.60 20.64 5.01
N ASP F 77 -3.01 20.42 6.21
CA ASP F 77 -3.49 19.53 7.26
C ASP F 77 -4.87 19.90 7.83
N THR F 78 -5.37 21.15 7.56
CA THR F 78 -6.70 21.59 8.01
C THR F 78 -7.80 21.10 7.05
N LEU F 79 -7.42 20.66 5.84
CA LEU F 79 -8.37 20.20 4.83
C LEU F 79 -8.94 18.84 5.15
N ILE F 80 -10.21 18.66 4.84
CA ILE F 80 -10.91 17.41 4.99
C ILE F 80 -11.47 17.20 3.60
N LEU F 81 -11.12 16.08 2.98
CA LEU F 81 -11.55 15.79 1.61
C LEU F 81 -12.23 14.44 1.59
N PRO F 82 -13.56 14.37 1.34
CA PRO F 82 -14.23 13.06 1.29
C PRO F 82 -13.61 12.16 0.23
N GLU F 83 -13.71 10.83 0.42
CA GLU F 83 -13.12 9.82 -0.48
C GLU F 83 -13.54 9.99 -1.95
N ASN F 84 -14.74 10.49 -2.18
CA ASN F 84 -15.25 10.74 -3.53
C ASN F 84 -14.46 11.83 -4.27
N PHE F 85 -13.85 12.74 -3.52
CA PHE F 85 -13.08 13.83 -4.10
C PHE F 85 -11.69 13.30 -4.46
N LYS F 86 -11.63 12.46 -5.48
CA LYS F 86 -10.38 11.86 -5.92
C LYS F 86 -9.32 12.83 -6.43
N ASP F 87 -9.73 13.79 -7.24
CA ASP F 87 -8.81 14.77 -7.80
C ASP F 87 -8.17 15.66 -6.72
N SER F 88 -8.98 16.10 -5.73
CA SER F 88 -8.52 16.91 -4.60
C SER F 88 -7.56 16.10 -3.73
N ARG F 89 -7.89 14.84 -3.43
CA ARG F 89 -7.02 13.96 -2.62
C ARG F 89 -5.69 13.73 -3.31
N LEU F 90 -5.71 13.50 -4.64
CA LEU F 90 -4.48 13.31 -5.40
C LEU F 90 -3.63 14.61 -5.42
N LYS F 91 -4.28 15.78 -5.59
CA LYS F 91 -3.59 17.07 -5.62
C LYS F 91 -2.96 17.35 -4.24
N ARG F 92 -3.72 17.12 -3.14
CA ARG F 92 -3.22 17.32 -1.78
C ARG F 92 -1.98 16.41 -1.54
N LYS F 93 -2.09 15.09 -1.88
CA LYS F 93 -1.00 14.13 -1.72
C LYS F 93 0.25 14.55 -2.50
N GLY F 94 0.09 14.94 -3.77
CA GLY F 94 1.19 15.43 -4.60
C GLY F 94 1.82 16.68 -4.05
N LEU F 95 1.02 17.63 -3.54
CA LEU F 95 1.52 18.87 -2.93
C LEU F 95 2.32 18.62 -1.64
N VAL F 96 1.80 17.75 -0.75
CA VAL F 96 2.52 17.39 0.48
C VAL F 96 3.88 16.75 0.14
N LYS F 97 3.90 15.80 -0.81
CA LYS F 97 5.11 15.14 -1.26
C LYS F 97 6.11 16.15 -1.86
N LYS F 98 5.60 17.12 -2.63
CA LYS F 98 6.44 18.16 -3.23
C LYS F 98 7.10 19.01 -2.10
N VAL F 99 6.33 19.44 -1.10
CA VAL F 99 6.81 20.23 0.07
C VAL F 99 7.85 19.42 0.85
N GLN F 100 7.55 18.13 1.12
CA GLN F 100 8.46 17.21 1.82
C GLN F 100 9.81 17.06 1.09
N ALA F 101 9.81 16.97 -0.25
CA ALA F 101 11.04 16.89 -1.08
C ALA F 101 11.81 18.21 -0.95
N PHE F 102 11.11 19.38 -0.91
CA PHE F 102 11.75 20.67 -0.70
C PHE F 102 12.35 20.79 0.71
N LEU F 103 11.63 20.27 1.73
CA LEU F 103 12.11 20.28 3.11
C LEU F 103 13.39 19.45 3.25
N ALA F 104 13.48 18.30 2.54
CA ALA F 104 14.66 17.43 2.54
C ALA F 104 15.87 18.19 1.92
N GLU F 105 15.64 19.05 0.89
CA GLU F 105 16.68 19.88 0.25
C GLU F 105 17.15 20.95 1.24
N CYS F 106 16.21 21.58 1.98
CA CYS F 106 16.48 22.57 3.01
C CYS F 106 17.40 21.98 4.09
N ASP F 107 17.12 20.72 4.49
CA ASP F 107 17.87 19.94 5.48
C ASP F 107 19.29 19.72 5.02
N THR F 108 19.48 19.39 3.72
CA THR F 108 20.78 19.21 3.07
C THR F 108 21.56 20.53 3.20
N VAL F 109 20.91 21.68 2.93
CA VAL F 109 21.53 23.01 3.04
C VAL F 109 21.94 23.29 4.51
N GLU F 110 20.97 23.22 5.45
CA GLU F 110 21.18 23.46 6.88
C GLU F 110 22.33 22.66 7.51
N GLN F 111 22.50 21.39 7.08
CA GLN F 111 23.54 20.48 7.55
C GLN F 111 24.92 20.74 6.95
N ASN F 112 24.98 21.53 5.85
CA ASN F 112 26.22 21.88 5.14
C ASN F 112 26.72 23.30 5.43
N ILE F 113 26.00 24.07 6.29
CA ILE F 113 26.42 25.41 6.71
C ILE F 113 26.49 25.39 8.24
N CYS F 114 27.28 26.32 8.86
CA CYS F 114 27.43 26.44 10.33
C CYS F 114 27.82 25.09 11.03
N GLN F 115 28.67 24.28 10.36
CA GLN F 115 29.09 22.97 10.86
C GLN F 115 30.19 23.05 11.91
CL CL G . 26.93 -13.42 -34.66
N1 Q88 H . 40.12 -2.97 -20.85
C2 Q88 H . 40.37 -3.51 -19.65
N3 Q88 H . 39.80 -4.57 -19.06
C4 Q88 H . 38.86 -5.11 -19.86
C5 Q88 H . 38.50 -4.67 -21.13
C6 Q88 H . 39.18 -3.55 -21.63
N6 Q88 H . 38.95 -3.01 -22.84
N7 Q88 H . 37.47 -5.46 -21.65
C8 Q88 H . 37.24 -6.35 -20.68
N8 Q88 H . 36.35 -7.34 -20.76
N9 Q88 H . 38.05 -6.18 -19.57
C1 GOL I . 22.20 7.67 -6.66
O1 GOL I . 23.38 8.43 -6.49
C2 GOL I . 21.06 8.27 -5.88
O2 GOL I . 19.83 8.06 -6.58
C3 GOL I . 20.97 7.71 -4.49
O3 GOL I . 22.17 7.96 -3.76
C1 GOL J . 15.97 -19.94 -21.14
O1 GOL J . 16.63 -20.28 -22.35
C2 GOL J . 14.94 -21.00 -20.77
O2 GOL J . 15.41 -22.30 -21.13
C3 GOL J . 14.66 -20.95 -19.28
O3 GOL J . 13.60 -21.83 -18.93
S DMS K . 37.78 -23.07 -9.72
O DMS K . 36.92 -23.30 -8.55
C1 DMS K . 38.43 -21.43 -9.56
C2 DMS K . 36.68 -22.79 -11.09
C TRS L . 38.07 -18.00 -19.39
C1 TRS L . 38.65 -16.78 -18.68
C2 TRS L . 37.02 -18.70 -18.50
C3 TRS L . 37.46 -17.62 -20.74
N TRS L . 39.19 -18.98 -19.64
O1 TRS L . 39.40 -15.95 -19.56
O2 TRS L . 36.61 -19.95 -19.05
O3 TRS L . 38.45 -17.37 -21.73
C1 GOL M . 24.02 28.06 -26.31
O1 GOL M . 24.41 28.17 -27.67
C2 GOL M . 24.15 26.65 -25.82
O2 GOL M . 25.09 25.95 -26.65
C3 GOL M . 22.82 25.92 -25.82
O3 GOL M . 23.00 24.56 -25.43
CL CL N . -33.99 -24.10 -24.70
N1 Q88 O . -19.76 -14.36 -11.16
C2 Q88 O . -19.58 -14.91 -9.95
N3 Q88 O . -20.25 -15.90 -9.37
C4 Q88 O . -21.24 -16.36 -10.17
C5 Q88 O . -21.55 -15.88 -11.44
C6 Q88 O . -20.77 -14.83 -11.94
N6 Q88 O . -20.98 -14.25 -13.13
N7 Q88 O . -22.59 -16.61 -12.00
C8 Q88 O . -22.87 -17.52 -11.06
N8 Q88 O . -23.79 -18.49 -11.19
N9 Q88 O . -22.08 -17.41 -9.94
C1 GOL P . -35.91 -2.05 3.62
O1 GOL P . -35.30 -1.08 2.83
C2 GOL P . -37.25 -1.52 4.06
O2 GOL P . -38.28 -1.95 3.16
C3 GOL P . -37.45 -2.07 5.45
O3 GOL P . -36.82 -1.20 6.37
C1 GOL Q . -17.02 4.05 -2.08
O1 GOL Q . -16.08 3.44 -2.96
C2 GOL Q . -18.31 4.35 -2.79
O2 GOL Q . -19.34 4.62 -1.82
C3 GOL Q . -18.20 5.53 -3.73
O3 GOL Q . -19.48 5.89 -4.27
C1 GOL R . -23.62 -20.94 -5.21
O1 GOL R . -24.84 -21.57 -5.57
C2 GOL R . -22.59 -21.07 -6.30
O2 GOL R . -21.28 -20.84 -5.77
C3 GOL R . -22.83 -20.13 -7.47
O3 GOL R . -23.66 -20.75 -8.45
C1 GOL S . -18.39 -46.06 -3.86
O1 GOL S . -19.70 -46.37 -4.36
C2 GOL S . -17.75 -44.94 -4.63
O2 GOL S . -17.42 -45.36 -5.97
C3 GOL S . -16.51 -44.39 -3.96
O3 GOL S . -16.88 -43.50 -2.90
C1 GOL T . -46.00 -32.72 -10.38
O1 GOL T . -45.89 -33.09 -11.75
C2 GOL T . -46.19 -31.22 -10.18
O2 GOL T . -46.25 -30.91 -8.77
C3 GOL T . -45.08 -30.42 -10.83
O3 GOL T . -45.05 -29.09 -10.31
C1 GOL U . -26.13 -10.39 9.27
O1 GOL U . -26.08 -9.90 7.94
C2 GOL U . -27.04 -9.55 10.13
O2 GOL U . -28.41 -9.82 9.79
C3 GOL U . -26.81 -9.83 11.59
O3 GOL U . -25.67 -9.14 12.08
C1 GOL V . -20.87 -18.79 -19.96
O1 GOL V . -21.12 -17.94 -18.83
C2 GOL V . -19.44 -18.67 -20.44
O2 GOL V . -19.25 -19.55 -21.55
C3 GOL V . -18.46 -19.01 -19.35
O3 GOL V . -17.14 -19.09 -19.87
S DMS W . -23.12 -33.84 0.04
O DMS W . -23.83 -33.85 1.37
C1 DMS W . -22.13 -32.36 0.10
C2 DMS W . -24.25 -33.39 -1.25
C1 GOL X . -34.65 17.63 -17.47
O1 GOL X . -33.62 18.13 -18.33
C2 GOL X . -34.14 16.50 -16.62
O2 GOL X . -33.14 15.77 -17.33
C3 GOL X . -35.30 15.57 -16.31
O3 GOL X . -34.85 14.24 -16.07
CL CL Y . -11.80 45.59 16.08
N1 Q88 Z . -12.00 25.15 23.04
C2 Q88 Z . -11.12 24.73 23.95
N3 Q88 Z . -10.04 25.37 24.43
C4 Q88 Z . -9.93 26.59 23.89
C5 Q88 Z . -10.77 27.16 22.95
C6 Q88 Z . -11.86 26.38 22.51
N6 Q88 Z . -12.68 26.76 21.53
N7 Q88 Z . -10.35 28.45 22.63
C8 Q88 Z . -9.28 28.63 23.41
N8 Q88 Z . -8.62 29.79 23.51
N9 Q88 Z . -8.97 27.55 24.18
C1 GOL AA . -11.17 6.37 15.54
O1 GOL AA . -9.79 6.63 15.80
C2 GOL AA . -11.80 5.58 16.65
O2 GOL AA . -11.95 6.39 17.83
C3 GOL AA . -13.14 4.99 16.27
O3 GOL AA . -13.99 5.93 15.62
C1 GOL BA . 9.01 47.99 17.48
O1 GOL BA . 8.60 46.65 17.21
C2 GOL BA . 8.03 48.71 18.37
O2 GOL BA . 6.70 48.62 17.83
C3 GOL BA . 8.44 50.16 18.50
O3 GOL BA . 7.40 50.97 19.06
C1 GOL CA . 7.74 16.55 7.52
O1 GOL CA . 6.98 16.28 6.35
C2 GOL CA . 7.64 15.42 8.52
O2 GOL CA . 8.02 14.17 7.93
C3 GOL CA . 6.27 15.32 9.14
O3 GOL CA . 5.27 14.94 8.21
C1 GOL DA . 12.73 23.06 37.78
O1 GOL DA . 11.38 23.03 37.32
C2 GOL DA . 12.79 23.11 39.29
O2 GOL DA . 12.34 21.86 39.84
C3 GOL DA . 14.18 23.43 39.79
O3 GOL DA . 14.14 24.41 40.81
S DMS EA . 2.72 34.12 37.78
O DMS EA . 4.19 33.95 37.95
C1 DMS EA . 2.06 32.47 37.78
C2 DMS EA . 2.41 34.58 36.09
C TRS FA . -5.90 36.05 32.19
C1 TRS FA . -5.71 34.56 31.88
C2 TRS FA . -7.28 36.56 31.76
C3 TRS FA . -4.80 36.90 31.55
N TRS FA . -5.80 36.23 33.69
O1 TRS FA . -6.89 33.95 31.34
O2 TRS FA . -7.49 36.43 30.36
O3 TRS FA . -3.51 36.61 32.07
C1 GOL GA . -13.80 13.61 -9.15
O1 GOL GA . -12.74 13.68 -8.21
C2 GOL GA . -14.25 12.19 -9.36
O2 GOL GA . -15.55 12.01 -8.80
C3 GOL GA . -14.29 11.84 -10.83
O3 GOL GA . -12.98 11.80 -11.39
#